data_7C21
# 
_entry.id   7C21 
# 
_audit_conform.dict_name       mmcif_pdbx.dic 
_audit_conform.dict_version    5.380 
_audit_conform.dict_location   http://mmcif.pdb.org/dictionaries/ascii/mmcif_pdbx.dic 
# 
loop_
_database_2.database_id 
_database_2.database_code 
_database_2.pdbx_database_accession 
_database_2.pdbx_DOI 
PDB   7C21         pdb_00007c21 10.2210/pdb7c21/pdb 
WWPDB D_1300016821 ?            ?                   
# 
_pdbx_database_status.status_code                     REL 
_pdbx_database_status.status_code_sf                  REL 
_pdbx_database_status.status_code_mr                  ? 
_pdbx_database_status.entry_id                        7C21 
_pdbx_database_status.recvd_initial_deposition_date   2020-05-06 
_pdbx_database_status.SG_entry                        N 
_pdbx_database_status.deposit_site                    PDBJ 
_pdbx_database_status.process_site                    PDBJ 
_pdbx_database_status.status_code_cs                  ? 
_pdbx_database_status.status_code_nmr_data            ? 
_pdbx_database_status.methods_development_category    ? 
_pdbx_database_status.pdb_format_compatible           Y 
# 
loop_
_audit_author.name 
_audit_author.pdbx_ordinal 
_audit_author.identifier_ORCID 
'Sugiyama, A.' 1 0000-0001-5211-5297 
'Jiang, X.'    2 ?                   
'Maenaka, K.'  3 0000-0002-5459-521X 
'Yao, M.'      4 0000-0003-1687-5904 
'Ose, T.'      5 0000-0002-2001-9388 
# 
_citation.abstract                  ? 
_citation.abstract_id_CAS           ? 
_citation.book_id_ISBN              ? 
_citation.book_publisher            ? 
_citation.book_publisher_city       ? 
_citation.book_title                ? 
_citation.coordinate_linkage        ? 
_citation.country                   US 
_citation.database_id_Medline       ? 
_citation.details                   ? 
_citation.id                        primary 
_citation.journal_abbrev            Biochem.Biophys.Res.Commun. 
_citation.journal_id_ASTM           BBRCA9 
_citation.journal_id_CSD            0146 
_citation.journal_id_ISSN           1090-2104 
_citation.journal_full              ? 
_citation.journal_issue             ? 
_citation.journal_volume            529 
_citation.language                  ? 
_citation.page_first                507 
_citation.page_last                 512 
_citation.title                     
'Structural comparison of the C-terminal domain of functionally divergent lyssavirus P proteins.' 
_citation.year                      2020 
_citation.database_id_CSD           ? 
_citation.pdbx_database_id_DOI      10.1016/j.bbrc.2020.05.195 
_citation.pdbx_database_id_PubMed   32703459 
_citation.unpublished_flag          ? 
# 
loop_
_citation_author.citation_id 
_citation_author.name 
_citation_author.ordinal 
_citation_author.identifier_ORCID 
primary 'Sugiyama, A.'  1  ? 
primary 'Nomai, T.'     2  ? 
primary 'Jiang, X.'     3  ? 
primary 'Minami, M.'    4  ? 
primary 'Yao, M.'       5  ? 
primary 'Maenaka, K.'   6  ? 
primary 'Ito, N.'       7  ? 
primary 'Gooley, P.R.'  8  ? 
primary 'Moseley, G.W.' 9  ? 
primary 'Ose, T.'       10 ? 
# 
_cell.angle_alpha                  90.00 
_cell.angle_alpha_esd              ? 
_cell.angle_beta                   99.75 
_cell.angle_beta_esd               ? 
_cell.angle_gamma                  90.00 
_cell.angle_gamma_esd              ? 
_cell.entry_id                     7C21 
_cell.details                      ? 
_cell.formula_units_Z              ? 
_cell.length_a                     95.190 
_cell.length_a_esd                 ? 
_cell.length_b                     49.520 
_cell.length_b_esd                 ? 
_cell.length_c                     25.280 
_cell.length_c_esd                 ? 
_cell.volume                       ? 
_cell.volume_esd                   ? 
_cell.Z_PDB                        4 
_cell.reciprocal_angle_alpha       ? 
_cell.reciprocal_angle_beta        ? 
_cell.reciprocal_angle_gamma       ? 
_cell.reciprocal_angle_alpha_esd   ? 
_cell.reciprocal_angle_beta_esd    ? 
_cell.reciprocal_angle_gamma_esd   ? 
_cell.reciprocal_length_a          ? 
_cell.reciprocal_length_b          ? 
_cell.reciprocal_length_c          ? 
_cell.reciprocal_length_a_esd      ? 
_cell.reciprocal_length_b_esd      ? 
_cell.reciprocal_length_c_esd      ? 
_cell.pdbx_unique_axis             ? 
# 
_symmetry.entry_id                         7C21 
_symmetry.cell_setting                     ? 
_symmetry.Int_Tables_number                5 
_symmetry.space_group_name_Hall            ? 
_symmetry.space_group_name_H-M             'C 1 2 1' 
_symmetry.pdbx_full_space_group_name_H-M   ? 
# 
loop_
_entity.id 
_entity.type 
_entity.src_method 
_entity.pdbx_description 
_entity.formula_weight 
_entity.pdbx_number_of_molecules 
_entity.pdbx_ec 
_entity.pdbx_mutation 
_entity.pdbx_fragment 
_entity.details 
1 polymer man Phosphoprotein 12870.816 1  ? ? ? ? 
2 water   nat water          18.015    52 ? ? ? ? 
# 
_entity_name_com.entity_id   1 
_entity_name_com.name        'Protein P,Protein M1' 
# 
_entity_poly.entity_id                      1 
_entity_poly.type                           'polypeptide(L)' 
_entity_poly.nstd_linkage                   no 
_entity_poly.nstd_monomer                   no 
_entity_poly.pdbx_seq_one_letter_code       
;WTASNEADDESVEAEIAHQIAESFSKKYKFPSRSSGIFLWNFEQLKMNLDEIVREVKEIPGVIKMAKDGMKLPLRCMLGG
VASTHSRRFQILVNPEKLGKVMQEDLDKYLTY
;
_entity_poly.pdbx_seq_one_letter_code_can   
;WTASNEADDESVEAEIAHQIAESFSKKYKFPSRSSGIFLWNFEQLKMNLDEIVREVKEIPGVIKMAKDGMKLPLRCMLGG
VASTHSRRFQILVNPEKLGKVMQEDLDKYLTY
;
_entity_poly.pdbx_strand_id                 A 
_entity_poly.pdbx_target_identifier         ? 
# 
loop_
_entity_poly_seq.entity_id 
_entity_poly_seq.num 
_entity_poly_seq.mon_id 
_entity_poly_seq.hetero 
1 1   TRP n 
1 2   THR n 
1 3   ALA n 
1 4   SER n 
1 5   ASN n 
1 6   GLU n 
1 7   ALA n 
1 8   ASP n 
1 9   ASP n 
1 10  GLU n 
1 11  SER n 
1 12  VAL n 
1 13  GLU n 
1 14  ALA n 
1 15  GLU n 
1 16  ILE n 
1 17  ALA n 
1 18  HIS n 
1 19  GLN n 
1 20  ILE n 
1 21  ALA n 
1 22  GLU n 
1 23  SER n 
1 24  PHE n 
1 25  SER n 
1 26  LYS n 
1 27  LYS n 
1 28  TYR n 
1 29  LYS n 
1 30  PHE n 
1 31  PRO n 
1 32  SER n 
1 33  ARG n 
1 34  SER n 
1 35  SER n 
1 36  GLY n 
1 37  ILE n 
1 38  PHE n 
1 39  LEU n 
1 40  TRP n 
1 41  ASN n 
1 42  PHE n 
1 43  GLU n 
1 44  GLN n 
1 45  LEU n 
1 46  LYS n 
1 47  MET n 
1 48  ASN n 
1 49  LEU n 
1 50  ASP n 
1 51  GLU n 
1 52  ILE n 
1 53  VAL n 
1 54  ARG n 
1 55  GLU n 
1 56  VAL n 
1 57  LYS n 
1 58  GLU n 
1 59  ILE n 
1 60  PRO n 
1 61  GLY n 
1 62  VAL n 
1 63  ILE n 
1 64  LYS n 
1 65  MET n 
1 66  ALA n 
1 67  LYS n 
1 68  ASP n 
1 69  GLY n 
1 70  MET n 
1 71  LYS n 
1 72  LEU n 
1 73  PRO n 
1 74  LEU n 
1 75  ARG n 
1 76  CYS n 
1 77  MET n 
1 78  LEU n 
1 79  GLY n 
1 80  GLY n 
1 81  VAL n 
1 82  ALA n 
1 83  SER n 
1 84  THR n 
1 85  HIS n 
1 86  SER n 
1 87  ARG n 
1 88  ARG n 
1 89  PHE n 
1 90  GLN n 
1 91  ILE n 
1 92  LEU n 
1 93  VAL n 
1 94  ASN n 
1 95  PRO n 
1 96  GLU n 
1 97  LYS n 
1 98  LEU n 
1 99  GLY n 
1 100 LYS n 
1 101 VAL n 
1 102 MET n 
1 103 GLN n 
1 104 GLU n 
1 105 ASP n 
1 106 LEU n 
1 107 ASP n 
1 108 LYS n 
1 109 TYR n 
1 110 LEU n 
1 111 THR n 
1 112 TYR n 
# 
_entity_src_gen.entity_id                          1 
_entity_src_gen.pdbx_src_id                        1 
_entity_src_gen.pdbx_alt_source_flag               sample 
_entity_src_gen.pdbx_seq_type                      'Biological sequence' 
_entity_src_gen.pdbx_beg_seq_num                   1 
_entity_src_gen.pdbx_end_seq_num                   112 
_entity_src_gen.gene_src_common_name               DUVV 
_entity_src_gen.gene_src_genus                     ? 
_entity_src_gen.pdbx_gene_src_gene                 ? 
_entity_src_gen.gene_src_species                   ? 
_entity_src_gen.gene_src_strain                    ? 
_entity_src_gen.gene_src_tissue                    ? 
_entity_src_gen.gene_src_tissue_fraction           ? 
_entity_src_gen.gene_src_details                   ? 
_entity_src_gen.pdbx_gene_src_fragment             ? 
_entity_src_gen.pdbx_gene_src_scientific_name      'Duvenhage virus' 
_entity_src_gen.pdbx_gene_src_ncbi_taxonomy_id     38767 
_entity_src_gen.pdbx_gene_src_variant              ? 
_entity_src_gen.pdbx_gene_src_cell_line            ? 
_entity_src_gen.pdbx_gene_src_atcc                 ? 
_entity_src_gen.pdbx_gene_src_organ                ? 
_entity_src_gen.pdbx_gene_src_organelle            ? 
_entity_src_gen.pdbx_gene_src_cell                 ? 
_entity_src_gen.pdbx_gene_src_cellular_location    ? 
_entity_src_gen.host_org_common_name               ? 
_entity_src_gen.pdbx_host_org_scientific_name      'Escherichia coli' 
_entity_src_gen.pdbx_host_org_ncbi_taxonomy_id     562 
_entity_src_gen.host_org_genus                     ? 
_entity_src_gen.pdbx_host_org_gene                 ? 
_entity_src_gen.pdbx_host_org_organ                ? 
_entity_src_gen.host_org_species                   ? 
_entity_src_gen.pdbx_host_org_tissue               ? 
_entity_src_gen.pdbx_host_org_tissue_fraction      ? 
_entity_src_gen.pdbx_host_org_strain               ? 
_entity_src_gen.pdbx_host_org_variant              ? 
_entity_src_gen.pdbx_host_org_cell_line            ? 
_entity_src_gen.pdbx_host_org_atcc                 ? 
_entity_src_gen.pdbx_host_org_culture_collection   ? 
_entity_src_gen.pdbx_host_org_cell                 ? 
_entity_src_gen.pdbx_host_org_organelle            ? 
_entity_src_gen.pdbx_host_org_cellular_location    ? 
_entity_src_gen.pdbx_host_org_vector_type          ? 
_entity_src_gen.pdbx_host_org_vector               ? 
_entity_src_gen.host_org_details                   ? 
_entity_src_gen.expression_system_id               ? 
_entity_src_gen.plasmid_name                       ? 
_entity_src_gen.plasmid_details                    ? 
_entity_src_gen.pdbx_description                   ? 
# 
_struct_ref.id                         1 
_struct_ref.db_name                    UNP 
_struct_ref.db_code                    D2CRL7_DUVV 
_struct_ref.pdbx_db_accession          D2CRL7 
_struct_ref.pdbx_db_isoform            ? 
_struct_ref.entity_id                  1 
_struct_ref.pdbx_seq_one_letter_code   
;WTASNEADDESVEAEIAHQIAESFSKKYKFPSRSSGIFLWNFEQLKMNLDEIVREVKEIPGVIKMAKDGMKLPLRCMLGG
VASTHSRRFQILVNPEKLGKVMQEDLDKYLTY
;
_struct_ref.pdbx_align_begin           187 
# 
_struct_ref_seq.align_id                      1 
_struct_ref_seq.ref_id                        1 
_struct_ref_seq.pdbx_PDB_id_code              7C21 
_struct_ref_seq.pdbx_strand_id                A 
_struct_ref_seq.seq_align_beg                 1 
_struct_ref_seq.pdbx_seq_align_beg_ins_code   ? 
_struct_ref_seq.seq_align_end                 112 
_struct_ref_seq.pdbx_seq_align_end_ins_code   ? 
_struct_ref_seq.pdbx_db_accession             D2CRL7 
_struct_ref_seq.db_align_beg                  187 
_struct_ref_seq.pdbx_db_align_beg_ins_code    ? 
_struct_ref_seq.db_align_end                  298 
_struct_ref_seq.pdbx_db_align_end_ins_code    ? 
_struct_ref_seq.pdbx_auth_seq_align_beg       187 
_struct_ref_seq.pdbx_auth_seq_align_end       298 
# 
loop_
_chem_comp.id 
_chem_comp.type 
_chem_comp.mon_nstd_flag 
_chem_comp.name 
_chem_comp.pdbx_synonyms 
_chem_comp.formula 
_chem_comp.formula_weight 
ALA 'L-peptide linking' y ALANINE         ? 'C3 H7 N O2'     89.093  
ARG 'L-peptide linking' y ARGININE        ? 'C6 H15 N4 O2 1' 175.209 
ASN 'L-peptide linking' y ASPARAGINE      ? 'C4 H8 N2 O3'    132.118 
ASP 'L-peptide linking' y 'ASPARTIC ACID' ? 'C4 H7 N O4'     133.103 
CYS 'L-peptide linking' y CYSTEINE        ? 'C3 H7 N O2 S'   121.158 
GLN 'L-peptide linking' y GLUTAMINE       ? 'C5 H10 N2 O3'   146.144 
GLU 'L-peptide linking' y 'GLUTAMIC ACID' ? 'C5 H9 N O4'     147.129 
GLY 'peptide linking'   y GLYCINE         ? 'C2 H5 N O2'     75.067  
HIS 'L-peptide linking' y HISTIDINE       ? 'C6 H10 N3 O2 1' 156.162 
HOH non-polymer         . WATER           ? 'H2 O'           18.015  
ILE 'L-peptide linking' y ISOLEUCINE      ? 'C6 H13 N O2'    131.173 
LEU 'L-peptide linking' y LEUCINE         ? 'C6 H13 N O2'    131.173 
LYS 'L-peptide linking' y LYSINE          ? 'C6 H15 N2 O2 1' 147.195 
MET 'L-peptide linking' y METHIONINE      ? 'C5 H11 N O2 S'  149.211 
PHE 'L-peptide linking' y PHENYLALANINE   ? 'C9 H11 N O2'    165.189 
PRO 'L-peptide linking' y PROLINE         ? 'C5 H9 N O2'     115.130 
SER 'L-peptide linking' y SERINE          ? 'C3 H7 N O3'     105.093 
THR 'L-peptide linking' y THREONINE       ? 'C4 H9 N O3'     119.119 
TRP 'L-peptide linking' y TRYPTOPHAN      ? 'C11 H12 N2 O2'  204.225 
TYR 'L-peptide linking' y TYROSINE        ? 'C9 H11 N O3'    181.189 
VAL 'L-peptide linking' y VALINE          ? 'C5 H11 N O2'    117.146 
# 
_exptl.absorpt_coefficient_mu     ? 
_exptl.absorpt_correction_T_max   ? 
_exptl.absorpt_correction_T_min   ? 
_exptl.absorpt_correction_type    ? 
_exptl.absorpt_process_details    ? 
_exptl.entry_id                   7C21 
_exptl.crystals_number            1 
_exptl.details                    ? 
_exptl.method                     'X-RAY DIFFRACTION' 
_exptl.method_details             ? 
# 
_exptl_crystal.colour                      ? 
_exptl_crystal.density_diffrn              ? 
_exptl_crystal.density_Matthews            2.42 
_exptl_crystal.density_method              ? 
_exptl_crystal.density_percent_sol         49.11 
_exptl_crystal.description                 ? 
_exptl_crystal.F_000                       ? 
_exptl_crystal.id                          1 
_exptl_crystal.preparation                 ? 
_exptl_crystal.size_max                    ? 
_exptl_crystal.size_mid                    ? 
_exptl_crystal.size_min                    ? 
_exptl_crystal.size_rad                    ? 
_exptl_crystal.colour_lustre               ? 
_exptl_crystal.colour_modifier             ? 
_exptl_crystal.colour_primary              ? 
_exptl_crystal.density_meas                ? 
_exptl_crystal.density_meas_esd            ? 
_exptl_crystal.density_meas_gt             ? 
_exptl_crystal.density_meas_lt             ? 
_exptl_crystal.density_meas_temp           ? 
_exptl_crystal.density_meas_temp_esd       ? 
_exptl_crystal.density_meas_temp_gt        ? 
_exptl_crystal.density_meas_temp_lt        ? 
_exptl_crystal.pdbx_crystal_image_url      ? 
_exptl_crystal.pdbx_crystal_image_format   ? 
_exptl_crystal.pdbx_mosaicity              ? 
_exptl_crystal.pdbx_mosaicity_esd          ? 
# 
_exptl_crystal_grow.apparatus       ? 
_exptl_crystal_grow.atmosphere      ? 
_exptl_crystal_grow.crystal_id      1 
_exptl_crystal_grow.details         ? 
_exptl_crystal_grow.method          'VAPOR DIFFUSION, SITTING DROP' 
_exptl_crystal_grow.method_ref      ? 
_exptl_crystal_grow.pH              ? 
_exptl_crystal_grow.pressure        ? 
_exptl_crystal_grow.pressure_esd    ? 
_exptl_crystal_grow.seeding         ? 
_exptl_crystal_grow.seeding_ref     ? 
_exptl_crystal_grow.temp            293 
_exptl_crystal_grow.temp_details    ? 
_exptl_crystal_grow.temp_esd        ? 
_exptl_crystal_grow.time            ? 
_exptl_crystal_grow.pdbx_details    '0.1 M HEPES pH7.5, 20% PEG 8000' 
_exptl_crystal_grow.pdbx_pH_range   ? 
# 
_diffrn.ambient_environment              ? 
_diffrn.ambient_temp                     100 
_diffrn.ambient_temp_details             ? 
_diffrn.ambient_temp_esd                 ? 
_diffrn.crystal_id                       1 
_diffrn.crystal_support                  ? 
_diffrn.crystal_treatment                ? 
_diffrn.details                          ? 
_diffrn.id                               1 
_diffrn.ambient_pressure                 ? 
_diffrn.ambient_pressure_esd             ? 
_diffrn.ambient_pressure_gt              ? 
_diffrn.ambient_pressure_lt              ? 
_diffrn.ambient_temp_gt                  ? 
_diffrn.ambient_temp_lt                  ? 
_diffrn.pdbx_serial_crystal_experiment   N 
# 
_diffrn_detector.details                      ? 
_diffrn_detector.detector                     PIXEL 
_diffrn_detector.diffrn_id                    1 
_diffrn_detector.type                         'DECTRIS PILATUS3 S 6M' 
_diffrn_detector.area_resol_mean              ? 
_diffrn_detector.dtime                        ? 
_diffrn_detector.pdbx_frames_total            ? 
_diffrn_detector.pdbx_collection_time_total   ? 
_diffrn_detector.pdbx_collection_date         2019-11-30 
_diffrn_detector.pdbx_frequency               ? 
# 
_diffrn_radiation.collimation                      ? 
_diffrn_radiation.diffrn_id                        1 
_diffrn_radiation.filter_edge                      ? 
_diffrn_radiation.inhomogeneity                    ? 
_diffrn_radiation.monochromator                    ? 
_diffrn_radiation.polarisn_norm                    ? 
_diffrn_radiation.polarisn_ratio                   ? 
_diffrn_radiation.probe                            ? 
_diffrn_radiation.type                             ? 
_diffrn_radiation.xray_symbol                      ? 
_diffrn_radiation.wavelength_id                    1 
_diffrn_radiation.pdbx_monochromatic_or_laue_m_l   M 
_diffrn_radiation.pdbx_wavelength_list             ? 
_diffrn_radiation.pdbx_wavelength                  ? 
_diffrn_radiation.pdbx_diffrn_protocol             'SINGLE WAVELENGTH' 
_diffrn_radiation.pdbx_analyzer                    ? 
_diffrn_radiation.pdbx_scattering_type             x-ray 
# 
_diffrn_radiation_wavelength.id           1 
_diffrn_radiation_wavelength.wavelength   1.0 
_diffrn_radiation_wavelength.wt           1.0 
# 
_diffrn_source.current                     ? 
_diffrn_source.details                     ? 
_diffrn_source.diffrn_id                   1 
_diffrn_source.power                       ? 
_diffrn_source.size                        ? 
_diffrn_source.source                      SYNCHROTRON 
_diffrn_source.target                      ? 
_diffrn_source.type                        'SPRING-8 BEAMLINE BL45XU' 
_diffrn_source.voltage                     ? 
_diffrn_source.take-off_angle              ? 
_diffrn_source.pdbx_wavelength_list        1.0 
_diffrn_source.pdbx_wavelength             ? 
_diffrn_source.pdbx_synchrotron_beamline   BL45XU 
_diffrn_source.pdbx_synchrotron_site       SPring-8 
# 
_reflns.B_iso_Wilson_estimate            23.57 
_reflns.entry_id                         7C21 
_reflns.data_reduction_details           ? 
_reflns.data_reduction_method            ? 
_reflns.d_resolution_high                1.95 
_reflns.d_resolution_low                 43.8 
_reflns.details                          ? 
_reflns.limit_h_max                      ? 
_reflns.limit_h_min                      ? 
_reflns.limit_k_max                      ? 
_reflns.limit_k_min                      ? 
_reflns.limit_l_max                      ? 
_reflns.limit_l_min                      ? 
_reflns.number_all                       ? 
_reflns.number_obs                       8380 
_reflns.observed_criterion               ? 
_reflns.observed_criterion_F_max         ? 
_reflns.observed_criterion_F_min         ? 
_reflns.observed_criterion_I_max         ? 
_reflns.observed_criterion_I_min         ? 
_reflns.observed_criterion_sigma_F       ? 
_reflns.observed_criterion_sigma_I       ? 
_reflns.percent_possible_obs             98.0 
_reflns.R_free_details                   ? 
_reflns.Rmerge_F_all                     ? 
_reflns.Rmerge_F_obs                     ? 
_reflns.Friedel_coverage                 ? 
_reflns.number_gt                        ? 
_reflns.threshold_expression             ? 
_reflns.pdbx_redundancy                  8.6 
_reflns.pdbx_Rmerge_I_obs                ? 
_reflns.pdbx_Rmerge_I_all                ? 
_reflns.pdbx_Rsym_value                  ? 
_reflns.pdbx_netI_over_av_sigmaI         ? 
_reflns.pdbx_netI_over_sigmaI            7.53 
_reflns.pdbx_res_netI_over_av_sigmaI_2   ? 
_reflns.pdbx_res_netI_over_sigmaI_2      ? 
_reflns.pdbx_chi_squared                 ? 
_reflns.pdbx_scaling_rejects             ? 
_reflns.pdbx_d_res_high_opt              ? 
_reflns.pdbx_d_res_low_opt               ? 
_reflns.pdbx_d_res_opt_method            ? 
_reflns.phase_calculation_details        ? 
_reflns.pdbx_Rrim_I_all                  0.216 
_reflns.pdbx_Rpim_I_all                  ? 
_reflns.pdbx_d_opt                       ? 
_reflns.pdbx_number_measured_all         ? 
_reflns.pdbx_diffrn_id                   1 
_reflns.pdbx_ordinal                     1 
_reflns.pdbx_CC_half                     0.99 
_reflns.pdbx_CC_star                     ? 
_reflns.pdbx_R_split                     ? 
# 
_reflns_shell.d_res_high                  1.95 
_reflns_shell.d_res_low                   2.07 
_reflns_shell.meanI_over_sigI_all         ? 
_reflns_shell.meanI_over_sigI_obs         1.56 
_reflns_shell.number_measured_all         ? 
_reflns_shell.number_measured_obs         ? 
_reflns_shell.number_possible             ? 
_reflns_shell.number_unique_all           ? 
_reflns_shell.number_unique_obs           1361 
_reflns_shell.percent_possible_all        97.4 
_reflns_shell.percent_possible_obs        ? 
_reflns_shell.Rmerge_F_all                ? 
_reflns_shell.Rmerge_F_obs                ? 
_reflns_shell.Rmerge_I_all                ? 
_reflns_shell.Rmerge_I_obs                ? 
_reflns_shell.meanI_over_sigI_gt          ? 
_reflns_shell.meanI_over_uI_all           ? 
_reflns_shell.meanI_over_uI_gt            ? 
_reflns_shell.number_measured_gt          ? 
_reflns_shell.number_unique_gt            ? 
_reflns_shell.percent_possible_gt         ? 
_reflns_shell.Rmerge_F_gt                 ? 
_reflns_shell.Rmerge_I_gt                 ? 
_reflns_shell.pdbx_redundancy             8.6 
_reflns_shell.pdbx_Rsym_value             ? 
_reflns_shell.pdbx_chi_squared            ? 
_reflns_shell.pdbx_netI_over_sigmaI_all   ? 
_reflns_shell.pdbx_netI_over_sigmaI_obs   ? 
_reflns_shell.pdbx_Rrim_I_all             1.385 
_reflns_shell.pdbx_Rpim_I_all             ? 
_reflns_shell.pdbx_rejects                ? 
_reflns_shell.pdbx_ordinal                1 
_reflns_shell.pdbx_diffrn_id              1 
_reflns_shell.pdbx_CC_half                0.607 
_reflns_shell.pdbx_CC_star                ? 
_reflns_shell.pdbx_R_split                ? 
# 
_refine.aniso_B[1][1]                            ? 
_refine.aniso_B[1][2]                            ? 
_refine.aniso_B[1][3]                            ? 
_refine.aniso_B[2][2]                            ? 
_refine.aniso_B[2][3]                            ? 
_refine.aniso_B[3][3]                            ? 
_refine.B_iso_max                                ? 
_refine.B_iso_mean                               ? 
_refine.B_iso_min                                ? 
_refine.correlation_coeff_Fo_to_Fc               ? 
_refine.correlation_coeff_Fo_to_Fc_free          ? 
_refine.details                                  ? 
_refine.diff_density_max                         ? 
_refine.diff_density_max_esd                     ? 
_refine.diff_density_min                         ? 
_refine.diff_density_min_esd                     ? 
_refine.diff_density_rms                         ? 
_refine.diff_density_rms_esd                     ? 
_refine.entry_id                                 7C21 
_refine.pdbx_refine_id                           'X-RAY DIFFRACTION' 
_refine.ls_abs_structure_details                 ? 
_refine.ls_abs_structure_Flack                   ? 
_refine.ls_abs_structure_Flack_esd               ? 
_refine.ls_abs_structure_Rogers                  ? 
_refine.ls_abs_structure_Rogers_esd              ? 
_refine.ls_d_res_high                            1.950 
_refine.ls_d_res_low                             43.8 
_refine.ls_extinction_coef                       ? 
_refine.ls_extinction_coef_esd                   ? 
_refine.ls_extinction_expression                 ? 
_refine.ls_extinction_method                     ? 
_refine.ls_goodness_of_fit_all                   ? 
_refine.ls_goodness_of_fit_all_esd               ? 
_refine.ls_goodness_of_fit_obs                   ? 
_refine.ls_goodness_of_fit_obs_esd               ? 
_refine.ls_hydrogen_treatment                    ? 
_refine.ls_matrix_type                           ? 
_refine.ls_number_constraints                    ? 
_refine.ls_number_parameters                     ? 
_refine.ls_number_reflns_all                     ? 
_refine.ls_number_reflns_obs                     8366 
_refine.ls_number_reflns_R_free                  585 
_refine.ls_number_reflns_R_work                  ? 
_refine.ls_number_restraints                     ? 
_refine.ls_percent_reflns_obs                    97.96 
_refine.ls_percent_reflns_R_free                 6.99 
_refine.ls_R_factor_all                          ? 
_refine.ls_R_factor_obs                          0.2027 
_refine.ls_R_factor_R_free                       0.2645 
_refine.ls_R_factor_R_free_error                 ? 
_refine.ls_R_factor_R_free_error_details         ? 
_refine.ls_R_factor_R_work                       0.1980 
_refine.ls_R_Fsqd_factor_obs                     ? 
_refine.ls_R_I_factor_obs                        ? 
_refine.ls_redundancy_reflns_all                 ? 
_refine.ls_redundancy_reflns_obs                 ? 
_refine.ls_restrained_S_all                      ? 
_refine.ls_restrained_S_obs                      ? 
_refine.ls_shift_over_esd_max                    ? 
_refine.ls_shift_over_esd_mean                   ? 
_refine.ls_structure_factor_coef                 ? 
_refine.ls_weighting_details                     ? 
_refine.ls_weighting_scheme                      ? 
_refine.ls_wR_factor_all                         ? 
_refine.ls_wR_factor_obs                         ? 
_refine.ls_wR_factor_R_free                      ? 
_refine.ls_wR_factor_R_work                      ? 
_refine.occupancy_max                            ? 
_refine.occupancy_min                            ? 
_refine.solvent_model_details                    ? 
_refine.solvent_model_param_bsol                 ? 
_refine.solvent_model_param_ksol                 ? 
_refine.pdbx_R_complete                          ? 
_refine.ls_R_factor_gt                           ? 
_refine.ls_goodness_of_fit_gt                    ? 
_refine.ls_goodness_of_fit_ref                   ? 
_refine.ls_shift_over_su_max                     ? 
_refine.ls_shift_over_su_max_lt                  ? 
_refine.ls_shift_over_su_mean                    ? 
_refine.ls_shift_over_su_mean_lt                 ? 
_refine.pdbx_ls_sigma_I                          ? 
_refine.pdbx_ls_sigma_F                          1.34 
_refine.pdbx_ls_sigma_Fsqd                       ? 
_refine.pdbx_data_cutoff_high_absF               ? 
_refine.pdbx_data_cutoff_high_rms_absF           ? 
_refine.pdbx_data_cutoff_low_absF                ? 
_refine.pdbx_isotropic_thermal_model             ? 
_refine.pdbx_ls_cross_valid_method               'FREE R-VALUE' 
_refine.pdbx_method_to_determine_struct          'MOLECULAR REPLACEMENT' 
_refine.pdbx_starting_model                      1VYI 
_refine.pdbx_stereochemistry_target_values       ? 
_refine.pdbx_R_Free_selection_details            ? 
_refine.pdbx_stereochem_target_val_spec_case     ? 
_refine.pdbx_overall_ESU_R                       ? 
_refine.pdbx_overall_ESU_R_Free                  ? 
_refine.pdbx_solvent_vdw_probe_radii             1.11 
_refine.pdbx_solvent_ion_probe_radii             ? 
_refine.pdbx_solvent_shrinkage_radii             0.90 
_refine.pdbx_real_space_R                        ? 
_refine.pdbx_density_correlation                 ? 
_refine.pdbx_pd_number_of_powder_patterns        ? 
_refine.pdbx_pd_number_of_points                 ? 
_refine.pdbx_pd_meas_number_of_points            ? 
_refine.pdbx_pd_proc_ls_prof_R_factor            ? 
_refine.pdbx_pd_proc_ls_prof_wR_factor           ? 
_refine.pdbx_pd_Marquardt_correlation_coeff      ? 
_refine.pdbx_pd_Fsqrd_R_factor                   ? 
_refine.pdbx_pd_ls_matrix_band_width             ? 
_refine.pdbx_overall_phase_error                 27.09 
_refine.pdbx_overall_SU_R_free_Cruickshank_DPI   ? 
_refine.pdbx_overall_SU_R_free_Blow_DPI          ? 
_refine.pdbx_overall_SU_R_Blow_DPI               ? 
_refine.pdbx_TLS_residual_ADP_flag               ? 
_refine.pdbx_diffrn_id                           1 
_refine.overall_SU_B                             ? 
_refine.overall_SU_ML                            0.26 
_refine.overall_SU_R_Cruickshank_DPI             ? 
_refine.overall_SU_R_free                        ? 
_refine.overall_FOM_free_R_set                   ? 
_refine.overall_FOM_work_R_set                   ? 
_refine.pdbx_average_fsc_overall                 ? 
_refine.pdbx_average_fsc_work                    ? 
_refine.pdbx_average_fsc_free                    ? 
# 
_refine_hist.pdbx_refine_id                   'X-RAY DIFFRACTION' 
_refine_hist.cycle_id                         LAST 
_refine_hist.details                          ? 
_refine_hist.d_res_high                       1.950 
_refine_hist.d_res_low                        43.8 
_refine_hist.number_atoms_solvent             52 
_refine_hist.number_atoms_total               892 
_refine_hist.number_reflns_all                ? 
_refine_hist.number_reflns_obs                ? 
_refine_hist.number_reflns_R_free             ? 
_refine_hist.number_reflns_R_work             ? 
_refine_hist.R_factor_all                     ? 
_refine_hist.R_factor_obs                     ? 
_refine_hist.R_factor_R_free                  ? 
_refine_hist.R_factor_R_work                  ? 
_refine_hist.pdbx_number_residues_total       ? 
_refine_hist.pdbx_B_iso_mean_ligand           ? 
_refine_hist.pdbx_B_iso_mean_solvent          ? 
_refine_hist.pdbx_number_atoms_protein        840 
_refine_hist.pdbx_number_atoms_nucleic_acid   0 
_refine_hist.pdbx_number_atoms_ligand         0 
_refine_hist.pdbx_number_atoms_lipid          ? 
_refine_hist.pdbx_number_atoms_carb           ? 
_refine_hist.pdbx_pseudo_atom_details         ? 
# 
loop_
_refine_ls_restr.pdbx_refine_id 
_refine_ls_restr.criterion 
_refine_ls_restr.dev_ideal 
_refine_ls_restr.dev_ideal_target 
_refine_ls_restr.number 
_refine_ls_restr.rejects 
_refine_ls_restr.type 
_refine_ls_restr.weight 
_refine_ls_restr.pdbx_restraint_function 
'X-RAY DIFFRACTION' ? 0.007 ? 854  ? f_bond_d           ? ? 
'X-RAY DIFFRACTION' ? 0.830 ? 1143 ? f_angle_d          ? ? 
'X-RAY DIFFRACTION' ? 2.895 ? 532  ? f_dihedral_angle_d ? ? 
'X-RAY DIFFRACTION' ? 0.043 ? 125  ? f_chiral_restr     ? ? 
'X-RAY DIFFRACTION' ? 0.005 ? 146  ? f_plane_restr      ? ? 
# 
loop_
_refine_ls_shell.pdbx_refine_id 
_refine_ls_shell.d_res_high 
_refine_ls_shell.d_res_low 
_refine_ls_shell.number_reflns_all 
_refine_ls_shell.number_reflns_obs 
_refine_ls_shell.number_reflns_R_free 
_refine_ls_shell.number_reflns_R_work 
_refine_ls_shell.percent_reflns_obs 
_refine_ls_shell.percent_reflns_R_free 
_refine_ls_shell.R_factor_all 
_refine_ls_shell.R_factor_obs 
_refine_ls_shell.R_factor_R_free 
_refine_ls_shell.R_factor_R_free_error 
_refine_ls_shell.R_factor_R_work 
_refine_ls_shell.redundancy_reflns_all 
_refine_ls_shell.redundancy_reflns_obs 
_refine_ls_shell.wR_factor_all 
_refine_ls_shell.wR_factor_obs 
_refine_ls_shell.wR_factor_R_free 
_refine_ls_shell.wR_factor_R_work 
_refine_ls_shell.pdbx_R_complete 
_refine_ls_shell.pdbx_total_number_of_bins_used 
_refine_ls_shell.pdbx_phase_error 
_refine_ls_shell.pdbx_fsc_work 
_refine_ls_shell.pdbx_fsc_free 
'X-RAY DIFFRACTION' 1.9500 2.1462 . . 146 1914 97.00 . . . 0.3007 . 0.2150 . . . . . . . . . . . 
'X-RAY DIFFRACTION' 2.1462 2.4568 . . 134 1941 98.00 . . . 0.2747 . 0.2066 . . . . . . . . . . . 
'X-RAY DIFFRACTION' 2.4568 3.0952 . . 143 1970 99.00 . . . 0.2789 . 0.2045 . . . . . . . . . . . 
'X-RAY DIFFRACTION' 3.0952 43.8   . . 162 1956 98.00 . . . 0.2470 . 0.1876 . . . . . . . . . . . 
# 
_struct.entry_id                     7C21 
_struct.title                        'Crystal structure of Duvenhage virus phosphoprotein C-terminal domain' 
_struct.pdbx_model_details           ? 
_struct.pdbx_formula_weight          ? 
_struct.pdbx_formula_weight_method   ? 
_struct.pdbx_model_type_details      ? 
_struct.pdbx_CASP_flag               N 
# 
_struct_keywords.entry_id        7C21 
_struct_keywords.text            'phosphoprotein, VIRAL PROTEIN' 
_struct_keywords.pdbx_keywords   'VIRAL PROTEIN' 
# 
loop_
_struct_asym.id 
_struct_asym.pdbx_blank_PDB_chainid_flag 
_struct_asym.pdbx_modified 
_struct_asym.entity_id 
_struct_asym.details 
A N N 1 ? 
B N N 2 ? 
# 
loop_
_struct_conf.conf_type_id 
_struct_conf.id 
_struct_conf.pdbx_PDB_helix_id 
_struct_conf.beg_label_comp_id 
_struct_conf.beg_label_asym_id 
_struct_conf.beg_label_seq_id 
_struct_conf.pdbx_beg_PDB_ins_code 
_struct_conf.end_label_comp_id 
_struct_conf.end_label_asym_id 
_struct_conf.end_label_seq_id 
_struct_conf.pdbx_end_PDB_ins_code 
_struct_conf.beg_auth_comp_id 
_struct_conf.beg_auth_asym_id 
_struct_conf.beg_auth_seq_id 
_struct_conf.end_auth_comp_id 
_struct_conf.end_auth_asym_id 
_struct_conf.end_auth_seq_id 
_struct_conf.pdbx_PDB_helix_class 
_struct_conf.details 
_struct_conf.pdbx_PDB_helix_length 
HELX_P HELX_P1 AA1 ALA A 7  ? SER A 23  ? ALA A 193 SER A 209 1 ? 17 
HELX_P HELX_P2 AA2 ASN A 41 ? LYS A 46  ? ASN A 227 LYS A 232 5 ? 6  
HELX_P HELX_P3 AA3 ASN A 48 ? LYS A 57  ? ASN A 234 LYS A 243 1 ? 10 
HELX_P HELX_P4 AA4 GLY A 61 ? ASP A 68  ? GLY A 247 ASP A 254 1 ? 8  
HELX_P HELX_P5 AA5 PRO A 73 ? SER A 86  ? PRO A 259 SER A 272 1 ? 14 
HELX_P HELX_P6 AA6 SER A 86 ? VAL A 93  ? SER A 272 VAL A 279 1 ? 8  
HELX_P HELX_P7 AA7 ASN A 94 ? LEU A 110 ? ASN A 280 LEU A 296 1 ? 17 
# 
_struct_conf_type.id          HELX_P 
_struct_conf_type.criteria    ? 
_struct_conf_type.reference   ? 
# 
_struct_sheet.id               AA1 
_struct_sheet.type             ? 
_struct_sheet.number_strands   2 
_struct_sheet.details          ? 
# 
_struct_sheet_order.sheet_id     AA1 
_struct_sheet_order.range_id_1   1 
_struct_sheet_order.range_id_2   2 
_struct_sheet_order.offset       ? 
_struct_sheet_order.sense        anti-parallel 
# 
loop_
_struct_sheet_range.sheet_id 
_struct_sheet_range.id 
_struct_sheet_range.beg_label_comp_id 
_struct_sheet_range.beg_label_asym_id 
_struct_sheet_range.beg_label_seq_id 
_struct_sheet_range.pdbx_beg_PDB_ins_code 
_struct_sheet_range.end_label_comp_id 
_struct_sheet_range.end_label_asym_id 
_struct_sheet_range.end_label_seq_id 
_struct_sheet_range.pdbx_end_PDB_ins_code 
_struct_sheet_range.beg_auth_comp_id 
_struct_sheet_range.beg_auth_asym_id 
_struct_sheet_range.beg_auth_seq_id 
_struct_sheet_range.end_auth_comp_id 
_struct_sheet_range.end_auth_asym_id 
_struct_sheet_range.end_auth_seq_id 
AA1 1 TYR A 28 ? PRO A 31 ? TYR A 214 PRO A 217 
AA1 2 ILE A 37 ? TRP A 40 ? ILE A 223 TRP A 226 
# 
_pdbx_struct_sheet_hbond.sheet_id                AA1 
_pdbx_struct_sheet_hbond.range_id_1              1 
_pdbx_struct_sheet_hbond.range_id_2              2 
_pdbx_struct_sheet_hbond.range_1_label_atom_id   N 
_pdbx_struct_sheet_hbond.range_1_label_comp_id   TYR 
_pdbx_struct_sheet_hbond.range_1_label_asym_id   A 
_pdbx_struct_sheet_hbond.range_1_label_seq_id    28 
_pdbx_struct_sheet_hbond.range_1_PDB_ins_code    ? 
_pdbx_struct_sheet_hbond.range_1_auth_atom_id    N 
_pdbx_struct_sheet_hbond.range_1_auth_comp_id    TYR 
_pdbx_struct_sheet_hbond.range_1_auth_asym_id    A 
_pdbx_struct_sheet_hbond.range_1_auth_seq_id     214 
_pdbx_struct_sheet_hbond.range_2_label_atom_id   O 
_pdbx_struct_sheet_hbond.range_2_label_comp_id   TRP 
_pdbx_struct_sheet_hbond.range_2_label_asym_id   A 
_pdbx_struct_sheet_hbond.range_2_label_seq_id    40 
_pdbx_struct_sheet_hbond.range_2_PDB_ins_code    ? 
_pdbx_struct_sheet_hbond.range_2_auth_atom_id    O 
_pdbx_struct_sheet_hbond.range_2_auth_comp_id    TRP 
_pdbx_struct_sheet_hbond.range_2_auth_asym_id    A 
_pdbx_struct_sheet_hbond.range_2_auth_seq_id     226 
# 
_atom_sites.entry_id                    7C21 
_atom_sites.Cartn_transf_matrix[1][1]   ? 
_atom_sites.Cartn_transf_matrix[1][2]   ? 
_atom_sites.Cartn_transf_matrix[1][3]   ? 
_atom_sites.Cartn_transf_matrix[2][1]   ? 
_atom_sites.Cartn_transf_matrix[2][2]   ? 
_atom_sites.Cartn_transf_matrix[2][3]   ? 
_atom_sites.Cartn_transf_matrix[3][1]   ? 
_atom_sites.Cartn_transf_matrix[3][2]   ? 
_atom_sites.Cartn_transf_matrix[3][3]   ? 
_atom_sites.Cartn_transf_vector[1]      ? 
_atom_sites.Cartn_transf_vector[2]      ? 
_atom_sites.Cartn_transf_vector[3]      ? 
_atom_sites.fract_transf_matrix[1][1]   0.01019211 
_atom_sites.fract_transf_matrix[1][2]   -0.00019161 
_atom_sites.fract_transf_matrix[1][3]   0.00311404 
_atom_sites.fract_transf_matrix[2][1]   -0.00283771 
_atom_sites.fract_transf_matrix[2][2]   -0.01825054 
_atom_sites.fract_transf_matrix[2][3]   0.00816472 
_atom_sites.fract_transf_matrix[3][1]   0.01665582 
_atom_sites.fract_transf_matrix[3][2]   -0.01703886 
_atom_sites.fract_transf_matrix[3][3]   -0.03229798 
_atom_sites.fract_transf_vector[1]      0.357558 
_atom_sites.fract_transf_vector[2]      0.790979 
_atom_sites.fract_transf_vector[3]      0.059790 
_atom_sites.solution_primary            ? 
_atom_sites.solution_secondary          ? 
_atom_sites.solution_hydrogens          ? 
_atom_sites.special_details             ? 
# 
loop_
_atom_type.symbol 
C 
N 
O 
S 
# 
loop_
_atom_site.group_PDB 
_atom_site.id 
_atom_site.type_symbol 
_atom_site.label_atom_id 
_atom_site.label_alt_id 
_atom_site.label_comp_id 
_atom_site.label_asym_id 
_atom_site.label_entity_id 
_atom_site.label_seq_id 
_atom_site.pdbx_PDB_ins_code 
_atom_site.Cartn_x 
_atom_site.Cartn_y 
_atom_site.Cartn_z 
_atom_site.occupancy 
_atom_site.B_iso_or_equiv 
_atom_site.pdbx_formal_charge 
_atom_site.auth_seq_id 
_atom_site.auth_comp_id 
_atom_site.auth_asym_id 
_atom_site.auth_atom_id 
_atom_site.pdbx_PDB_model_num 
ATOM   1   N N   . ALA A 1 7   ? 0.775   24.377  2.089   1.00 61.38 ? 193 ALA A N   1 
ATOM   2   C CA  . ALA A 1 7   ? 0.796   23.953  0.691   1.00 59.10 ? 193 ALA A CA  1 
ATOM   3   C C   . ALA A 1 7   ? 1.482   22.598  0.543   1.00 59.78 ? 193 ALA A C   1 
ATOM   4   O O   . ALA A 1 7   ? 1.031   21.739  -0.224  1.00 50.19 ? 193 ALA A O   1 
ATOM   5   C CB  . ALA A 1 7   ? 1.492   24.996  -0.172  1.00 56.64 ? 193 ALA A CB  1 
ATOM   6   N N   . ASP A 1 8   ? 2.571   22.416  1.301   1.00 61.41 ? 194 ASP A N   1 
ATOM   7   C CA  . ASP A 1 8   ? 3.372   21.201  1.174   1.00 55.36 ? 194 ASP A CA  1 
ATOM   8   C C   . ASP A 1 8   ? 2.580   19.959  1.565   1.00 54.58 ? 194 ASP A C   1 
ATOM   9   O O   . ASP A 1 8   ? 2.714   18.908  0.926   1.00 54.61 ? 194 ASP A O   1 
ATOM   10  C CB  . ASP A 1 8   ? 4.639   21.308  2.021   1.00 59.77 ? 194 ASP A CB  1 
ATOM   11  C CG  . ASP A 1 8   ? 5.753   20.409  1.514   1.00 63.75 ? 194 ASP A CG  1 
ATOM   12  O OD1 . ASP A 1 8   ? 6.352   20.738  0.466   1.00 64.38 ? 194 ASP A OD1 1 
ATOM   13  O OD2 . ASP A 1 8   ? 6.020   19.371  2.160   1.00 59.43 ? 194 ASP A OD2 1 
ATOM   14  N N   . ASP A 1 9   ? 1.755   20.049  2.613   1.00 53.06 ? 195 ASP A N   1 
ATOM   15  C CA  . ASP A 1 9   ? 0.991   18.880  3.036   1.00 51.82 ? 195 ASP A CA  1 
ATOM   16  C C   . ASP A 1 9   ? -0.018  18.474  1.962   1.00 50.16 ? 195 ASP A C   1 
ATOM   17  O O   . ASP A 1 9   ? -0.137  17.293  1.620   1.00 47.42 ? 195 ASP A O   1 
ATOM   18  C CB  . ASP A 1 9   ? 0.287   19.152  4.362   1.00 54.16 ? 195 ASP A CB  1 
ATOM   19  C CG  . ASP A 1 9   ? -0.586  17.983  4.810   1.00 57.40 ? 195 ASP A CG  1 
ATOM   20  O OD1 . ASP A 1 9   ? -0.027  16.938  5.215   1.00 56.48 ? 195 ASP A OD1 1 
ATOM   21  O OD2 . ASP A 1 9   ? -1.831  18.115  4.773   1.00 58.39 ? 195 ASP A OD2 1 
ATOM   22  N N   . GLU A 1 10  ? -0.745  19.445  1.399   1.00 48.65 ? 196 GLU A N   1 
ATOM   23  C CA  . GLU A 1 10  ? -1.583  19.135  0.242   1.00 47.15 ? 196 GLU A CA  1 
ATOM   24  C C   . GLU A 1 10  ? -0.733  18.724  -0.947  1.00 45.11 ? 196 GLU A C   1 
ATOM   25  O O   . GLU A 1 10  ? -1.163  17.891  -1.751  1.00 42.41 ? 196 GLU A O   1 
ATOM   26  C CB  . GLU A 1 10  ? -2.468  20.330  -0.128  1.00 49.18 ? 196 GLU A CB  1 
ATOM   27  C CG  . GLU A 1 10  ? -3.922  19.945  -0.473  1.00 52.38 ? 196 GLU A CG  1 
ATOM   28  C CD  . GLU A 1 10  ? -4.057  19.147  -1.774  1.00 51.28 ? 196 GLU A CD  1 
ATOM   29  O OE1 . GLU A 1 10  ? -3.669  19.660  -2.848  1.00 55.87 ? 196 GLU A OE1 1 
ATOM   30  O OE2 . GLU A 1 10  ? -4.563  18.003  -1.721  1.00 49.99 ? 196 GLU A OE2 1 
ATOM   31  N N   . SER A 1 11  ? 0.478   19.278  -1.065  1.00 43.77 ? 197 SER A N   1 
ATOM   32  C CA  . SER A 1 11  ? 1.385   18.856  -2.128  1.00 41.72 ? 197 SER A CA  1 
ATOM   33  C C   . SER A 1 11  ? 1.739   17.377  -1.993  1.00 40.26 ? 197 SER A C   1 
ATOM   34  O O   . SER A 1 11  ? 1.765   16.646  -2.991  1.00 34.49 ? 197 SER A O   1 
ATOM   35  C CB  . SER A 1 11  ? 2.646   19.725  -2.109  1.00 47.77 ? 197 SER A CB  1 
ATOM   36  O OG  . SER A 1 11  ? 3.430   19.518  -3.267  1.00 52.50 ? 197 SER A OG  1 
ATOM   37  N N   . VAL A 1 12  ? 2.007   16.923  -0.766  1.00 37.80 ? 198 VAL A N   1 
ATOM   38  C CA  . VAL A 1 12  ? 2.353   15.524  -0.531  1.00 36.49 ? 198 VAL A CA  1 
ATOM   39  C C   . VAL A 1 12  ? 1.143   14.625  -0.746  1.00 29.41 ? 198 VAL A C   1 
ATOM   40  O O   . VAL A 1 12  ? 1.244   13.553  -1.354  1.00 28.44 ? 198 VAL A O   1 
ATOM   41  C CB  . VAL A 1 12  ? 2.922   15.346  0.888   1.00 33.49 ? 198 VAL A CB  1 
ATOM   42  C CG1 . VAL A 1 12  ? 3.083   13.869  1.224   1.00 35.38 ? 198 VAL A CG1 1 
ATOM   43  C CG2 . VAL A 1 12  ? 4.248   16.067  1.023   1.00 39.77 ? 198 VAL A CG2 1 
ATOM   44  N N   . GLU A 1 13  ? -0.015  15.030  -0.219  1.00 31.16 ? 199 GLU A N   1 
ATOM   45  C CA  . GLU A 1 13  ? -1.204  14.198  -0.355  1.00 32.14 ? 199 GLU A CA  1 
ATOM   46  C C   . GLU A 1 13  ? -1.588  14.030  -1.819  1.00 26.97 ? 199 GLU A C   1 
ATOM   47  O O   . GLU A 1 13  ? -1.971  12.932  -2.246  1.00 21.34 ? 199 GLU A O   1 
ATOM   48  C CB  . GLU A 1 13  ? -2.354  14.787  0.456   1.00 33.53 ? 199 GLU A CB  1 
ATOM   49  C CG  . GLU A 1 13  ? -2.112  14.661  1.959   1.00 43.70 ? 199 GLU A CG  1 
ATOM   50  C CD  . GLU A 1 13  ? -3.219  15.240  2.814   1.00 49.54 ? 199 GLU A CD  1 
ATOM   51  O OE1 . GLU A 1 13  ? -4.087  15.964  2.279   1.00 49.52 ? 199 GLU A OE1 1 
ATOM   52  O OE2 . GLU A 1 13  ? -3.207  14.973  4.035   1.00 48.25 ? 199 GLU A OE2 1 
ATOM   53  N N   . ALA A 1 14  ? -1.466  15.099  -2.608  1.00 25.67 ? 200 ALA A N   1 
ATOM   54  C CA  . ALA A 1 14  ? -1.800  15.004  -4.024  1.00 27.98 ? 200 ALA A CA  1 
ATOM   55  C C   . ALA A 1 14  ? -0.877  14.026  -4.731  1.00 22.55 ? 200 ALA A C   1 
ATOM   56  O O   . ALA A 1 14  ? -1.311  13.274  -5.612  1.00 24.26 ? 200 ALA A O   1 
ATOM   57  C CB  . ALA A 1 14  ? -1.721  16.384  -4.677  1.00 28.97 ? 200 ALA A CB  1 
ATOM   58  N N   . GLU A 1 15  ? 0.404   14.029  -4.357  1.00 24.21 ? 201 GLU A N   1 
ATOM   59  C CA  . GLU A 1 15  ? 1.355   13.104  -4.958  1.00 22.71 ? 201 GLU A CA  1 
ATOM   60  C C   . GLU A 1 15  ? 1.021   11.667  -4.584  1.00 22.06 ? 201 GLU A C   1 
ATOM   61  O O   . GLU A 1 15  ? 1.078   10.768  -5.429  1.00 21.51 ? 201 GLU A O   1 
ATOM   62  C CB  . GLU A 1 15  ? 2.776   13.463  -4.520  1.00 25.91 ? 201 GLU A CB  1 
ATOM   63  C CG  . GLU A 1 15  ? 3.821   12.462  -4.942  1.00 26.81 ? 201 GLU A CG  1 
ATOM   64  C CD  . GLU A 1 15  ? 4.021   12.446  -6.436  1.00 29.85 ? 201 GLU A CD  1 
ATOM   65  O OE1 . GLU A 1 15  ? 3.857   13.513  -7.059  1.00 30.27 ? 201 GLU A OE1 1 
ATOM   66  O OE2 . GLU A 1 15  ? 4.305   11.362  -6.994  1.00 25.44 ? 201 GLU A OE2 1 
ATOM   67  N N   . ILE A 1 16  ? 0.660   11.432  -3.320  1.00 19.08 ? 202 ILE A N   1 
ATOM   68  C CA  . ILE A 1 16  ? 0.234   10.091  -2.928  1.00 21.64 ? 202 ILE A CA  1 
ATOM   69  C C   . ILE A 1 16  ? -1.020  9.690   -3.694  1.00 20.06 ? 202 ILE A C   1 
ATOM   70  O O   . ILE A 1 16  ? -1.106  8.580   -4.233  1.00 19.11 ? 202 ILE A O   1 
ATOM   71  C CB  . ILE A 1 16  ? -0.003  10.009  -1.414  1.00 19.53 ? 202 ILE A CB  1 
ATOM   72  C CG1 . ILE A 1 16  ? 1.300   10.218  -0.662  1.00 19.84 ? 202 ILE A CG1 1 
ATOM   73  C CG2 . ILE A 1 16  ? -0.589  8.642   -1.045  1.00 18.70 ? 202 ILE A CG2 1 
ATOM   74  C CD1 . ILE A 1 16  ? 1.072   10.597  0.811   1.00 21.82 ? 202 ILE A CD1 1 
ATOM   75  N N   . ALA A 1 17  ? -2.018  10.585  -3.735  1.00 19.03 ? 203 ALA A N   1 
ATOM   76  C CA  . ALA A 1 17  ? -3.296  10.248  -4.359  1.00 22.21 ? 203 ALA A CA  1 
ATOM   77  C C   . ALA A 1 17  ? -3.123  9.992   -5.848  1.00 19.85 ? 203 ALA A C   1 
ATOM   78  O O   . ALA A 1 17  ? -3.744  9.081   -6.400  1.00 20.59 ? 203 ALA A O   1 
ATOM   79  C CB  . ALA A 1 17  ? -4.323  11.360  -4.127  1.00 19.87 ? 203 ALA A CB  1 
ATOM   80  N N   . HIS A 1 18  ? -2.270  10.787  -6.504  1.00 21.51 ? 204 HIS A N   1 
ATOM   81  C CA  . HIS A 1 18  ? -1.955  10.585  -7.916  1.00 22.94 ? 204 HIS A CA  1 
ATOM   82  C C   . HIS A 1 18  ? -1.388  9.191   -8.172  1.00 20.86 ? 204 HIS A C   1 
ATOM   83  O O   . HIS A 1 18  ? -1.815  8.502   -9.106  1.00 20.21 ? 204 HIS A O   1 
ATOM   84  C CB  . HIS A 1 18  ? -0.973  11.664  -8.375  1.00 22.13 ? 204 HIS A CB  1 
ATOM   85  C CG  . HIS A 1 18  ? -0.403  11.431  -9.737  1.00 27.90 ? 204 HIS A CG  1 
ATOM   86  N ND1 . HIS A 1 18  ? -1.184  11.329  -10.869 1.00 33.21 ? 204 HIS A ND1 1 
ATOM   87  C CD2 . HIS A 1 18  ? 0.879   11.273  -10.148 1.00 28.23 ? 204 HIS A CD2 1 
ATOM   88  C CE1 . HIS A 1 18  ? -0.408  11.118  -11.919 1.00 31.39 ? 204 HIS A CE1 1 
ATOM   89  N NE2 . HIS A 1 18  ? 0.847   11.079  -11.509 1.00 35.51 ? 204 HIS A NE2 1 
ATOM   90  N N   . GLN A 1 19  ? -0.404  8.760   -7.368  1.00 19.87 ? 205 GLN A N   1 
ATOM   91  C CA  . GLN A 1 19  ? 0.232   7.475   -7.650  1.00 22.05 ? 205 GLN A CA  1 
ATOM   92  C C   . GLN A 1 19  ? -0.733  6.317   -7.422  1.00 20.35 ? 205 GLN A C   1 
ATOM   93  O O   . GLN A 1 19  ? -0.776  5.371   -8.218  1.00 20.30 ? 205 GLN A O   1 
ATOM   94  C CB  . GLN A 1 19  ? 1.502   7.317   -6.806  1.00 23.24 ? 205 GLN A CB  1 
ATOM   95  C CG  . GLN A 1 19  ? 2.600   8.303   -7.222  1.00 23.94 ? 205 GLN A CG  1 
ATOM   96  C CD  . GLN A 1 19  ? 3.972   7.918   -6.723  1.00 24.61 ? 205 GLN A CD  1 
ATOM   97  O OE1 . GLN A 1 19  ? 4.290   6.733   -6.558  1.00 24.17 ? 205 GLN A OE1 1 
ATOM   98  N NE2 . GLN A 1 19  ? 4.805   8.917   -6.498  1.00 20.44 ? 205 GLN A NE2 1 
ATOM   99  N N   . ILE A 1 20  ? -1.526  6.382   -6.345  1.00 16.86 ? 206 ILE A N   1 
ATOM   100 C CA  . ILE A 1 20  ? -2.518  5.338   -6.075  1.00 18.59 ? 206 ILE A CA  1 
ATOM   101 C C   . ILE A 1 20  ? -3.608  5.333   -7.148  1.00 20.69 ? 206 ILE A C   1 
ATOM   102 O O   . ILE A 1 20  ? -3.973  4.271   -7.681  1.00 20.59 ? 206 ILE A O   1 
ATOM   103 C CB  . ILE A 1 20  ? -3.106  5.527   -4.661  1.00 18.60 ? 206 ILE A CB  1 
ATOM   104 C CG1 . ILE A 1 20  ? -2.010  5.404   -3.597  1.00 15.12 ? 206 ILE A CG1 1 
ATOM   105 C CG2 . ILE A 1 20  ? -4.238  4.545   -4.416  1.00 19.41 ? 206 ILE A CG2 1 
ATOM   106 C CD1 . ILE A 1 20  ? -2.486  5.721   -2.144  1.00 18.28 ? 206 ILE A CD1 1 
ATOM   107 N N   . ALA A 1 21  ? -4.143  6.514   -7.486  1.00 17.59 ? 207 ALA A N   1 
ATOM   108 C CA  . ALA A 1 21  ? -5.124  6.601   -8.566  1.00 20.48 ? 207 ALA A CA  1 
ATOM   109 C C   . ALA A 1 21  ? -4.600  5.973   -9.852  1.00 22.43 ? 207 ALA A C   1 
ATOM   110 O O   . ALA A 1 21  ? -5.341  5.277   -10.554 1.00 21.14 ? 207 ALA A O   1 
ATOM   111 C CB  . ALA A 1 21  ? -5.520  8.057   -8.832  1.00 19.09 ? 207 ALA A CB  1 
ATOM   112 N N   . GLU A 1 22  ? -3.331  6.223   -10.182 1.00 21.64 ? 208 GLU A N   1 
ATOM   113 C CA  . GLU A 1 22  ? -2.776  5.727   -11.440 1.00 25.09 ? 208 GLU A CA  1 
ATOM   114 C C   . GLU A 1 22  ? -2.714  4.203   -11.467 1.00 28.68 ? 208 GLU A C   1 
ATOM   115 O O   . GLU A 1 22  ? -2.912  3.597   -12.527 1.00 27.00 ? 208 GLU A O   1 
ATOM   116 C CB  . GLU A 1 22  ? -1.385  6.332   -11.658 1.00 24.84 ? 208 GLU A CB  1 
ATOM   117 C CG  . GLU A 1 22  ? -0.764  6.146   -13.032 1.00 36.54 ? 208 GLU A CG  1 
ATOM   118 C CD  . GLU A 1 22  ? -1.683  6.568   -14.163 1.00 46.86 ? 208 GLU A CD  1 
ATOM   119 O OE1 . GLU A 1 22  ? -1.907  5.724   -15.072 1.00 52.33 ? 208 GLU A OE1 1 
ATOM   120 O OE2 . GLU A 1 22  ? -2.209  7.716   -14.150 1.00 47.07 ? 208 GLU A OE2 1 
ATOM   121 N N   . SER A 1 23  ? -2.477  3.562   -10.318 1.00 18.63 ? 209 SER A N   1 
ATOM   122 C CA  . SER A 1 23  ? -2.378  2.108   -10.224 1.00 19.96 ? 209 SER A CA  1 
ATOM   123 C C   . SER A 1 23  ? -3.545  1.495   -9.447  1.00 20.47 ? 209 SER A C   1 
ATOM   124 O O   . SER A 1 23  ? -3.410  0.427   -8.836  1.00 20.07 ? 209 SER A O   1 
ATOM   125 C CB  . SER A 1 23  ? -1.049  1.718   -9.579  1.00 22.07 ? 209 SER A CB  1 
ATOM   126 O OG  . SER A 1 23  ? 0.065   2.206   -10.315 1.00 25.08 ? 209 SER A OG  1 
ATOM   127 N N   . PHE A 1 24  ? -4.702  2.157   -9.472  1.00 17.83 ? 210 PHE A N   1 
ATOM   128 C CA  . PHE A 1 24  ? -5.779  1.806   -8.551  1.00 17.73 ? 210 PHE A CA  1 
ATOM   129 C C   . PHE A 1 24  ? -6.288  0.396   -8.792  1.00 20.24 ? 210 PHE A C   1 
ATOM   130 O O   . PHE A 1 24  ? -6.759  -0.262  -7.855  1.00 18.15 ? 210 PHE A O   1 
ATOM   131 C CB  . PHE A 1 24  ? -6.920  2.801   -8.704  1.00 19.68 ? 210 PHE A CB  1 
ATOM   132 C CG  . PHE A 1 24  ? -7.844  2.864   -7.536  1.00 18.40 ? 210 PHE A CG  1 
ATOM   133 C CD1 . PHE A 1 24  ? -7.408  3.369   -6.324  1.00 22.28 ? 210 PHE A CD1 1 
ATOM   134 C CD2 . PHE A 1 24  ? -9.165  2.456   -7.655  1.00 22.82 ? 210 PHE A CD2 1 
ATOM   135 C CE1 . PHE A 1 24  ? -8.275  3.464   -5.240  1.00 21.87 ? 210 PHE A CE1 1 
ATOM   136 C CE2 . PHE A 1 24  ? -10.037 2.551   -6.574  1.00 19.69 ? 210 PHE A CE2 1 
ATOM   137 C CZ  . PHE A 1 24  ? -9.590  3.058   -5.379  1.00 21.96 ? 210 PHE A CZ  1 
ATOM   138 N N   . SER A 1 25  ? -6.208  -0.075  -10.035 1.00 21.04 ? 211 SER A N   1 
ATOM   139 C CA  . SER A 1 25  ? -6.675  -1.401  -10.410 1.00 22.57 ? 211 SER A CA  1 
ATOM   140 C C   . SER A 1 25  ? -5.541  -2.369  -10.678 1.00 21.95 ? 211 SER A C   1 
ATOM   141 O O   . SER A 1 25  ? -5.806  -3.550  -10.916 1.00 20.33 ? 211 SER A O   1 
ATOM   142 C CB  . SER A 1 25  ? -7.579  -1.318  -11.657 1.00 28.18 ? 211 SER A CB  1 
ATOM   143 O OG  . SER A 1 25  ? -8.882  -0.935  -11.251 1.00 37.81 ? 211 SER A OG  1 
ATOM   144 N N   . LYS A 1 26  ? -4.290  -1.907  -10.631 1.00 22.48 ? 212 LYS A N   1 
ATOM   145 C CA  . LYS A 1 26  ? -3.160  -2.788  -10.867 1.00 23.43 ? 212 LYS A CA  1 
ATOM   146 C C   . LYS A 1 26  ? -3.144  -3.877  -9.810  1.00 21.66 ? 212 LYS A C   1 
ATOM   147 O O   . LYS A 1 26  ? -3.150  -3.589  -8.610  1.00 18.00 ? 212 LYS A O   1 
ATOM   148 C CB  . LYS A 1 26  ? -1.853  -2.010  -10.845 1.00 23.40 ? 212 LYS A CB  1 
ATOM   149 C CG  . LYS A 1 26  ? -0.701  -2.770  -11.475 1.00 24.24 ? 212 LYS A CG  1 
ATOM   150 C CD  . LYS A 1 26  ? 0.224   -3.359  -10.428 1.00 27.84 ? 212 LYS A CD  1 
ATOM   151 C CE  . LYS A 1 26  ? 1.336   -4.181  -11.071 1.00 24.73 ? 212 LYS A CE  1 
ATOM   152 N NZ  . LYS A 1 26  ? 0.893   -5.587  -11.285 1.00 24.84 ? 212 LYS A NZ  1 
ATOM   153 N N   . LYS A 1 27  ? -3.140  -5.124  -10.254 1.00 20.36 ? 213 LYS A N   1 
ATOM   154 C CA  . LYS A 1 27  ? -3.097  -6.240  -9.319  1.00 20.52 ? 213 LYS A CA  1 
ATOM   155 C C   . LYS A 1 27  ? -1.675  -6.410  -8.781  1.00 21.72 ? 213 LYS A C   1 
ATOM   156 O O   . LYS A 1 27  ? -0.717  -6.550  -9.550  1.00 21.09 ? 213 LYS A O   1 
ATOM   157 C CB  . LYS A 1 27  ? -3.585  -7.508  -10.009 1.00 20.46 ? 213 LYS A CB  1 
ATOM   158 C CG  . LYS A 1 27  ? -5.115  -7.599  -10.160 1.00 24.73 ? 213 LYS A CG  1 
ATOM   159 C CD  . LYS A 1 27  ? -5.783  -7.905  -8.816  1.00 25.39 ? 213 LYS A CD  1 
ATOM   160 C CE  . LYS A 1 27  ? -7.316  -8.007  -8.941  1.00 29.87 ? 213 LYS A CE  1 
ATOM   161 N NZ  . LYS A 1 27  ? -7.839  -9.202  -8.214  1.00 33.93 ? 213 LYS A NZ  1 
ATOM   162 N N   . TYR A 1 28  ? -1.533  -6.389  -7.465  1.00 15.54 ? 214 TYR A N   1 
ATOM   163 C CA  . TYR A 1 28  ? -0.263  -6.690  -6.822  1.00 17.19 ? 214 TYR A CA  1 
ATOM   164 C C   . TYR A 1 28  ? -0.335  -8.065  -6.171  1.00 18.82 ? 214 TYR A C   1 
ATOM   165 O O   . TYR A 1 28  ? -1.413  -8.545  -5.809  1.00 19.00 ? 214 TYR A O   1 
ATOM   166 C CB  . TYR A 1 28  ? 0.092   -5.631  -5.768  1.00 19.98 ? 214 TYR A CB  1 
ATOM   167 C CG  . TYR A 1 28  ? 0.410   -4.275  -6.367  1.00 19.50 ? 214 TYR A CG  1 
ATOM   168 C CD1 . TYR A 1 28  ? 1.643   -4.029  -6.966  1.00 22.40 ? 214 TYR A CD1 1 
ATOM   169 C CD2 . TYR A 1 28  ? -0.514  -3.250  -6.338  1.00 21.40 ? 214 TYR A CD2 1 
ATOM   170 C CE1 . TYR A 1 28  ? 1.943   -2.784  -7.522  1.00 19.55 ? 214 TYR A CE1 1 
ATOM   171 C CE2 . TYR A 1 28  ? -0.215  -1.992  -6.890  1.00 21.84 ? 214 TYR A CE2 1 
ATOM   172 C CZ  . TYR A 1 28  ? 1.007   -1.774  -7.485  1.00 20.54 ? 214 TYR A CZ  1 
ATOM   173 O OH  . TYR A 1 28  ? 1.273   -0.528  -8.037  1.00 21.77 ? 214 TYR A OH  1 
ATOM   174 N N   . LYS A 1 29  ? 0.834   -8.677  -5.990  1.00 16.99 ? 215 LYS A N   1 
ATOM   175 C CA  . LYS A 1 29  ? 0.939   -10.023 -5.434  1.00 20.01 ? 215 LYS A CA  1 
ATOM   176 C C   . LYS A 1 29  ? 1.148   -9.957  -3.933  1.00 20.23 ? 215 LYS A C   1 
ATOM   177 O O   . LYS A 1 29  ? 1.912   -9.118  -3.441  1.00 20.13 ? 215 LYS A O   1 
ATOM   178 C CB  . LYS A 1 29  ? 2.110   -10.777 -6.065  1.00 22.98 ? 215 LYS A CB  1 
ATOM   179 C CG  . LYS A 1 29  ? 2.158   -10.714 -7.577  1.00 21.77 ? 215 LYS A CG  1 
ATOM   180 C CD  . LYS A 1 29  ? 3.362   -11.502 -8.077  1.00 27.42 ? 215 LYS A CD  1 
ATOM   181 C CE  . LYS A 1 29  ? 3.110   -12.124 -9.451  1.00 28.58 ? 215 LYS A CE  1 
ATOM   182 N NZ  . LYS A 1 29  ? 3.577   -11.192 -10.513 1.00 34.35 ? 215 LYS A NZ  1 
ATOM   183 N N   . PHE A 1 30  ? 0.481   -10.853 -3.211  1.00 19.23 ? 216 PHE A N   1 
ATOM   184 C CA  . PHE A 1 30  ? 0.597   -10.937 -1.760  1.00 17.22 ? 216 PHE A CA  1 
ATOM   185 C C   . PHE A 1 30  ? 0.693   -12.400 -1.380  1.00 19.92 ? 216 PHE A C   1 
ATOM   186 O O   . PHE A 1 30  ? 0.184   -13.262 -2.104  1.00 21.25 ? 216 PHE A O   1 
ATOM   187 C CB  . PHE A 1 30  ? -0.601  -10.291 -1.046  1.00 20.11 ? 216 PHE A CB  1 
ATOM   188 C CG  . PHE A 1 30  ? -0.695  -8.818  -1.290  1.00 20.01 ? 216 PHE A CG  1 
ATOM   189 C CD1 . PHE A 1 30  ? 0.115   -7.942  -0.580  1.00 15.45 ? 216 PHE A CD1 1 
ATOM   190 C CD2 . PHE A 1 30  ? -1.548  -8.322  -2.265  1.00 18.23 ? 216 PHE A CD2 1 
ATOM   191 C CE1 . PHE A 1 30  ? 0.056   -6.572  -0.833  1.00 18.13 ? 216 PHE A CE1 1 
ATOM   192 C CE2 . PHE A 1 30  ? -1.617  -6.958  -2.524  1.00 18.67 ? 216 PHE A CE2 1 
ATOM   193 C CZ  . PHE A 1 30  ? -0.826  -6.084  -1.805  1.00 16.36 ? 216 PHE A CZ  1 
ATOM   194 N N   . PRO A 1 31  ? 1.345   -12.716 -0.259  1.00 19.03 ? 217 PRO A N   1 
ATOM   195 C CA  . PRO A 1 31  ? 1.523   -14.126 0.120   1.00 19.66 ? 217 PRO A CA  1 
ATOM   196 C C   . PRO A 1 31  ? 0.226   -14.718 0.646   1.00 21.52 ? 217 PRO A C   1 
ATOM   197 O O   . PRO A 1 31  ? -0.391  -14.185 1.570   1.00 21.58 ? 217 PRO A O   1 
ATOM   198 C CB  . PRO A 1 31  ? 2.609   -14.073 1.202   1.00 21.14 ? 217 PRO A CB  1 
ATOM   199 C CG  . PRO A 1 31  ? 2.488   -12.683 1.808   1.00 23.27 ? 217 PRO A CG  1 
ATOM   200 C CD  . PRO A 1 31  ? 2.045   -11.789 0.653   1.00 22.73 ? 217 PRO A CD  1 
ATOM   201 N N   . SER A 1 32  ? -0.176  -15.836 0.055   1.00 23.85 ? 218 SER A N   1 
ATOM   202 C CA  . SER A 1 32  ? -1.428  -16.481 0.414   1.00 23.17 ? 218 SER A CA  1 
ATOM   203 C C   . SER A 1 32  ? -1.341  -17.126 1.789   1.00 27.57 ? 218 SER A C   1 
ATOM   204 O O   . SER A 1 32  ? -0.272  -17.548 2.241   1.00 26.41 ? 218 SER A O   1 
ATOM   205 C CB  . SER A 1 32  ? -1.791  -17.545 -0.622  1.00 26.87 ? 218 SER A CB  1 
ATOM   206 O OG  . SER A 1 32  ? -2.947  -18.263 -0.220  1.00 33.16 ? 218 SER A OG  1 
ATOM   207 N N   . ARG A 1 33  ? -2.488  -17.194 2.462   1.00 24.71 ? 219 ARG A N   1 
ATOM   208 C CA  . ARG A 1 33  ? -2.526  -17.895 3.735   1.00 31.00 ? 219 ARG A CA  1 
ATOM   209 C C   . ARG A 1 33  ? -2.208  -19.367 3.534   1.00 35.28 ? 219 ARG A C   1 
ATOM   210 O O   . ARG A 1 33  ? -1.510  -19.977 4.349   1.00 37.61 ? 219 ARG A O   1 
ATOM   211 C CB  . ARG A 1 33  ? -3.884  -17.725 4.396   1.00 27.59 ? 219 ARG A CB  1 
ATOM   212 C CG  . ARG A 1 33  ? -3.982  -18.391 5.747   1.00 31.86 ? 219 ARG A CG  1 
ATOM   213 C CD  . ARG A 1 33  ? -5.320  -18.055 6.352   1.00 34.62 ? 219 ARG A CD  1 
ATOM   214 N NE  . ARG A 1 33  ? -5.400  -16.640 6.689   1.00 28.89 ? 219 ARG A NE  1 
ATOM   215 C CZ  . ARG A 1 33  ? -4.987  -16.138 7.846   1.00 29.28 ? 219 ARG A CZ  1 
ATOM   216 N NH1 . ARG A 1 33  ? -4.466  -16.944 8.770   1.00 33.83 ? 219 ARG A NH1 1 
ATOM   217 N NH2 . ARG A 1 33  ? -5.095  -14.838 8.082   1.00 25.40 ? 219 ARG A NH2 1 
ATOM   218 N N   . SER A 1 34  ? -2.699  -19.949 2.444   1.00 37.90 ? 220 SER A N   1 
ATOM   219 C CA  . SER A 1 34  ? -2.301  -21.303 2.093   1.00 41.77 ? 220 SER A CA  1 
ATOM   220 C C   . SER A 1 34  ? -0.809  -21.324 1.775   1.00 41.46 ? 220 SER A C   1 
ATOM   221 O O   . SER A 1 34  ? 0.043   -21.507 2.657   1.00 47.06 ? 220 SER A O   1 
ATOM   222 C CB  . SER A 1 34  ? -3.121  -21.800 0.900   1.00 42.93 ? 220 SER A CB  1 
ATOM   223 O OG  . SER A 1 34  ? -4.452  -21.296 0.942   1.00 44.36 ? 220 SER A OG  1 
ATOM   224 N N   . SER A 1 35  ? -0.501  -21.123 0.506   1.00 40.95 ? 221 SER A N   1 
ATOM   225 C CA  . SER A 1 35  ? 0.856   -21.010 0.004   1.00 38.09 ? 221 SER A CA  1 
ATOM   226 C C   . SER A 1 35  ? 0.725   -20.350 -1.354  1.00 35.60 ? 221 SER A C   1 
ATOM   227 O O   . SER A 1 35  ? -0.384  -20.155 -1.858  1.00 34.52 ? 221 SER A O   1 
ATOM   228 C CB  . SER A 1 35  ? 1.543   -22.374 -0.081  1.00 40.50 ? 221 SER A CB  1 
ATOM   229 O OG  . SER A 1 35  ? 0.600   -23.368 -0.440  1.00 44.36 ? 221 SER A OG  1 
ATOM   230 N N   . GLY A 1 36  ? 1.856   -20.010 -1.942  1.00 36.98 ? 222 GLY A N   1 
ATOM   231 C CA  . GLY A 1 36  ? 1.726   -19.242 -3.154  1.00 32.63 ? 222 GLY A CA  1 
ATOM   232 C C   . GLY A 1 36  ? 1.220   -17.841 -2.837  1.00 30.33 ? 222 GLY A C   1 
ATOM   233 O O   . GLY A 1 36  ? 1.333   -17.339 -1.705  1.00 25.31 ? 222 GLY A O   1 
ATOM   234 N N   . ILE A 1 37  ? 0.643   -17.211 -3.867  1.00 28.18 ? 223 ILE A N   1 
ATOM   235 C CA  . ILE A 1 37  ? 0.253   -15.811 -3.823  1.00 23.84 ? 223 ILE A CA  1 
ATOM   236 C C   . ILE A 1 37  ? -1.178  -15.652 -4.310  1.00 23.67 ? 223 ILE A C   1 
ATOM   237 O O   . ILE A 1 37  ? -1.735  -16.515 -4.996  1.00 23.34 ? 223 ILE A O   1 
ATOM   238 C CB  . ILE A 1 37  ? 1.175   -14.909 -4.673  1.00 26.60 ? 223 ILE A CB  1 
ATOM   239 C CG1 . ILE A 1 37  ? 0.828   -15.077 -6.153  1.00 21.19 ? 223 ILE A CG1 1 
ATOM   240 C CG2 . ILE A 1 37  ? 2.647   -15.173 -4.375  1.00 28.33 ? 223 ILE A CG2 1 
ATOM   241 C CD1 . ILE A 1 37  ? 1.825   -14.497 -7.075  1.00 31.51 ? 223 ILE A CD1 1 
ATOM   242 N N   . PHE A 1 38  ? -1.766  -14.511 -3.963  1.00 18.68 ? 224 PHE A N   1 
ATOM   243 C CA  . PHE A 1 38  ? -3.033  -14.087 -4.534  1.00 19.60 ? 224 PHE A CA  1 
ATOM   244 C C   . PHE A 1 38  ? -2.880  -12.639 -4.979  1.00 19.23 ? 224 PHE A C   1 
ATOM   245 O O   . PHE A 1 38  ? -1.940  -11.952 -4.571  1.00 18.25 ? 224 PHE A O   1 
ATOM   246 C CB  . PHE A 1 38  ? -4.185  -14.229 -3.537  1.00 20.82 ? 224 PHE A CB  1 
ATOM   247 C CG  . PHE A 1 38  ? -4.101  -13.270 -2.380  1.00 18.87 ? 224 PHE A CG  1 
ATOM   248 C CD1 . PHE A 1 38  ? -3.251  -13.527 -1.305  1.00 21.22 ? 224 PHE A CD1 1 
ATOM   249 C CD2 . PHE A 1 38  ? -4.858  -12.107 -2.374  1.00 20.46 ? 224 PHE A CD2 1 
ATOM   250 C CE1 . PHE A 1 38  ? -3.160  -12.640 -0.232  1.00 18.28 ? 224 PHE A CE1 1 
ATOM   251 C CE2 . PHE A 1 38  ? -4.775  -11.209 -1.300  1.00 18.36 ? 224 PHE A CE2 1 
ATOM   252 C CZ  . PHE A 1 38  ? -3.922  -11.479 -0.233  1.00 18.01 ? 224 PHE A CZ  1 
ATOM   253 N N   . LEU A 1 39  ? -3.804  -12.186 -5.829  1.00 14.55 ? 225 LEU A N   1 
ATOM   254 C CA  . LEU A 1 39  ? -3.739  -10.851 -6.412  1.00 18.90 ? 225 LEU A CA  1 
ATOM   255 C C   . LEU A 1 39  ? -4.733  -9.927  -5.723  1.00 18.95 ? 225 LEU A C   1 
ATOM   256 O O   . LEU A 1 39  ? -5.815  -10.358 -5.321  1.00 14.73 ? 225 LEU A O   1 
ATOM   257 C CB  . LEU A 1 39  ? -4.037  -10.901 -7.911  1.00 19.00 ? 225 LEU A CB  1 
ATOM   258 C CG  . LEU A 1 39  ? -3.021  -11.670 -8.753  1.00 22.10 ? 225 LEU A CG  1 
ATOM   259 C CD1 . LEU A 1 39  ? -3.309  -11.515 -10.257 1.00 19.47 ? 225 LEU A CD1 1 
ATOM   260 C CD2 . LEU A 1 39  ? -1.606  -11.180 -8.423  1.00 19.96 ? 225 LEU A CD2 1 
ATOM   261 N N   . TRP A 1 40  ? -4.371  -8.648  -5.613  1.00 17.54 ? 226 TRP A N   1 
ATOM   262 C CA  . TRP A 1 40  ? -5.223  -7.689  -4.927  1.00 16.59 ? 226 TRP A CA  1 
ATOM   263 C C   . TRP A 1 40  ? -4.864  -6.287  -5.405  1.00 18.71 ? 226 TRP A C   1 
ATOM   264 O O   . TRP A 1 40  ? -3.692  -5.999  -5.673  1.00 17.98 ? 226 TRP A O   1 
ATOM   265 C CB  . TRP A 1 40  ? -5.053  -7.820  -3.407  1.00 16.48 ? 226 TRP A CB  1 
ATOM   266 C CG  . TRP A 1 40  ? -6.083  -7.104  -2.557  1.00 15.98 ? 226 TRP A CG  1 
ATOM   267 C CD1 . TRP A 1 40  ? -5.941  -5.885  -1.955  1.00 18.42 ? 226 TRP A CD1 1 
ATOM   268 C CD2 . TRP A 1 40  ? -7.381  -7.588  -2.183  1.00 16.91 ? 226 TRP A CD2 1 
ATOM   269 N NE1 . TRP A 1 40  ? -7.078  -5.573  -1.243  1.00 18.36 ? 226 TRP A NE1 1 
ATOM   270 C CE2 . TRP A 1 40  ? -7.976  -6.603  -1.368  1.00 16.71 ? 226 TRP A CE2 1 
ATOM   271 C CE3 . TRP A 1 40  ? -8.100  -8.758  -2.466  1.00 18.97 ? 226 TRP A CE3 1 
ATOM   272 C CZ2 . TRP A 1 40  ? -9.261  -6.747  -0.836  1.00 21.26 ? 226 TRP A CZ2 1 
ATOM   273 C CZ3 . TRP A 1 40  ? -9.380  -8.903  -1.935  1.00 22.60 ? 226 TRP A CZ3 1 
ATOM   274 C CH2 . TRP A 1 40  ? -9.944  -7.903  -1.123  1.00 22.81 ? 226 TRP A CH2 1 
ATOM   275 N N   . ASN A 1 41  ? -5.867  -5.420  -5.513  1.00 16.92 ? 227 ASN A N   1 
ATOM   276 C CA  . ASN A 1 41  ? -5.606  -4.033  -5.890  1.00 16.89 ? 227 ASN A CA  1 
ATOM   277 C C   . ASN A 1 41  ? -6.312  -3.079  -4.929  1.00 16.09 ? 227 ASN A C   1 
ATOM   278 O O   . ASN A 1 41  ? -7.170  -3.477  -4.141  1.00 13.84 ? 227 ASN A O   1 
ATOM   279 C CB  . ASN A 1 41  ? -6.030  -3.770  -7.348  1.00 17.42 ? 227 ASN A CB  1 
ATOM   280 C CG  . ASN A 1 41  ? -7.486  -4.127  -7.611  1.00 18.05 ? 227 ASN A CG  1 
ATOM   281 O OD1 . ASN A 1 41  ? -8.343  -4.003  -6.735  1.00 18.30 ? 227 ASN A OD1 1 
ATOM   282 N ND2 . ASN A 1 41  ? -7.769  -4.579  -8.833  1.00 17.58 ? 227 ASN A ND2 1 
ATOM   283 N N   . PHE A 1 42  ? -5.944  -1.793  -5.009  1.00 15.58 ? 228 PHE A N   1 
ATOM   284 C CA  . PHE A 1 42  ? -6.604  -0.787  -4.186  1.00 17.93 ? 228 PHE A CA  1 
ATOM   285 C C   . PHE A 1 42  ? -8.113  -0.790  -4.407  1.00 17.00 ? 228 PHE A C   1 
ATOM   286 O O   . PHE A 1 42  ? -8.878  -0.487  -3.484  1.00 16.86 ? 228 PHE A O   1 
ATOM   287 C CB  . PHE A 1 42  ? -6.025  0.596   -4.491  1.00 18.98 ? 228 PHE A CB  1 
ATOM   288 C CG  . PHE A 1 42  ? -4.690  0.857   -3.834  1.00 15.82 ? 228 PHE A CG  1 
ATOM   289 C CD1 . PHE A 1 42  ? -4.622  1.188   -2.496  1.00 15.30 ? 228 PHE A CD1 1 
ATOM   290 C CD2 . PHE A 1 42  ? -3.513  0.776   -4.554  1.00 17.92 ? 228 PHE A CD2 1 
ATOM   291 C CE1 . PHE A 1 42  ? -3.405  1.422   -1.893  1.00 14.09 ? 228 PHE A CE1 1 
ATOM   292 C CE2 . PHE A 1 42  ? -2.284  1.021   -3.949  1.00 16.14 ? 228 PHE A CE2 1 
ATOM   293 C CZ  . PHE A 1 42  ? -2.240  1.350   -2.614  1.00 13.81 ? 228 PHE A CZ  1 
ATOM   294 N N   . GLU A 1 43  ? -8.549  -1.124  -5.625  1.00 16.78 ? 229 GLU A N   1 
ATOM   295 C CA  . GLU A 1 43  ? -9.966  -1.080  -5.952  1.00 19.57 ? 229 GLU A CA  1 
ATOM   296 C C   . GLU A 1 43  ? -10.751 -2.031  -5.066  1.00 20.16 ? 229 GLU A C   1 
ATOM   297 O O   . GLU A 1 43  ? -11.839 -1.690  -4.587  1.00 21.86 ? 229 GLU A O   1 
ATOM   298 C CB  . GLU A 1 43  ? -10.159 -1.412  -7.436  1.00 24.69 ? 229 GLU A CB  1 
ATOM   299 C CG  . GLU A 1 43  ? -11.464 -0.947  -8.022  1.00 27.84 ? 229 GLU A CG  1 
ATOM   300 C CD  . GLU A 1 43  ? -12.640 -1.761  -7.552  1.00 35.76 ? 229 GLU A CD  1 
ATOM   301 O OE1 . GLU A 1 43  ? -13.725 -1.163  -7.350  1.00 45.84 ? 229 GLU A OE1 1 
ATOM   302 O OE2 . GLU A 1 43  ? -12.481 -2.994  -7.374  1.00 39.77 ? 229 GLU A OE2 1 
ATOM   303 N N   . GLN A 1 44  ? -10.181 -3.203  -4.776  1.00 18.33 ? 230 GLN A N   1 
ATOM   304 C CA  . GLN A 1 44  ? -10.882 -4.187  -3.962  1.00 20.71 ? 230 GLN A CA  1 
ATOM   305 C C   . GLN A 1 44  ? -11.061 -3.755  -2.512  1.00 23.36 ? 230 GLN A C   1 
ATOM   306 O O   . GLN A 1 44  ? -11.854 -4.376  -1.794  1.00 28.45 ? 230 GLN A O   1 
ATOM   307 C CB  . GLN A 1 44  ? -10.155 -5.521  -4.051  1.00 20.80 ? 230 GLN A CB  1 
ATOM   308 C CG  . GLN A 1 44  ? -10.460 -6.197  -5.386  1.00 20.68 ? 230 GLN A CG  1 
ATOM   309 C CD  . GLN A 1 44  ? -9.573  -7.378  -5.654  1.00 26.38 ? 230 GLN A CD  1 
ATOM   310 O OE1 . GLN A 1 44  ? -8.341  -7.258  -5.666  1.00 22.93 ? 230 GLN A OE1 1 
ATOM   311 N NE2 . GLN A 1 44  ? -10.188 -8.542  -5.845  1.00 25.43 ? 230 GLN A NE2 1 
ATOM   312 N N   . LEU A 1 45  ? -10.384 -2.695  -2.067  1.00 20.40 ? 231 LEU A N   1 
ATOM   313 C CA  . LEU A 1 45  ? -10.621 -2.209  -0.711  1.00 23.75 ? 231 LEU A CA  1 
ATOM   314 C C   . LEU A 1 45  ? -12.024 -1.644  -0.526  1.00 19.42 ? 231 LEU A C   1 
ATOM   315 O O   . LEU A 1 45  ? -12.530 -1.646  0.603   1.00 21.77 ? 231 LEU A O   1 
ATOM   316 C CB  . LEU A 1 45  ? -9.594  -1.124  -0.344  1.00 19.83 ? 231 LEU A CB  1 
ATOM   317 C CG  . LEU A 1 45  ? -8.117  -1.500  -0.294  1.00 18.08 ? 231 LEU A CG  1 
ATOM   318 C CD1 . LEU A 1 45  ? -7.268  -0.240  -0.132  1.00 18.09 ? 231 LEU A CD1 1 
ATOM   319 C CD2 . LEU A 1 45  ? -7.810  -2.454  0.844   1.00 21.28 ? 231 LEU A CD2 1 
ATOM   320 N N   . LYS A 1 46  ? -12.652 -1.151  -1.592  1.00 19.79 ? 232 LYS A N   1 
ATOM   321 C CA  . LYS A 1 46  ? -13.938 -0.461  -1.496  1.00 25.24 ? 232 LYS A CA  1 
ATOM   322 C C   . LYS A 1 46  ? -13.864 0.697   -0.497  1.00 25.76 ? 232 LYS A C   1 
ATOM   323 O O   . LYS A 1 46  ? -14.787 0.938   0.283   1.00 23.01 ? 232 LYS A O   1 
ATOM   324 C CB  . LYS A 1 46  ? -15.057 -1.436  -1.119  1.00 27.05 ? 232 LYS A CB  1 
ATOM   325 C CG  . LYS A 1 46  ? -15.138 -2.654  -2.034  1.00 27.14 ? 232 LYS A CG  1 
ATOM   326 C CD  . LYS A 1 46  ? -15.265 -2.262  -3.505  1.00 32.87 ? 232 LYS A CD  1 
ATOM   327 C CE  . LYS A 1 46  ? -15.492 -3.503  -4.370  1.00 34.30 ? 232 LYS A CE  1 
ATOM   328 N NZ  . LYS A 1 46  ? -15.597 -3.201  -5.826  1.00 38.87 ? 232 LYS A NZ  1 
ATOM   329 N N   . MET A 1 47  ? -12.732 1.399   -0.502  1.00 24.74 ? 233 MET A N   1 
ATOM   330 C CA  . MET A 1 47  ? -12.505 2.573   0.333   1.00 21.50 ? 233 MET A CA  1 
ATOM   331 C C   . MET A 1 47  ? -12.277 3.774   -0.574  1.00 24.96 ? 233 MET A C   1 
ATOM   332 O O   . MET A 1 47  ? -11.653 3.644   -1.633  1.00 20.14 ? 233 MET A O   1 
ATOM   333 C CB  . MET A 1 47  ? -11.287 2.375   1.243   1.00 22.28 ? 233 MET A CB  1 
ATOM   334 C CG  . MET A 1 47  ? -11.442 1.242   2.249   1.00 27.37 ? 233 MET A CG  1 
ATOM   335 S SD  . MET A 1 47  ? -9.925  0.956   3.166   1.00 25.86 ? 233 MET A SD  1 
ATOM   336 C CE  . MET A 1 47  ? -9.470  2.639   3.616   1.00 18.93 ? 233 MET A CE  1 
ATOM   337 N N   . ASN A 1 48  ? -12.754 4.949   -0.171  1.00 22.04 ? 234 ASN A N   1 
ATOM   338 C CA  . ASN A 1 48  ? -12.565 6.055   -1.095  1.00 25.77 ? 234 ASN A CA  1 
ATOM   339 C C   . ASN A 1 48  ? -11.104 6.506   -1.078  1.00 21.60 ? 234 ASN A C   1 
ATOM   340 O O   . ASN A 1 48  ? -10.330 6.181   -0.176  1.00 21.18 ? 234 ASN A O   1 
ATOM   341 C CB  . ASN A 1 48  ? -13.542 7.202   -0.806  1.00 29.42 ? 234 ASN A CB  1 
ATOM   342 C CG  . ASN A 1 48  ? -13.232 7.948   0.461   1.00 31.36 ? 234 ASN A CG  1 
ATOM   343 O OD1 . ASN A 1 48  ? -12.183 8.592   0.586   1.00 30.27 ? 234 ASN A OD1 1 
ATOM   344 N ND2 . ASN A 1 48  ? -14.175 7.922   1.397   1.00 38.24 ? 234 ASN A ND2 1 
ATOM   345 N N   . LEU A 1 49  ? -10.713 7.205   -2.141  1.00 22.84 ? 235 LEU A N   1 
ATOM   346 C CA  . LEU A 1 49  ? -9.303  7.513   -2.340  1.00 21.73 ? 235 LEU A CA  1 
ATOM   347 C C   . LEU A 1 49  ? -8.745  8.339   -1.188  1.00 21.35 ? 235 LEU A C   1 
ATOM   348 O O   . LEU A 1 49  ? -7.607  8.122   -0.748  1.00 19.83 ? 235 LEU A O   1 
ATOM   349 C CB  . LEU A 1 49  ? -9.128  8.235   -3.674  1.00 21.90 ? 235 LEU A CB  1 
ATOM   350 C CG  . LEU A 1 49  ? -7.696  8.578   -4.078  1.00 24.38 ? 235 LEU A CG  1 
ATOM   351 C CD1 . LEU A 1 49  ? -6.772  7.337   -4.034  1.00 19.09 ? 235 LEU A CD1 1 
ATOM   352 C CD2 . LEU A 1 49  ? -7.712  9.242   -5.453  1.00 19.87 ? 235 LEU A CD2 1 
ATOM   353 N N   . ASP A 1 50  ? -9.541  9.276   -0.672  1.00 19.32 ? 236 ASP A N   1 
ATOM   354 C CA  . ASP A 1 50  ? -9.090  10.114  0.439   1.00 24.52 ? 236 ASP A CA  1 
ATOM   355 C C   . ASP A 1 50  ? -8.793  9.286   1.692   1.00 19.99 ? 236 ASP A C   1 
ATOM   356 O O   . ASP A 1 50  ? -7.787  9.523   2.373   1.00 19.89 ? 236 ASP A O   1 
ATOM   357 C CB  . ASP A 1 50  ? -10.136 11.193  0.724   1.00 26.12 ? 236 ASP A CB  1 
ATOM   358 C CG  . ASP A 1 50  ? -10.138 12.288  -0.331  1.00 32.00 ? 236 ASP A CG  1 
ATOM   359 O OD1 . ASP A 1 50  ? -9.063  12.539  -0.925  1.00 26.91 ? 236 ASP A OD1 1 
ATOM   360 O OD2 . ASP A 1 50  ? -11.207 12.890  -0.577  1.00 34.85 ? 236 ASP A OD2 1 
ATOM   361 N N   . GLU A 1 51  ? -9.656  8.318   2.010   1.00 20.18 ? 237 GLU A N   1 
ATOM   362 C CA  . GLU A 1 51  ? -9.410  7.438   3.158   1.00 19.81 ? 237 GLU A CA  1 
ATOM   363 C C   . GLU A 1 51  ? -8.126  6.646   2.979   1.00 18.70 ? 237 GLU A C   1 
ATOM   364 O O   . GLU A 1 51  ? -7.363  6.454   3.933   1.00 17.82 ? 237 GLU A O   1 
ATOM   365 C CB  . GLU A 1 51  ? -10.571 6.456   3.355   1.00 24.85 ? 237 GLU A CB  1 
ATOM   366 C CG  . GLU A 1 51  ? -11.925 7.087   3.618   1.00 32.88 ? 237 GLU A CG  1 
ATOM   367 C CD  . GLU A 1 51  ? -13.084 6.095   3.492   1.00 40.78 ? 237 GLU A CD  1 
ATOM   368 O OE1 . GLU A 1 51  ? -13.059 5.204   2.591   1.00 34.15 ? 237 GLU A OE1 1 
ATOM   369 O OE2 . GLU A 1 51  ? -14.034 6.219   4.298   1.00 44.83 ? 237 GLU A OE2 1 
ATOM   370 N N   . ILE A 1 52  ? -7.896  6.140   1.764   1.00 17.89 ? 238 ILE A N   1 
ATOM   371 C CA  . ILE A 1 52  ? -6.685  5.383   1.481   1.00 18.40 ? 238 ILE A CA  1 
ATOM   372 C C   . ILE A 1 52  ? -5.454  6.263   1.676   1.00 18.66 ? 238 ILE A C   1 
ATOM   373 O O   . ILE A 1 52  ? -4.512  5.883   2.379   1.00 16.91 ? 238 ILE A O   1 
ATOM   374 C CB  . ILE A 1 52  ? -6.749  4.793   0.060   1.00 17.32 ? 238 ILE A CB  1 
ATOM   375 C CG1 . ILE A 1 52  ? -8.018  3.930   -0.091  1.00 13.40 ? 238 ILE A CG1 1 
ATOM   376 C CG2 . ILE A 1 52  ? -5.463  4.031   -0.261  1.00 14.05 ? 238 ILE A CG2 1 
ATOM   377 C CD1 . ILE A 1 52  ? -8.188  3.315   -1.469  1.00 21.45 ? 238 ILE A CD1 1 
ATOM   378 N N   . VAL A 1 53  ? -5.456  7.460   1.080   1.00 16.31 ? 239 VAL A N   1 
ATOM   379 C CA  . VAL A 1 53  ? -4.298  8.346   1.175   1.00 16.19 ? 239 VAL A CA  1 
ATOM   380 C C   . VAL A 1 53  ? -3.997  8.670   2.630   1.00 19.71 ? 239 VAL A C   1 
ATOM   381 O O   . VAL A 1 53  ? -2.835  8.671   3.052   1.00 22.10 ? 239 VAL A O   1 
ATOM   382 C CB  . VAL A 1 53  ? -4.524  9.618   0.335   1.00 20.49 ? 239 VAL A CB  1 
ATOM   383 C CG1 . VAL A 1 53  ? -3.443  10.682  0.633   1.00 20.80 ? 239 VAL A CG1 1 
ATOM   384 C CG2 . VAL A 1 53  ? -4.532  9.244   -1.142  1.00 20.96 ? 239 VAL A CG2 1 
ATOM   385 N N   . ARG A 1 54  ? -5.039  8.906   3.428   1.00 16.77 ? 240 ARG A N   1 
ATOM   386 C CA  . ARG A 1 54  ? -4.838  9.189   4.845   1.00 20.20 ? 240 ARG A CA  1 
ATOM   387 C C   . ARG A 1 54  ? -4.195  8.002   5.552   1.00 19.84 ? 240 ARG A C   1 
ATOM   388 O O   . ARG A 1 54  ? -3.321  8.170   6.414   1.00 21.71 ? 240 ARG A O   1 
ATOM   389 C CB  . ARG A 1 54  ? -6.180  9.543   5.481   1.00 21.01 ? 240 ARG A CB  1 
ATOM   390 C CG  . ARG A 1 54  ? -6.133  9.720   6.977   1.00 24.32 ? 240 ARG A CG  1 
ATOM   391 C CD  . ARG A 1 54  ? -5.401  11.002  7.356   1.00 24.19 ? 240 ARG A CD  1 
ATOM   392 N NE  . ARG A 1 54  ? -5.344  11.163  8.809   1.00 27.52 ? 240 ARG A NE  1 
ATOM   393 C CZ  . ARG A 1 54  ? -4.426  10.580  9.569   1.00 26.08 ? 240 ARG A CZ  1 
ATOM   394 N NH1 . ARG A 1 54  ? -3.498  9.818   9.000   1.00 27.80 ? 240 ARG A NH1 1 
ATOM   395 N NH2 . ARG A 1 54  ? -4.430  10.760  10.882  1.00 25.78 ? 240 ARG A NH2 1 
ATOM   396 N N   . GLU A 1 55  ? -4.601  6.790   5.170   1.00 19.30 ? 241 GLU A N   1 
ATOM   397 C CA  . GLU A 1 55  ? -4.097  5.585   5.807   1.00 17.86 ? 241 GLU A CA  1 
ATOM   398 C C   . GLU A 1 55  ? -2.634  5.339   5.463   1.00 19.66 ? 241 GLU A C   1 
ATOM   399 O O   . GLU A 1 55  ? -1.859  4.899   6.315   1.00 20.16 ? 241 GLU A O   1 
ATOM   400 C CB  . GLU A 1 55  ? -4.962  4.395   5.394   1.00 19.47 ? 241 GLU A CB  1 
ATOM   401 C CG  . GLU A 1 55  ? -6.304  4.365   6.075   1.00 16.52 ? 241 GLU A CG  1 
ATOM   402 C CD  . GLU A 1 55  ? -6.163  4.392   7.589   1.00 23.66 ? 241 GLU A CD  1 
ATOM   403 O OE1 . GLU A 1 55  ? -5.624  3.421   8.151   1.00 22.48 ? 241 GLU A OE1 1 
ATOM   404 O OE2 . GLU A 1 55  ? -6.565  5.401   8.210   1.00 26.83 ? 241 GLU A OE2 1 
ATOM   405 N N   . VAL A 1 56  ? -2.235  5.594   4.216   1.00 18.75 ? 242 VAL A N   1 
ATOM   406 C CA  . VAL A 1 56  ? -0.868  5.254   3.842   1.00 18.18 ? 242 VAL A CA  1 
ATOM   407 C C   . VAL A 1 56  ? 0.135   6.268   4.379   1.00 20.04 ? 242 VAL A C   1 
ATOM   408 O O   . VAL A 1 56  ? 1.331   5.957   4.475   1.00 23.59 ? 242 VAL A O   1 
ATOM   409 C CB  . VAL A 1 56  ? -0.743  5.115   2.320   1.00 15.57 ? 242 VAL A CB  1 
ATOM   410 C CG1 . VAL A 1 56  ? -1.688  4.008   1.789   1.00 14.54 ? 242 VAL A CG1 1 
ATOM   411 C CG2 . VAL A 1 56  ? -1.017  6.439   1.651   1.00 16.84 ? 242 VAL A CG2 1 
ATOM   412 N N   . LYS A 1 57  ? -0.316  7.479   4.716   1.00 20.26 ? 243 LYS A N   1 
ATOM   413 C CA  . LYS A 1 57  ? 0.550   8.439   5.402   1.00 25.54 ? 243 LYS A CA  1 
ATOM   414 C C   . LYS A 1 57  ? 1.102   7.876   6.706   1.00 27.72 ? 243 LYS A C   1 
ATOM   415 O O   . LYS A 1 57  ? 2.181   8.292   7.154   1.00 25.71 ? 243 LYS A O   1 
ATOM   416 C CB  . LYS A 1 57  ? -0.209  9.741   5.694   1.00 23.16 ? 243 LYS A CB  1 
ATOM   417 C CG  . LYS A 1 57  ? -0.719  10.461  4.460   1.00 26.44 ? 243 LYS A CG  1 
ATOM   418 C CD  . LYS A 1 57  ? -0.921  11.957  4.702   1.00 30.49 ? 243 LYS A CD  1 
ATOM   419 C CE  . LYS A 1 57  ? -1.640  12.232  6.010   1.00 37.02 ? 243 LYS A CE  1 
ATOM   420 N NZ  . LYS A 1 57  ? -1.541  13.674  6.405   1.00 45.54 ? 243 LYS A NZ  1 
ATOM   421 N N   . GLU A 1 58  ? 0.372   6.949   7.340   1.00 24.86 ? 244 GLU A N   1 
ATOM   422 C CA  . GLU A 1 58  ? 0.815   6.357   8.596   1.00 26.93 ? 244 GLU A CA  1 
ATOM   423 C C   . GLU A 1 58  ? 1.953   5.368   8.397   1.00 28.71 ? 244 GLU A C   1 
ATOM   424 O O   . GLU A 1 58  ? 2.561   4.937   9.383   1.00 28.41 ? 244 GLU A O   1 
ATOM   425 C CB  . GLU A 1 58  ? -0.358  5.656   9.300   1.00 25.58 ? 244 GLU A CB  1 
ATOM   426 C CG  . GLU A 1 58  ? -1.539  6.571   9.643   1.00 27.18 ? 244 GLU A CG  1 
ATOM   427 C CD  . GLU A 1 58  ? -1.208  7.541   10.770  1.00 38.76 ? 244 GLU A CD  1 
ATOM   428 O OE1 . GLU A 1 58  ? -0.392  7.165   11.639  1.00 41.41 ? 244 GLU A OE1 1 
ATOM   429 O OE2 . GLU A 1 58  ? -1.762  8.670   10.795  1.00 37.06 ? 244 GLU A OE2 1 
ATOM   430 N N   . ILE A 1 59  ? 2.258   5.017   7.158   1.00 22.34 ? 245 ILE A N   1 
ATOM   431 C CA  . ILE A 1 59  ? 3.249   3.975   6.884   1.00 22.77 ? 245 ILE A CA  1 
ATOM   432 C C   . ILE A 1 59  ? 4.632   4.610   6.836   1.00 25.40 ? 245 ILE A C   1 
ATOM   433 O O   . ILE A 1 59  ? 4.812   5.635   6.152   1.00 26.75 ? 245 ILE A O   1 
ATOM   434 C CB  . ILE A 1 59  ? 2.916   3.264   5.574   1.00 23.60 ? 245 ILE A CB  1 
ATOM   435 C CG1 . ILE A 1 59  ? 1.612   2.478   5.731   1.00 24.13 ? 245 ILE A CG1 1 
ATOM   436 C CG2 . ILE A 1 59  ? 4.060   2.361   5.151   1.00 23.18 ? 245 ILE A CG2 1 
ATOM   437 C CD1 . ILE A 1 59  ? 1.171   1.724   4.467   1.00 21.01 ? 245 ILE A CD1 1 
ATOM   438 N N   . PRO A 1 60  ? 5.622   4.044   7.534   1.00 25.35 ? 246 PRO A N   1 
ATOM   439 C CA  . PRO A 1 60  ? 6.965   4.647   7.587   1.00 27.19 ? 246 PRO A CA  1 
ATOM   440 C C   . PRO A 1 60  ? 7.552   4.899   6.207   1.00 29.56 ? 246 PRO A C   1 
ATOM   441 O O   . PRO A 1 60  ? 7.596   4.007   5.356   1.00 28.30 ? 246 PRO A O   1 
ATOM   442 C CB  . PRO A 1 60  ? 7.790   3.605   8.352   1.00 31.96 ? 246 PRO A CB  1 
ATOM   443 C CG  . PRO A 1 60  ? 6.785   2.835   9.167   1.00 32.11 ? 246 PRO A CG  1 
ATOM   444 C CD  . PRO A 1 60  ? 5.523   2.813   8.340   1.00 29.33 ? 246 PRO A CD  1 
ATOM   445 N N   . GLY A 1 61  ? 8.015   6.128   5.991   1.00 26.85 ? 247 GLY A N   1 
ATOM   446 C CA  . GLY A 1 61  ? 8.714   6.472   4.783   1.00 25.33 ? 247 GLY A CA  1 
ATOM   447 C C   . GLY A 1 61  ? 7.850   7.032   3.674   1.00 23.32 ? 247 GLY A C   1 
ATOM   448 O O   . GLY A 1 61  ? 8.373   7.730   2.807   1.00 23.06 ? 247 GLY A O   1 
ATOM   449 N N   . VAL A 1 62  ? 6.537   6.781   3.699   1.00 21.39 ? 248 VAL A N   1 
ATOM   450 C CA  . VAL A 1 62  ? 5.684   7.152   2.570   1.00 26.66 ? 248 VAL A CA  1 
ATOM   451 C C   . VAL A 1 62  ? 5.665   8.667   2.370   1.00 23.70 ? 248 VAL A C   1 
ATOM   452 O O   . VAL A 1 62  ? 5.795   9.158   1.242   1.00 22.50 ? 248 VAL A O   1 
ATOM   453 C CB  . VAL A 1 62  ? 4.263   6.591   2.768   1.00 22.25 ? 248 VAL A CB  1 
ATOM   454 C CG1 . VAL A 1 62  ? 3.323   7.133   1.698   1.00 20.85 ? 248 VAL A CG1 1 
ATOM   455 C CG2 . VAL A 1 62  ? 4.274   5.055   2.752   1.00 23.57 ? 248 VAL A CG2 1 
ATOM   456 N N   . ILE A 1 63  ? 5.524   9.432   3.454   1.00 21.87 ? 249 ILE A N   1 
ATOM   457 C CA  . ILE A 1 63  ? 5.488   10.886  3.329   1.00 22.07 ? 249 ILE A CA  1 
ATOM   458 C C   . ILE A 1 63  ? 6.805   11.415  2.773   1.00 24.19 ? 249 ILE A C   1 
ATOM   459 O O   . ILE A 1 63  ? 6.817   12.254  1.865   1.00 24.60 ? 249 ILE A O   1 
ATOM   460 C CB  . ILE A 1 63  ? 5.135   11.518  4.685   1.00 27.49 ? 249 ILE A CB  1 
ATOM   461 C CG1 . ILE A 1 63  ? 3.638   11.344  4.960   1.00 24.22 ? 249 ILE A CG1 1 
ATOM   462 C CG2 . ILE A 1 63  ? 5.526   12.990  4.721   1.00 24.60 ? 249 ILE A CG2 1 
ATOM   463 C CD1 . ILE A 1 63  ? 3.239   11.526  6.422   1.00 30.79 ? 249 ILE A CD1 1 
ATOM   464 N N   . LYS A 1 64  ? 7.932   10.911  3.280   1.00 23.99 ? 250 LYS A N   1 
ATOM   465 C CA  . LYS A 1 64  ? 9.234   11.395  2.829   1.00 28.51 ? 250 LYS A CA  1 
ATOM   466 C C   . LYS A 1 64  ? 9.444   11.109  1.346   1.00 30.69 ? 250 LYS A C   1 
ATOM   467 O O   . LYS A 1 64  ? 9.875   11.984  0.583   1.00 32.09 ? 250 LYS A O   1 
ATOM   468 C CB  . LYS A 1 64  ? 10.339  10.754  3.671   1.00 31.13 ? 250 LYS A CB  1 
ATOM   469 C CG  . LYS A 1 64  ? 10.216  11.095  5.146   1.00 38.32 ? 250 LYS A CG  1 
ATOM   470 C CD  . LYS A 1 64  ? 11.505  10.823  5.908   1.00 40.45 ? 250 LYS A CD  1 
ATOM   471 C CE  . LYS A 1 64  ? 11.579  11.689  7.156   1.00 41.17 ? 250 LYS A CE  1 
ATOM   472 N NZ  . LYS A 1 64  ? 10.338  11.653  7.989   1.00 44.54 ? 250 LYS A NZ  1 
ATOM   473 N N   . MET A 1 65  ? 9.121   9.887   0.919   1.00 25.35 ? 251 MET A N   1 
ATOM   474 C CA  . MET A 1 65  ? 9.287   9.530   -0.484  1.00 29.08 ? 251 MET A CA  1 
ATOM   475 C C   . MET A 1 65  ? 8.375   10.361  -1.374  1.00 29.54 ? 251 MET A C   1 
ATOM   476 O O   . MET A 1 65  ? 8.806   10.866  -2.417  1.00 33.35 ? 251 MET A O   1 
ATOM   477 C CB  . MET A 1 65  ? 9.022   8.037   -0.664  1.00 25.48 ? 251 MET A CB  1 
ATOM   478 C CG  . MET A 1 65  ? 10.154  7.189   -0.131  1.00 28.00 ? 251 MET A CG  1 
ATOM   479 S SD  . MET A 1 65  ? 9.958   5.420   -0.380  1.00 31.00 ? 251 MET A SD  1 
ATOM   480 C CE  . MET A 1 65  ? 8.712   5.057   0.847   1.00 30.22 ? 251 MET A CE  1 
ATOM   481 N N   . ALA A 1 66  ? 7.108   10.508  -0.978  1.00 25.84 ? 252 ALA A N   1 
ATOM   482 C CA  . ALA A 1 66  ? 6.192   11.361  -1.723  1.00 26.04 ? 252 ALA A CA  1 
ATOM   483 C C   . ALA A 1 66  ? 6.732   12.783  -1.819  1.00 33.51 ? 252 ALA A C   1 
ATOM   484 O O   . ALA A 1 66  ? 6.685   13.404  -2.891  1.00 29.45 ? 252 ALA A O   1 
ATOM   485 C CB  . ALA A 1 66  ? 4.817   11.341  -1.060  1.00 26.58 ? 252 ALA A CB  1 
ATOM   486 N N   . LYS A 1 67  ? 7.273   13.301  -0.709  1.00 32.08 ? 253 LYS A N   1 
ATOM   487 C CA  . LYS A 1 67  ? 7.854   14.641  -0.695  1.00 34.18 ? 253 LYS A CA  1 
ATOM   488 C C   . LYS A 1 67  ? 8.905   14.806  -1.787  1.00 32.02 ? 253 LYS A C   1 
ATOM   489 O O   . LYS A 1 67  ? 8.926   15.823  -2.488  1.00 36.17 ? 253 LYS A O   1 
ATOM   490 C CB  . LYS A 1 67  ? 8.451   14.923  0.689   1.00 33.45 ? 253 LYS A CB  1 
ATOM   491 C CG  . LYS A 1 67  ? 9.130   16.274  0.827   1.00 42.47 ? 253 LYS A CG  1 
ATOM   492 C CD  . LYS A 1 67  ? 9.793   16.403  2.201   1.00 46.61 ? 253 LYS A CD  1 
ATOM   493 C CE  . LYS A 1 67  ? 11.060  15.549  2.315   1.00 43.94 ? 253 LYS A CE  1 
ATOM   494 N NZ  . LYS A 1 67  ? 12.275  16.227  1.771   1.00 45.57 ? 253 LYS A NZ  1 
ATOM   495 N N   . ASP A 1 68  ? 9.772   13.811  -1.960  1.00 35.18 ? 254 ASP A N   1 
ATOM   496 C CA  . ASP A 1 68  ? 10.805  13.831  -2.987  1.00 34.94 ? 254 ASP A CA  1 
ATOM   497 C C   . ASP A 1 68  ? 10.295  13.430  -4.365  1.00 33.04 ? 254 ASP A C   1 
ATOM   498 O O   . ASP A 1 68  ? 11.112  13.177  -5.253  1.00 33.91 ? 254 ASP A O   1 
ATOM   499 C CB  . ASP A 1 68  ? 11.965  12.913  -2.597  1.00 36.20 ? 254 ASP A CB  1 
ATOM   500 C CG  . ASP A 1 68  ? 12.651  13.353  -1.322  1.00 40.78 ? 254 ASP A CG  1 
ATOM   501 O OD1 . ASP A 1 68  ? 13.170  12.475  -0.595  1.00 48.31 ? 254 ASP A OD1 1 
ATOM   502 O OD2 . ASP A 1 68  ? 12.651  14.571  -1.034  1.00 43.85 ? 254 ASP A OD2 1 
ATOM   503 N N   . GLY A 1 69  ? 8.982   13.355  -4.573  1.00 34.99 ? 255 GLY A N   1 
ATOM   504 C CA  . GLY A 1 69  ? 8.467   12.904  -5.853  1.00 26.55 ? 255 GLY A CA  1 
ATOM   505 C C   . GLY A 1 69  ? 8.928   11.520  -6.250  1.00 31.06 ? 255 GLY A C   1 
ATOM   506 O O   . GLY A 1 69  ? 9.000   11.214  -7.444  1.00 30.83 ? 255 GLY A O   1 
ATOM   507 N N   . MET A 1 70  ? 9.241   10.669  -5.280  1.00 29.70 ? 256 MET A N   1 
ATOM   508 C CA  . MET A 1 70  ? 9.677   9.317   -5.571  1.00 28.96 ? 256 MET A CA  1 
ATOM   509 C C   . MET A 1 70  ? 8.494   8.433   -5.946  1.00 25.40 ? 256 MET A C   1 
ATOM   510 O O   . MET A 1 70  ? 7.350   8.701   -5.574  1.00 23.35 ? 256 MET A O   1 
ATOM   511 C CB  . MET A 1 70  ? 10.383  8.739   -4.353  1.00 34.16 ? 256 MET A CB  1 
ATOM   512 C CG  . MET A 1 70  ? 11.434  7.702   -4.635  1.00 38.05 ? 256 MET A CG  1 
ATOM   513 S SD  . MET A 1 70  ? 12.351  7.462   -3.101  1.00 54.39 ? 256 MET A SD  1 
ATOM   514 C CE  . MET A 1 70  ? 12.315  9.140   -2.468  1.00 37.08 ? 256 MET A CE  1 
ATOM   515 N N   . LYS A 1 71  ? 8.785   7.366   -6.693  1.00 23.51 ? 257 LYS A N   1 
ATOM   516 C CA  . LYS A 1 71  ? 7.796   6.324   -6.931  1.00 26.85 ? 257 LYS A CA  1 
ATOM   517 C C   . LYS A 1 71  ? 7.540   5.555   -5.637  1.00 22.42 ? 257 LYS A C   1 
ATOM   518 O O   . LYS A 1 71  ? 8.483   5.138   -4.960  1.00 22.93 ? 257 LYS A O   1 
ATOM   519 C CB  . LYS A 1 71  ? 8.277   5.371   -8.030  1.00 28.48 ? 257 LYS A CB  1 
ATOM   520 C CG  . LYS A 1 71  ? 8.465   6.040   -9.384  1.00 38.22 ? 257 LYS A CG  1 
ATOM   521 C CD  . LYS A 1 71  ? 7.659   5.334   -10.462 1.00 35.33 ? 257 LYS A CD  1 
ATOM   522 C CE  . LYS A 1 71  ? 7.470   6.237   -11.676 1.00 46.55 ? 257 LYS A CE  1 
ATOM   523 N NZ  . LYS A 1 71  ? 6.708   5.579   -12.779 1.00 48.16 ? 257 LYS A NZ  1 
ATOM   524 N N   . LEU A 1 72  ? 6.210   5.347   -5.285  1.00 22.57 ? 258 LEU A N   1 
ATOM   525 C CA  . LEU A 1 72  ? 5.961   4.866   -3.930  1.00 22.75 ? 258 LEU A CA  1 
ATOM   526 C C   . LEU A 1 72  ? 5.837   3.345   -3.902  1.00 23.52 ? 258 LEU A C   1 
ATOM   527 O O   . LEU A 1 72  ? 5.478   2.726   -4.909  1.00 19.77 ? 258 LEU A O   1 
ATOM   528 C CB  . LEU A 1 72  ? 4.679   5.496   -3.364  1.00 20.19 ? 258 LEU A CB  1 
ATOM   529 C CG  . LEU A 1 72  ? 4.693   7.025   -3.232  1.00 21.35 ? 258 LEU A CG  1 
ATOM   530 C CD1 . LEU A 1 72  ? 3.288   7.620   -3.020  1.00 20.97 ? 258 LEU A CD1 1 
ATOM   531 C CD2 . LEU A 1 72  ? 5.618   7.431   -2.107  1.00 24.84 ? 258 LEU A CD2 1 
ATOM   532 N N   . PRO A 1 73  ? 6.104   2.700   -2.741  1.00 21.75 ? 259 PRO A N   1 
ATOM   533 C CA  . PRO A 1 73  ? 5.963   1.234   -2.682  1.00 19.62 ? 259 PRO A CA  1 
ATOM   534 C C   . PRO A 1 73  ? 4.483   0.883   -2.541  1.00 18.78 ? 259 PRO A C   1 
ATOM   535 O O   . PRO A 1 73  ? 3.947   0.621   -1.447  1.00 15.97 ? 259 PRO A O   1 
ATOM   536 C CB  . PRO A 1 73  ? 6.784   0.869   -1.444  1.00 23.60 ? 259 PRO A CB  1 
ATOM   537 C CG  . PRO A 1 73  ? 6.565   2.028   -0.523  1.00 21.98 ? 259 PRO A CG  1 
ATOM   538 C CD  . PRO A 1 73  ? 6.381   3.266   -1.408  1.00 19.76 ? 259 PRO A CD  1 
ATOM   539 N N   . LEU A 1 74  ? 3.792   0.884   -3.685  1.00 15.50 ? 260 LEU A N   1 
ATOM   540 C CA  . LEU A 1 74  ? 2.336   0.758   -3.668  1.00 16.91 ? 260 LEU A CA  1 
ATOM   541 C C   . LEU A 1 74  ? 1.891   -0.604  -3.149  1.00 17.42 ? 260 LEU A C   1 
ATOM   542 O O   . LEU A 1 74  ? 0.862   -0.701  -2.475  1.00 15.41 ? 260 LEU A O   1 
ATOM   543 C CB  . LEU A 1 74  ? 1.769   0.999   -5.063  1.00 17.37 ? 260 LEU A CB  1 
ATOM   544 C CG  . LEU A 1 74  ? 1.960   2.435   -5.557  1.00 19.07 ? 260 LEU A CG  1 
ATOM   545 C CD1 . LEU A 1 74  ? 1.329   2.644   -6.936  1.00 26.84 ? 260 LEU A CD1 1 
ATOM   546 C CD2 . LEU A 1 74  ? 1.395   3.409   -4.524  1.00 21.11 ? 260 LEU A CD2 1 
ATOM   547 N N   . ARG A 1 75  ? 2.632   -1.668  -3.476  1.00 18.72 ? 261 ARG A N   1 
ATOM   548 C CA  . ARG A 1 75  ? 2.246   -3.000  -3.009  1.00 20.55 ? 261 ARG A CA  1 
ATOM   549 C C   . ARG A 1 75  ? 2.292   -3.062  -1.488  1.00 17.83 ? 261 ARG A C   1 
ATOM   550 O O   . ARG A 1 75  ? 1.339   -3.513  -0.833  1.00 17.43 ? 261 ARG A O   1 
ATOM   551 C CB  . ARG A 1 75  ? 3.173   -4.061  -3.618  1.00 19.76 ? 261 ARG A CB  1 
ATOM   552 C CG  . ARG A 1 75  ? 2.750   -5.515  -3.343  1.00 17.35 ? 261 ARG A CG  1 
ATOM   553 C CD  . ARG A 1 75  ? 3.445   -6.086  -2.094  1.00 24.94 ? 261 ARG A CD  1 
ATOM   554 N NE  . ARG A 1 75  ? 4.890   -6.250  -2.270  1.00 23.34 ? 261 ARG A NE  1 
ATOM   555 C CZ  . ARG A 1 75  ? 5.461   -7.264  -2.923  1.00 29.14 ? 261 ARG A CZ  1 
ATOM   556 N NH1 . ARG A 1 75  ? 4.715   -8.220  -3.486  1.00 21.59 ? 261 ARG A NH1 1 
ATOM   557 N NH2 . ARG A 1 75  ? 6.789   -7.320  -3.015  1.00 24.25 ? 261 ARG A NH2 1 
ATOM   558 N N   . CYS A 1 76  ? 3.410   -2.611  -0.917  1.00 17.78 ? 262 CYS A N   1 
ATOM   559 C CA  . CYS A 1 76  ? 3.544   -2.518  0.531   1.00 20.79 ? 262 CYS A CA  1 
ATOM   560 C C   . CYS A 1 76  ? 2.414   -1.686  1.131   1.00 17.40 ? 262 CYS A C   1 
ATOM   561 O O   . CYS A 1 76  ? 1.796   -2.084  2.125   1.00 16.62 ? 262 CYS A O   1 
ATOM   562 C CB  . CYS A 1 76  ? 4.908   -1.918  0.882   1.00 21.39 ? 262 CYS A CB  1 
ATOM   563 S SG  . CYS A 1 76  ? 5.084   -1.484  2.632   1.00 27.57 ? 262 CYS A SG  1 
ATOM   564 N N   . MET A 1 77  ? 2.108   -0.538  0.516   1.00 18.89 ? 263 MET A N   1 
ATOM   565 C CA  . MET A 1 77  ? 1.081   0.356   1.055   1.00 17.58 ? 263 MET A CA  1 
ATOM   566 C C   . MET A 1 77  ? -0.290  -0.289  0.968   1.00 16.98 ? 263 MET A C   1 
ATOM   567 O O   . MET A 1 77  ? -1.084  -0.228  1.915   1.00 18.28 ? 263 MET A O   1 
ATOM   568 C CB  . MET A 1 77  ? 1.091   1.694   0.308   1.00 13.71 ? 263 MET A CB  1 
ATOM   569 C CG  . MET A 1 77  ? 2.275   2.573   0.607   1.00 17.02 ? 263 MET A CG  1 
ATOM   570 S SD  . MET A 1 77  ? 2.736   3.579   -0.811  1.00 18.35 ? 263 MET A SD  1 
ATOM   571 C CE  . MET A 1 77  ? 1.375   4.721   -0.919  1.00 16.58 ? 263 MET A CE  1 
ATOM   572 N N   . LEU A 1 78  ? -0.583  -0.921  -0.168  1.00 16.07 ? 264 LEU A N   1 
ATOM   573 C CA  . LEU A 1 78  ? -1.806  -1.693  -0.279  1.00 14.28 ? 264 LEU A CA  1 
ATOM   574 C C   . LEU A 1 78  ? -1.850  -2.754  0.805   1.00 16.04 ? 264 LEU A C   1 
ATOM   575 O O   . LEU A 1 78  ? -2.862  -2.899  1.493   1.00 17.01 ? 264 LEU A O   1 
ATOM   576 C CB  . LEU A 1 78  ? -1.906  -2.319  -1.670  1.00 15.68 ? 264 LEU A CB  1 
ATOM   577 C CG  . LEU A 1 78  ? -3.168  -3.149  -1.909  1.00 17.51 ? 264 LEU A CG  1 
ATOM   578 C CD1 . LEU A 1 78  ? -4.411  -2.323  -1.536  1.00 14.90 ? 264 LEU A CD1 1 
ATOM   579 C CD2 . LEU A 1 78  ? -3.185  -3.601  -3.378  1.00 13.15 ? 264 LEU A CD2 1 
ATOM   580 N N   . GLY A 1 79  ? -0.736  -3.463  1.011   1.00 14.39 ? 265 GLY A N   1 
ATOM   581 C CA  . GLY A 1 79  ? -0.708  -4.507  2.016   1.00 14.95 ? 265 GLY A CA  1 
ATOM   582 C C   . GLY A 1 79  ? -1.015  -3.995  3.408   1.00 16.30 ? 265 GLY A C   1 
ATOM   583 O O   . GLY A 1 79  ? -1.676  -4.680  4.190   1.00 16.55 ? 265 GLY A O   1 
ATOM   584 N N   . GLY A 1 80  ? -0.555  -2.784  3.728   1.00 15.24 ? 266 GLY A N   1 
ATOM   585 C CA  . GLY A 1 80  ? -0.825  -2.219  5.045   1.00 16.97 ? 266 GLY A CA  1 
ATOM   586 C C   . GLY A 1 80  ? -2.284  -1.853  5.230   1.00 19.41 ? 266 GLY A C   1 
ATOM   587 O O   . GLY A 1 80  ? -2.920  -2.247  6.220   1.00 16.65 ? 266 GLY A O   1 
ATOM   588 N N   . VAL A 1 81  ? -2.849  -1.115  4.267   1.00 16.60 ? 267 VAL A N   1 
ATOM   589 C CA  . VAL A 1 81  ? -4.236  -0.687  4.401   1.00 16.53 ? 267 VAL A CA  1 
ATOM   590 C C   . VAL A 1 81  ? -5.156  -1.896  4.387   1.00 17.18 ? 267 VAL A C   1 
ATOM   591 O O   . VAL A 1 81  ? -6.080  -2.002  5.201   1.00 17.85 ? 267 VAL A O   1 
ATOM   592 C CB  . VAL A 1 81  ? -4.611  0.315   3.298   1.00 15.97 ? 267 VAL A CB  1 
ATOM   593 C CG1 . VAL A 1 81  ? -6.072  0.700   3.426   1.00 17.90 ? 267 VAL A CG1 1 
ATOM   594 C CG2 . VAL A 1 81  ? -3.731  1.551   3.394   1.00 19.10 ? 267 VAL A CG2 1 
ATOM   595 N N   . ALA A 1 82  ? -4.916  -2.828  3.460   1.00 15.30 ? 268 ALA A N   1 
ATOM   596 C CA  . ALA A 1 82  ? -5.775  -4.000  3.340   1.00 16.35 ? 268 ALA A CA  1 
ATOM   597 C C   . ALA A 1 82  ? -5.728  -4.861  4.592   1.00 15.47 ? 268 ALA A C   1 
ATOM   598 O O   . ALA A 1 82  ? -6.766  -5.359  5.038   1.00 18.78 ? 268 ALA A O   1 
ATOM   599 C CB  . ALA A 1 82  ? -5.369  -4.833  2.118   1.00 17.22 ? 268 ALA A CB  1 
ATOM   600 N N   . SER A 1 83  ? -4.535  -5.055  5.167   1.00 14.52 ? 269 SER A N   1 
ATOM   601 C CA  . SER A 1 83  ? -4.424  -5.943  6.321   1.00 18.63 ? 269 SER A CA  1 
ATOM   602 C C   . SER A 1 83  ? -5.076  -5.339  7.550   1.00 21.11 ? 269 SER A C   1 
ATOM   603 O O   . SER A 1 83  ? -5.452  -6.070  8.473   1.00 18.99 ? 269 SER A O   1 
ATOM   604 C CB  . SER A 1 83  ? -2.963  -6.260  6.634   1.00 19.69 ? 269 SER A CB  1 
ATOM   605 O OG  . SER A 1 83  ? -2.245  -5.076  6.929   1.00 23.57 ? 269 SER A OG  1 
ATOM   606 N N   . THR A 1 84  ? -5.234  -4.024  7.561   1.00 16.11 ? 270 THR A N   1 
ATOM   607 C CA  . THR A 1 84  ? -5.949  -3.333  8.620   1.00 19.93 ? 270 THR A CA  1 
ATOM   608 C C   . THR A 1 84  ? -7.457  -3.309  8.395   1.00 19.44 ? 270 THR A C   1 
ATOM   609 O O   . THR A 1 84  ? -8.220  -3.510  9.344   1.00 18.64 ? 270 THR A O   1 
ATOM   610 C CB  . THR A 1 84  ? -5.408  -1.908  8.730   1.00 20.24 ? 270 THR A CB  1 
ATOM   611 O OG1 . THR A 1 84  ? -4.037  -1.984  9.122   1.00 22.03 ? 270 THR A OG1 1 
ATOM   612 C CG2 . THR A 1 84  ? -6.192  -1.094  9.778   1.00 20.67 ? 270 THR A CG2 1 
ATOM   613 N N   . HIS A 1 85  ? -7.918  -3.097  7.152   1.00 17.72 ? 271 HIS A N   1 
ATOM   614 C CA  . HIS A 1 85  ? -9.305  -2.713  6.913   1.00 18.60 ? 271 HIS A CA  1 
ATOM   615 C C   . HIS A 1 85  ? -10.170 -3.726  6.169   1.00 21.68 ? 271 HIS A C   1 
ATOM   616 O O   . HIS A 1 85  ? -11.392 -3.540  6.114   1.00 22.11 ? 271 HIS A O   1 
ATOM   617 C CB  . HIS A 1 85  ? -9.344  -1.407  6.113   1.00 22.77 ? 271 HIS A CB  1 
ATOM   618 C CG  . HIS A 1 85  ? -8.855  -0.232  6.889   1.00 21.31 ? 271 HIS A CG  1 
ATOM   619 N ND1 . HIS A 1 85  ? -9.608  0.369   7.871   1.00 22.23 ? 271 HIS A ND1 1 
ATOM   620 C CD2 . HIS A 1 85  ? -7.681  0.438   6.844   1.00 20.68 ? 271 HIS A CD2 1 
ATOM   621 C CE1 . HIS A 1 85  ? -8.922  1.371   8.393   1.00 22.71 ? 271 HIS A CE1 1 
ATOM   622 N NE2 . HIS A 1 85  ? -7.745  1.429   7.796   1.00 24.53 ? 271 HIS A NE2 1 
ATOM   623 N N   . SER A 1 86  ? -9.595  -4.749  5.558   1.00 16.95 ? 272 SER A N   1 
ATOM   624 C CA  . SER A 1 86  ? -10.358 -5.663  4.716   1.00 15.87 ? 272 SER A CA  1 
ATOM   625 C C   . SER A 1 86  ? -10.293 -7.064  5.311   1.00 17.99 ? 272 SER A C   1 
ATOM   626 O O   . SER A 1 86  ? -9.245  -7.719  5.260   1.00 17.82 ? 272 SER A O   1 
ATOM   627 C CB  . SER A 1 86  ? -9.809  -5.653  3.293   1.00 16.20 ? 272 SER A CB  1 
ATOM   628 O OG  . SER A 1 86  ? -10.209 -6.811  2.610   1.00 15.99 ? 272 SER A OG  1 
ATOM   629 N N   . ARG A 1 87  ? -11.409 -7.534  5.864   1.00 16.24 ? 273 ARG A N   1 
ATOM   630 C CA  . ARG A 1 87  ? -11.389 -8.879  6.432   1.00 21.46 ? 273 ARG A CA  1 
ATOM   631 C C   . ARG A 1 87  ? -11.184 -9.932  5.345   1.00 19.21 ? 273 ARG A C   1 
ATOM   632 O O   . ARG A 1 87  ? -10.546 -10.964 5.587   1.00 22.01 ? 273 ARG A O   1 
ATOM   633 C CB  . ARG A 1 87  ? -12.668 -9.137  7.231   1.00 27.25 ? 273 ARG A CB  1 
ATOM   634 C CG  . ARG A 1 87  ? -12.417 -9.070  8.739   1.00 37.04 ? 273 ARG A CG  1 
ATOM   635 C CD  . ARG A 1 87  ? -13.668 -9.263  9.576   1.00 42.67 ? 273 ARG A CD  1 
ATOM   636 N NE  . ARG A 1 87  ? -14.143 -8.003  10.144  1.00 46.86 ? 273 ARG A NE  1 
ATOM   637 C CZ  . ARG A 1 87  ? -15.094 -7.914  11.069  1.00 48.06 ? 273 ARG A CZ  1 
ATOM   638 N NH1 . ARG A 1 87  ? -15.668 -9.015  11.555  1.00 40.85 ? 273 ARG A NH1 1 
ATOM   639 N NH2 . ARG A 1 87  ? -15.465 -6.726  11.524  1.00 52.82 ? 273 ARG A NH2 1 
ATOM   640 N N   . ARG A 1 88  ? -11.681 -9.669  4.137   1.00 17.50 ? 274 ARG A N   1 
ATOM   641 C CA  . ARG A 1 88  ? -11.364 -10.505 2.986   1.00 18.23 ? 274 ARG A CA  1 
ATOM   642 C C   . ARG A 1 88  ? -9.853  -10.646 2.810   1.00 18.11 ? 274 ARG A C   1 
ATOM   643 O O   . ARG A 1 88  ? -9.310  -11.756 2.795   1.00 16.94 ? 274 ARG A O   1 
ATOM   644 C CB  . ARG A 1 88  ? -12.006 -9.888  1.744   1.00 18.68 ? 274 ARG A CB  1 
ATOM   645 C CG  . ARG A 1 88  ? -11.810 -10.648 0.470   1.00 22.88 ? 274 ARG A CG  1 
ATOM   646 C CD  . ARG A 1 88  ? -13.088 -10.500 -0.336  1.00 28.83 ? 274 ARG A CD  1 
ATOM   647 N NE  . ARG A 1 88  ? -12.865 -10.448 -1.769  1.00 30.49 ? 274 ARG A NE  1 
ATOM   648 C CZ  . ARG A 1 88  ? -13.187 -9.397  -2.517  1.00 35.80 ? 274 ARG A CZ  1 
ATOM   649 N NH1 . ARG A 1 88  ? -13.725 -8.318  -1.946  1.00 34.71 ? 274 ARG A NH1 1 
ATOM   650 N NH2 . ARG A 1 88  ? -12.970 -9.418  -3.819  1.00 29.66 ? 274 ARG A NH2 1 
ATOM   651 N N   . PHE A 1 89  ? -9.154  -9.518  2.676   1.00 16.65 ? 275 PHE A N   1 
ATOM   652 C CA  . PHE A 1 89  ? -7.702  -9.573  2.547   1.00 17.72 ? 275 PHE A CA  1 
ATOM   653 C C   . PHE A 1 89  ? -7.074  -10.259 3.757   1.00 16.87 ? 275 PHE A C   1 
ATOM   654 O O   . PHE A 1 89  ? -6.163  -11.082 3.618   1.00 16.13 ? 275 PHE A O   1 
ATOM   655 C CB  . PHE A 1 89  ? -7.139  -8.158  2.362   1.00 15.07 ? 275 PHE A CB  1 
ATOM   656 C CG  . PHE A 1 89  ? -5.657  -8.127  2.149   1.00 16.43 ? 275 PHE A CG  1 
ATOM   657 C CD1 . PHE A 1 89  ? -4.787  -8.129  3.234   1.00 15.97 ? 275 PHE A CD1 1 
ATOM   658 C CD2 . PHE A 1 89  ? -5.125  -8.081  0.862   1.00 15.62 ? 275 PHE A CD2 1 
ATOM   659 C CE1 . PHE A 1 89  ? -3.411  -8.098  3.044   1.00 16.81 ? 275 PHE A CE1 1 
ATOM   660 C CE2 . PHE A 1 89  ? -3.745  -8.052  0.666   1.00 17.33 ? 275 PHE A CE2 1 
ATOM   661 C CZ  . PHE A 1 89  ? -2.891  -8.061  1.750   1.00 15.88 ? 275 PHE A CZ  1 
ATOM   662 N N   . GLN A 1 90  ? -7.581  -9.971  4.953   1.00 18.18 ? 276 GLN A N   1 
ATOM   663 C CA  . GLN A 1 90  ? -7.028  -10.587 6.155   1.00 18.95 ? 276 GLN A CA  1 
ATOM   664 C C   . GLN A 1 90  ? -7.116  -12.109 6.103   1.00 16.98 ? 276 GLN A C   1 
ATOM   665 O O   . GLN A 1 90  ? -6.214  -12.808 6.574   1.00 19.99 ? 276 GLN A O   1 
ATOM   666 C CB  . GLN A 1 90  ? -7.758  -10.064 7.383   1.00 18.57 ? 276 GLN A CB  1 
ATOM   667 C CG  . GLN A 1 90  ? -7.356  -8.650  7.767   1.00 19.30 ? 276 GLN A CG  1 
ATOM   668 C CD  . GLN A 1 90  ? -8.229  -8.119  8.875   1.00 21.77 ? 276 GLN A CD  1 
ATOM   669 O OE1 . GLN A 1 90  ? -9.328  -8.627  9.100   1.00 25.25 ? 276 GLN A OE1 1 
ATOM   670 N NE2 . GLN A 1 90  ? -7.751  -7.097  9.576   1.00 24.39 ? 276 GLN A NE2 1 
ATOM   671 N N   . ILE A 1 91  ? -8.207  -12.638 5.564   1.00 17.71 ? 277 ILE A N   1 
ATOM   672 C CA  . ILE A 1 91  ? -8.371  -14.087 5.511   1.00 18.02 ? 277 ILE A CA  1 
ATOM   673 C C   . ILE A 1 91  ? -7.532  -14.689 4.398   1.00 21.19 ? 277 ILE A C   1 
ATOM   674 O O   . ILE A 1 91  ? -7.024  -15.808 4.538   1.00 19.66 ? 277 ILE A O   1 
ATOM   675 C CB  . ILE A 1 91  ? -9.860  -14.426 5.360   1.00 18.81 ? 277 ILE A CB  1 
ATOM   676 C CG1 . ILE A 1 91  ? -10.556 -14.128 6.689   1.00 20.08 ? 277 ILE A CG1 1 
ATOM   677 C CG2 . ILE A 1 91  ? -10.068 -15.894 4.976   1.00 21.44 ? 277 ILE A CG2 1 
ATOM   678 C CD1 . ILE A 1 91  ? -11.971 -13.754 6.520   1.00 22.37 ? 277 ILE A CD1 1 
ATOM   679 N N   . LEU A 1 92  ? -7.348  -13.952 3.298   1.00 17.63 ? 278 LEU A N   1 
ATOM   680 C CA  . LEU A 1 92  ? -6.598  -14.469 2.163   1.00 17.46 ? 278 LEU A CA  1 
ATOM   681 C C   . LEU A 1 92  ? -5.109  -14.536 2.454   1.00 18.71 ? 278 LEU A C   1 
ATOM   682 O O   . LEU A 1 92  ? -4.412  -15.390 1.900   1.00 19.28 ? 278 LEU A O   1 
ATOM   683 C CB  . LEU A 1 92  ? -6.830  -13.589 0.932   1.00 17.04 ? 278 LEU A CB  1 
ATOM   684 C CG  . LEU A 1 92  ? -8.203  -13.671 0.277   1.00 17.30 ? 278 LEU A CG  1 
ATOM   685 C CD1 . LEU A 1 92  ? -8.460  -12.406 -0.540  1.00 18.50 ? 278 LEU A CD1 1 
ATOM   686 C CD2 . LEU A 1 92  ? -8.264  -14.929 -0.591  1.00 18.65 ? 278 LEU A CD2 1 
ATOM   687 N N   . VAL A 1 93  ? -4.615  -13.651 3.305   1.00 17.46 ? 279 VAL A N   1 
ATOM   688 C CA  . VAL A 1 93  ? -3.191  -13.365 3.414   1.00 19.83 ? 279 VAL A CA  1 
ATOM   689 C C   . VAL A 1 93  ? -2.572  -14.192 4.531   1.00 20.21 ? 279 VAL A C   1 
ATOM   690 O O   . VAL A 1 93  ? -3.246  -14.624 5.474   1.00 20.89 ? 279 VAL A O   1 
ATOM   691 C CB  . VAL A 1 93  ? -2.948  -11.855 3.641   1.00 18.23 ? 279 VAL A CB  1 
ATOM   692 C CG1 . VAL A 1 93  ? -3.112  -11.490 5.117   1.00 17.83 ? 279 VAL A CG1 1 
ATOM   693 C CG2 . VAL A 1 93  ? -1.582  -11.457 3.123   1.00 18.47 ? 279 VAL A CG2 1 
ATOM   694 N N   . ASN A 1 94  ? -1.267  -14.434 4.388   1.00 21.40 ? 280 ASN A N   1 
ATOM   695 C CA  . ASN A 1 94  ? -0.433  -14.949 5.465   1.00 22.74 ? 280 ASN A CA  1 
ATOM   696 C C   . ASN A 1 94  ? 0.135   -13.736 6.191   1.00 25.36 ? 280 ASN A C   1 
ATOM   697 O O   . ASN A 1 94  ? 0.991   -13.034 5.627   1.00 23.27 ? 280 ASN A O   1 
ATOM   698 C CB  . ASN A 1 94  ? 0.685   -15.820 4.897   1.00 25.96 ? 280 ASN A CB  1 
ATOM   699 C CG  . ASN A 1 94  ? 1.536   -16.485 5.979   1.00 27.63 ? 280 ASN A CG  1 
ATOM   700 O OD1 . ASN A 1 94  ? 2.077   -15.825 6.868   1.00 26.08 ? 280 ASN A OD1 1 
ATOM   701 N ND2 . ASN A 1 94  ? 1.674   -17.800 5.883   1.00 27.28 ? 280 ASN A ND2 1 
ATOM   702 N N   . PRO A 1 95  ? -0.325  -13.420 7.404   1.00 26.40 ? 281 PRO A N   1 
ATOM   703 C CA  . PRO A 1 95  ? 0.084   -12.138 7.995   1.00 26.99 ? 281 PRO A CA  1 
ATOM   704 C C   . PRO A 1 95  ? 1.569   -12.092 8.288   1.00 26.90 ? 281 PRO A C   1 
ATOM   705 O O   . PRO A 1 95  ? 2.206   -11.056 8.066   1.00 27.33 ? 281 PRO A O   1 
ATOM   706 C CB  . PRO A 1 95  ? -0.772  -12.044 9.265   1.00 30.67 ? 281 PRO A CB  1 
ATOM   707 C CG  . PRO A 1 95  ? -1.112  -13.445 9.613   1.00 28.93 ? 281 PRO A CG  1 
ATOM   708 C CD  . PRO A 1 95  ? -1.120  -14.246 8.328   1.00 26.23 ? 281 PRO A CD  1 
ATOM   709 N N   . GLU A 1 96  ? 2.142   -13.212 8.739   1.00 28.92 ? 282 GLU A N   1 
ATOM   710 C CA  . GLU A 1 96  ? 3.576   -13.292 9.005   1.00 27.56 ? 282 GLU A CA  1 
ATOM   711 C C   . GLU A 1 96  ? 4.391   -12.951 7.765   1.00 27.17 ? 282 GLU A C   1 
ATOM   712 O O   . GLU A 1 96  ? 5.297   -12.106 7.813   1.00 28.06 ? 282 GLU A O   1 
ATOM   713 C CB  . GLU A 1 96  ? 3.933   -14.700 9.492   1.00 29.99 ? 282 GLU A CB  1 
ATOM   714 C CG  . GLU A 1 96  ? 4.065   -14.859 10.992  1.00 41.21 ? 282 GLU A CG  1 
ATOM   715 C CD  . GLU A 1 96  ? 2.735   -14.765 11.719  1.00 47.73 ? 282 GLU A CD  1 
ATOM   716 O OE1 . GLU A 1 96  ? 1.683   -14.926 11.063  1.00 49.20 ? 282 GLU A OE1 1 
ATOM   717 O OE2 . GLU A 1 96  ? 2.739   -14.544 12.951  1.00 52.37 ? 282 GLU A OE2 1 
ATOM   718 N N   . LYS A 1 97  ? 4.097   -13.615 6.647   1.00 22.26 ? 283 LYS A N   1 
ATOM   719 C CA  . LYS A 1 97  ? 4.840   -13.350 5.420   1.00 25.99 ? 283 LYS A CA  1 
ATOM   720 C C   . LYS A 1 97  ? 4.608   -11.923 4.924   1.00 25.75 ? 283 LYS A C   1 
ATOM   721 O O   . LYS A 1 97  ? 5.550   -11.260 4.465   1.00 28.17 ? 283 LYS A O   1 
ATOM   722 C CB  . LYS A 1 97  ? 4.466   -14.373 4.353   1.00 25.09 ? 283 LYS A CB  1 
ATOM   723 C CG  . LYS A 1 97  ? 4.901   -15.789 4.714   1.00 29.32 ? 283 LYS A CG  1 
ATOM   724 C CD  . LYS A 1 97  ? 4.230   -16.813 3.834   1.00 32.22 ? 283 LYS A CD  1 
ATOM   725 C CE  . LYS A 1 97  ? 5.169   -17.327 2.770   1.00 38.02 ? 283 LYS A CE  1 
ATOM   726 N NZ  . LYS A 1 97  ? 4.917   -18.780 2.556   1.00 40.31 ? 283 LYS A NZ  1 
ATOM   727 N N   . LEU A 1 98  ? 3.377   -11.421 5.055   1.00 22.27 ? 284 LEU A N   1 
ATOM   728 C CA  . LEU A 1 98  ? 3.074   -10.046 4.655   1.00 24.58 ? 284 LEU A CA  1 
ATOM   729 C C   . LEU A 1 98  ? 3.930   -9.033  5.409   1.00 25.15 ? 284 LEU A C   1 
ATOM   730 O O   . LEU A 1 98  ? 4.426   -8.070  4.814   1.00 24.14 ? 284 LEU A O   1 
ATOM   731 C CB  . LEU A 1 98  ? 1.592   -9.733  4.887   1.00 22.65 ? 284 LEU A CB  1 
ATOM   732 C CG  . LEU A 1 98  ? 1.220   -8.265  4.624   1.00 21.77 ? 284 LEU A CG  1 
ATOM   733 C CD1 . LEU A 1 98  ? 1.383   -7.948  3.144   1.00 21.25 ? 284 LEU A CD1 1 
ATOM   734 C CD2 . LEU A 1 98  ? -0.184  -7.933  5.100   1.00 20.37 ? 284 LEU A CD2 1 
ATOM   735 N N   . GLY A 1 99  ? 4.081   -9.205  6.725   1.00 25.66 ? 285 GLY A N   1 
ATOM   736 C CA  . GLY A 1 99  ? 4.983   -8.338  7.469   1.00 27.79 ? 285 GLY A CA  1 
ATOM   737 C C   . GLY A 1 99  ? 6.382   -8.321  6.879   1.00 26.57 ? 285 GLY A C   1 
ATOM   738 O O   . GLY A 1 99  ? 7.003   -7.257  6.743   1.00 23.94 ? 285 GLY A O   1 
ATOM   739 N N   . LYS A 1 100 ? 6.885   -9.494  6.496   1.00 22.33 ? 286 LYS A N   1 
ATOM   740 C CA  . LYS A 1 100 ? 8.221   -9.568  5.913   1.00 29.14 ? 286 LYS A CA  1 
ATOM   741 C C   . LYS A 1 100 ? 8.273   -8.908  4.538   1.00 27.01 ? 286 LYS A C   1 
ATOM   742 O O   . LYS A 1 100 ? 9.213   -8.164  4.241   1.00 31.29 ? 286 LYS A O   1 
ATOM   743 C CB  . LYS A 1 100 ? 8.681   -11.031 5.832   1.00 27.40 ? 286 LYS A CB  1 
ATOM   744 C CG  . LYS A 1 100 ? 9.138   -11.610 7.173   1.00 33.14 ? 286 LYS A CG  1 
ATOM   745 C CD  . LYS A 1 100 ? 10.553  -11.120 7.576   1.00 46.19 ? 286 LYS A CD  1 
ATOM   746 C CE  . LYS A 1 100 ? 11.465  -10.842 6.366   1.00 43.04 ? 286 LYS A CE  1 
ATOM   747 N NZ  . LYS A 1 100 ? 12.610  -9.928  6.682   1.00 50.16 ? 286 LYS A NZ  1 
ATOM   748 N N   . VAL A 1 101 ? 7.274   -9.161  3.688   1.00 25.12 ? 287 VAL A N   1 
ATOM   749 C CA  . VAL A 1 101 ? 7.246   -8.558  2.351   1.00 26.68 ? 287 VAL A CA  1 
ATOM   750 C C   . VAL A 1 101 ? 7.180   -7.042  2.443   1.00 24.04 ? 287 VAL A C   1 
ATOM   751 O O   . VAL A 1 101 ? 7.874   -6.327  1.705   1.00 23.78 ? 287 VAL A O   1 
ATOM   752 C CB  . VAL A 1 101 ? 6.055   -9.100  1.540   1.00 28.03 ? 287 VAL A CB  1 
ATOM   753 C CG1 . VAL A 1 101 ? 5.971   -8.373  0.215   1.00 24.01 ? 287 VAL A CG1 1 
ATOM   754 C CG2 . VAL A 1 101 ? 6.173   -10.593 1.343   1.00 27.40 ? 287 VAL A CG2 1 
ATOM   755 N N   . MET A 1 102 ? 6.322   -6.527  3.328   1.00 21.69 ? 288 MET A N   1 
ATOM   756 C CA  . MET A 1 102 ? 6.208   -5.082  3.481   1.00 25.25 ? 288 MET A CA  1 
ATOM   757 C C   . MET A 1 102 ? 7.523   -4.485  3.949   1.00 25.06 ? 288 MET A C   1 
ATOM   758 O O   . MET A 1 102 ? 7.940   -3.426  3.472   1.00 23.15 ? 288 MET A O   1 
ATOM   759 C CB  . MET A 1 102 ? 5.106   -4.736  4.477   1.00 22.35 ? 288 MET A CB  1 
ATOM   760 C CG  . MET A 1 102 ? 3.702   -5.118  4.022   1.00 27.39 ? 288 MET A CG  1 
ATOM   761 S SD  . MET A 1 102 ? 2.477   -4.653  5.248   1.00 30.64 ? 288 MET A SD  1 
ATOM   762 C CE  . MET A 1 102 ? 2.859   -2.914  5.476   1.00 19.83 ? 288 MET A CE  1 
ATOM   763 N N   . GLN A 1 103 ? 8.171   -5.136  4.913   1.00 29.22 ? 289 GLN A N   1 
ATOM   764 C CA  . GLN A 1 103 ? 9.462   -4.659  5.387   1.00 26.12 ? 289 GLN A CA  1 
ATOM   765 C C   . GLN A 1 103 ? 10.523  -4.747  4.294   1.00 30.87 ? 289 GLN A C   1 
ATOM   766 O O   . GLN A 1 103 ? 11.363  -3.848  4.155   1.00 29.16 ? 289 GLN A O   1 
ATOM   767 C CB  . GLN A 1 103 ? 9.902   -5.439  6.619   1.00 31.86 ? 289 GLN A CB  1 
ATOM   768 C CG  . GLN A 1 103 ? 11.331  -5.003  7.026   1.00 34.89 ? 289 GLN A CG  1 
ATOM   769 C CD  . GLN A 1 103 ? 11.331  -3.585  7.583   1.00 43.26 ? 289 GLN A CD  1 
ATOM   770 O OE1 . GLN A 1 103 ? 10.284  -2.966  7.806   1.00 44.60 ? 289 GLN A OE1 1 
ATOM   771 N NE2 . GLN A 1 103 ? 12.514  -3.027  7.703   1.00 50.57 ? 289 GLN A NE2 1 
ATOM   772 N N   . GLU A 1 104 ? 10.467  -5.794  3.466   1.00 27.52 ? 290 GLU A N   1 
ATOM   773 C CA  . GLU A 1 104 ? 11.425  -5.901  2.373   1.00 26.51 ? 290 GLU A CA  1 
ATOM   774 C C   . GLU A 1 104 ? 11.183  -4.823  1.333   1.00 26.93 ? 290 GLU A C   1 
ATOM   775 O O   . GLU A 1 104 ? 12.138  -4.274  0.773   1.00 27.23 ? 290 GLU A O   1 
ATOM   776 C CB  . GLU A 1 104 ? 11.356  -7.296  1.739   1.00 27.42 ? 290 GLU A CB  1 
ATOM   777 C CG  . GLU A 1 104 ? 11.828  -8.375  2.681   1.00 32.57 ? 290 GLU A CG  1 
ATOM   778 C CD  . GLU A 1 104 ? 11.424  -9.777  2.259   1.00 39.36 ? 290 GLU A CD  1 
ATOM   779 O OE1 . GLU A 1 104 ? 10.694  -9.922  1.250   1.00 39.05 ? 290 GLU A OE1 1 
ATOM   780 O OE2 . GLU A 1 104 ? 11.835  -10.735 2.956   1.00 44.99 ? 290 GLU A OE2 1 
ATOM   781 N N   . ASP A 1 105 ? 9.910   -4.502  1.065   1.00 26.06 ? 291 ASP A N   1 
ATOM   782 C CA  . ASP A 1 105 ? 9.588   -3.446  0.109   1.00 25.70 ? 291 ASP A CA  1 
ATOM   783 C C   . ASP A 1 105 ? 10.091  -2.095  0.601   1.00 26.03 ? 291 ASP A C   1 
ATOM   784 O O   . ASP A 1 105 ? 10.665  -1.316  -0.166  1.00 24.61 ? 291 ASP A O   1 
ATOM   785 C CB  . ASP A 1 105 ? 8.078   -3.375  -0.117  1.00 25.06 ? 291 ASP A CB  1 
ATOM   786 C CG  . ASP A 1 105 ? 7.565   -4.422  -1.096  1.00 27.83 ? 291 ASP A CG  1 
ATOM   787 O OD1 . ASP A 1 105 ? 8.357   -5.261  -1.577  1.00 26.27 ? 291 ASP A OD1 1 
ATOM   788 O OD2 . ASP A 1 105 ? 6.349   -4.378  -1.393  1.00 28.04 ? 291 ASP A OD2 1 
ATOM   789 N N   . LEU A 1 106 ? 9.861   -1.790  1.881   1.00 25.89 ? 292 LEU A N   1 
ATOM   790 C CA  . LEU A 1 106 ? 10.278  -0.498  2.416   1.00 27.84 ? 292 LEU A CA  1 
ATOM   791 C C   . LEU A 1 106 ? 11.799  -0.373  2.424   1.00 28.58 ? 292 LEU A C   1 
ATOM   792 O O   . LEU A 1 106 ? 12.346  0.637   1.970   1.00 29.51 ? 292 LEU A O   1 
ATOM   793 C CB  . LEU A 1 106 ? 9.690   -0.300  3.817   1.00 27.58 ? 292 LEU A CB  1 
ATOM   794 C CG  . LEU A 1 106 ? 8.183   -0.001  3.825   1.00 29.08 ? 292 LEU A CG  1 
ATOM   795 C CD1 . LEU A 1 106 ? 7.632   0.060   5.263   1.00 29.20 ? 292 LEU A CD1 1 
ATOM   796 C CD2 . LEU A 1 106 ? 7.892   1.299   3.079   1.00 27.14 ? 292 LEU A CD2 1 
ATOM   797 N N   . ASP A 1 107 ? 12.502  -1.412  2.896   1.00 32.65 ? 293 ASP A N   1 
ATOM   798 C CA  . ASP A 1 107 ? 13.966  -1.394  2.877   1.00 30.20 ? 293 ASP A CA  1 
ATOM   799 C C   . ASP A 1 107 ? 14.505  -1.126  1.478   1.00 32.16 ? 293 ASP A C   1 
ATOM   800 O O   . ASP A 1 107 ? 15.475  -0.376  1.309   1.00 33.28 ? 293 ASP A O   1 
ATOM   801 C CB  . ASP A 1 107 ? 14.520  -2.715  3.409   1.00 32.81 ? 293 ASP A CB  1 
ATOM   802 C CG  . ASP A 1 107 ? 14.235  -2.913  4.882   1.00 37.98 ? 293 ASP A CG  1 
ATOM   803 O OD1 . ASP A 1 107 ? 13.661  -1.995  5.509   1.00 41.54 ? 293 ASP A OD1 1 
ATOM   804 O OD2 . ASP A 1 107 ? 14.581  -3.988  5.414   1.00 41.81 ? 293 ASP A OD2 1 
ATOM   805 N N   . LYS A 1 108 ? 13.881  -1.722  0.459   1.00 31.28 ? 294 LYS A N   1 
ATOM   806 C CA  . LYS A 1 108 ? 14.335  -1.507  -0.913  1.00 33.62 ? 294 LYS A CA  1 
ATOM   807 C C   . LYS A 1 108 ? 14.079  -0.073  -1.371  1.00 32.23 ? 294 LYS A C   1 
ATOM   808 O O   . LYS A 1 108 ? 14.960  0.571   -1.955  1.00 34.09 ? 294 LYS A O   1 
ATOM   809 C CB  . LYS A 1 108 ? 13.650  -2.490  -1.858  1.00 31.85 ? 294 LYS A CB  1 
ATOM   810 C CG  . LYS A 1 108 ? 13.895  -2.161  -3.321  1.00 37.96 ? 294 LYS A CG  1 
ATOM   811 C CD  . LYS A 1 108 ? 12.662  -2.408  -4.171  1.00 35.71 ? 294 LYS A CD  1 
ATOM   812 C CE  . LYS A 1 108 ? 12.353  -3.889  -4.277  1.00 41.36 ? 294 LYS A CE  1 
ATOM   813 N NZ  . LYS A 1 108 ? 11.434  -4.185  -5.417  1.00 42.22 ? 294 LYS A NZ  1 
ATOM   814 N N   . TYR A 1 109 ? 12.870  0.439   -1.134  1.00 27.18 ? 295 TYR A N   1 
ATOM   815 C CA  . TYR A 1 109 ? 12.529  1.775   -1.601  1.00 27.51 ? 295 TYR A CA  1 
ATOM   816 C C   . TYR A 1 109 ? 13.256  2.871   -0.833  1.00 30.50 ? 295 TYR A C   1 
ATOM   817 O O   . TYR A 1 109 ? 13.398  3.981   -1.357  1.00 28.30 ? 295 TYR A O   1 
ATOM   818 C CB  . TYR A 1 109 ? 11.016  1.995   -1.507  1.00 27.50 ? 295 TYR A CB  1 
ATOM   819 C CG  . TYR A 1 109 ? 10.242  1.450   -2.687  1.00 25.43 ? 295 TYR A CG  1 
ATOM   820 C CD1 . TYR A 1 109 ? 10.136  0.076   -2.899  1.00 30.04 ? 295 TYR A CD1 1 
ATOM   821 C CD2 . TYR A 1 109 ? 9.623   2.302   -3.592  1.00 26.51 ? 295 TYR A CD2 1 
ATOM   822 C CE1 . TYR A 1 109 ? 9.434   -0.425  -3.981  1.00 29.08 ? 295 TYR A CE1 1 
ATOM   823 C CE2 . TYR A 1 109 ? 8.922   1.817   -4.673  1.00 25.50 ? 295 TYR A CE2 1 
ATOM   824 C CZ  . TYR A 1 109 ? 8.828   0.446   -4.864  1.00 28.78 ? 295 TYR A CZ  1 
ATOM   825 O OH  . TYR A 1 109 ? 8.129   -0.055  -5.947  1.00 34.36 ? 295 TYR A OH  1 
ATOM   826 N N   . LEU A 1 110 ? 13.716  2.590   0.389   1.00 29.18 ? 296 LEU A N   1 
ATOM   827 C CA  . LEU A 1 110 ? 14.337  3.595   1.243   1.00 32.70 ? 296 LEU A CA  1 
ATOM   828 C C   . LEU A 1 110 ? 15.861  3.519   1.240   1.00 36.79 ? 296 LEU A C   1 
ATOM   829 O O   . LEU A 1 110 ? 16.505  4.149   2.091   1.00 37.85 ? 296 LEU A O   1 
ATOM   830 C CB  . LEU A 1 110 ? 13.813  3.462   2.677   1.00 30.65 ? 296 LEU A CB  1 
ATOM   831 C CG  . LEU A 1 110 ? 12.339  3.807   2.893   1.00 32.58 ? 296 LEU A CG  1 
ATOM   832 C CD1 . LEU A 1 110 ? 11.895  3.546   4.326   1.00 32.00 ? 296 LEU A CD1 1 
ATOM   833 C CD2 . LEU A 1 110 ? 12.099  5.258   2.522   1.00 36.80 ? 296 LEU A CD2 1 
ATOM   834 N N   . THR A 1 111 ? 16.455  2.766   0.317   1.00 37.93 ? 297 THR A N   1 
ATOM   835 C CA  . THR A 1 111 ? 17.915  2.698   0.229   1.00 38.61 ? 297 THR A CA  1 
ATOM   836 C C   . THR A 1 111 ? 18.402  3.340   -1.070  1.00 42.89 ? 297 THR A C   1 
ATOM   837 O O   . THR A 1 111 ? 17.650  3.441   -2.043  1.00 41.73 ? 297 THR A O   1 
ATOM   838 C CB  . THR A 1 111 ? 18.436  1.245   0.299   1.00 37.66 ? 297 THR A CB  1 
ATOM   839 O OG1 . THR A 1 111 ? 17.547  0.375   -0.412  1.00 44.81 ? 297 THR A OG1 1 
ATOM   840 C CG2 . THR A 1 111 ? 18.554  0.778   1.746   1.00 37.86 ? 297 THR A CG2 1 
HETATM 841 O O   . HOH B 2 .   ? -8.191  -10.792 -5.861  1.00 30.59 ? 301 HOH A O   1 
HETATM 842 O O   . HOH B 2 .   ? 12.656  -6.093  -6.445  1.00 37.48 ? 302 HOH A O   1 
HETATM 843 O O   . HOH B 2 .   ? -2.969  13.994  8.480   1.00 41.47 ? 303 HOH A O   1 
HETATM 844 O O   . HOH B 2 .   ? 16.008  3.810   -3.945  1.00 44.67 ? 304 HOH A O   1 
HETATM 845 O O   . HOH B 2 .   ? 9.813   12.690  10.254  1.00 44.21 ? 305 HOH A O   1 
HETATM 846 O O   . HOH B 2 .   ? -3.825  -1.671  -6.988  1.00 17.74 ? 306 HOH A O   1 
HETATM 847 O O   . HOH B 2 .   ? 2.510   -17.991 0.572   1.00 35.71 ? 307 HOH A O   1 
HETATM 848 O O   . HOH B 2 .   ? 0.528   -8.219  -11.209 1.00 24.18 ? 308 HOH A O   1 
HETATM 849 O O   . HOH B 2 .   ? 18.101  6.217   2.645   1.00 29.53 ? 309 HOH A O   1 
HETATM 850 O O   . HOH B 2 .   ? 5.802   -2.024  -2.529  1.00 22.18 ? 310 HOH A O   1 
HETATM 851 O O   . HOH B 2 .   ? -8.260  7.035   6.897   1.00 30.27 ? 311 HOH A O   1 
HETATM 852 O O   . HOH B 2 .   ? 4.249   11.252  -9.692  1.00 34.48 ? 312 HOH A O   1 
HETATM 853 O O   . HOH B 2 .   ? -12.204 -0.308  8.286   1.00 34.14 ? 313 HOH A O   1 
HETATM 854 O O   . HOH B 2 .   ? -5.366  -17.731 0.896   1.00 29.69 ? 314 HOH A O   1 
HETATM 855 O O   . HOH B 2 .   ? -11.830 -2.985  2.876   1.00 29.82 ? 315 HOH A O   1 
HETATM 856 O O   . HOH B 2 .   ? -13.774 12.232  -1.259  1.00 37.42 ? 316 HOH A O   1 
HETATM 857 O O   . HOH B 2 .   ? -11.060 1.125   -3.058  1.00 20.36 ? 317 HOH A O   1 
HETATM 858 O O   . HOH B 2 .   ? -6.168  3.672   -12.654 1.00 30.80 ? 318 HOH A O   1 
HETATM 859 O O   . HOH B 2 .   ? 4.809   8.416   6.184   1.00 26.56 ? 319 HOH A O   1 
HETATM 860 O O   . HOH B 2 .   ? 2.432   6.043   11.980  1.00 40.85 ? 320 HOH A O   1 
HETATM 861 O O   . HOH B 2 .   ? -5.349  -14.248 -7.005  1.00 23.25 ? 321 HOH A O   1 
HETATM 862 O O   . HOH B 2 .   ? 4.058   -0.353  -8.736  1.00 28.09 ? 322 HOH A O   1 
HETATM 863 O O   . HOH B 2 .   ? -3.872  1.140   7.609   1.00 20.05 ? 323 HOH A O   1 
HETATM 864 O O   . HOH B 2 .   ? -4.005  -11.914 8.273   1.00 31.04 ? 324 HOH A O   1 
HETATM 865 O O   . HOH B 2 .   ? 7.452   12.067  7.702   1.00 38.89 ? 325 HOH A O   1 
HETATM 866 O O   . HOH B 2 .   ? -7.976  -17.855 2.664   1.00 20.38 ? 326 HOH A O   1 
HETATM 867 O O   . HOH B 2 .   ? -13.375 0.794   -5.051  1.00 33.94 ? 327 HOH A O   1 
HETATM 868 O O   . HOH B 2 .   ? -13.855 -5.869  6.141   1.00 31.13 ? 328 HOH A O   1 
HETATM 869 O O   . HOH B 2 .   ? -3.061  -5.777  -13.168 1.00 30.03 ? 329 HOH A O   1 
HETATM 870 O O   . HOH B 2 .   ? 3.250   -7.341  -7.137  1.00 22.96 ? 330 HOH A O   1 
HETATM 871 O O   . HOH B 2 .   ? -6.498  12.252  2.503   1.00 31.13 ? 331 HOH A O   1 
HETATM 872 O O   . HOH B 2 .   ? -6.069  12.938  -1.043  1.00 31.03 ? 332 HOH A O   1 
HETATM 873 O O   . HOH B 2 .   ? -14.220 -5.724  -6.829  1.00 41.61 ? 333 HOH A O   1 
HETATM 874 O O   . HOH B 2 .   ? 9.457   -8.065  -1.105  1.00 34.70 ? 334 HOH A O   1 
HETATM 875 O O   . HOH B 2 .   ? -9.738  14.839  -2.819  1.00 29.08 ? 335 HOH A O   1 
HETATM 876 O O   . HOH B 2 .   ? -12.487 -5.378  1.161   1.00 30.26 ? 336 HOH A O   1 
HETATM 877 O O   . HOH B 2 .   ? 9.048   13.992  6.451   1.00 41.06 ? 337 HOH A O   1 
HETATM 878 O O   . HOH B 2 .   ? -11.015 -5.063  -9.266  1.00 35.47 ? 338 HOH A O   1 
HETATM 879 O O   . HOH B 2 .   ? -14.116 -7.749  3.454   1.00 23.59 ? 339 HOH A O   1 
HETATM 880 O O   . HOH B 2 .   ? -1.066  -19.625 -5.095  1.00 36.50 ? 340 HOH A O   1 
HETATM 881 O O   . HOH B 2 .   ? -2.359  4.991   12.930  1.00 33.76 ? 341 HOH A O   1 
HETATM 882 O O   . HOH B 2 .   ? 5.315   -17.671 -0.449  1.00 41.33 ? 342 HOH A O   1 
HETATM 883 O O   . HOH B 2 .   ? 3.398   4.653   -8.870  1.00 30.17 ? 343 HOH A O   1 
HETATM 884 O O   . HOH B 2 .   ? -4.143  -9.058  8.648   1.00 32.91 ? 344 HOH A O   1 
HETATM 885 O O   . HOH B 2 .   ? 5.284   -1.793  -5.411  1.00 23.99 ? 345 HOH A O   1 
HETATM 886 O O   . HOH B 2 .   ? 0.689   -19.023 -6.624  1.00 36.80 ? 346 HOH A O   1 
HETATM 887 O O   . HOH B 2 .   ? -8.115  2.205   -12.325 1.00 38.30 ? 347 HOH A O   1 
HETATM 888 O O   . HOH B 2 .   ? 5.863   17.311  5.024   1.00 55.05 ? 348 HOH A O   1 
HETATM 889 O O   . HOH B 2 .   ? -4.797  -8.842  10.880  1.00 38.81 ? 349 HOH A O   1 
HETATM 890 O O   . HOH B 2 .   ? -3.931  -1.585  -14.399 1.00 31.89 ? 350 HOH A O   1 
HETATM 891 O O   . HOH B 2 .   ? 4.859   -9.447  -13.804 1.00 35.50 ? 351 HOH A O   1 
HETATM 892 O O   . HOH B 2 .   ? 20.438  6.469   -2.253  1.00 47.79 ? 352 HOH A O   1 
# 
loop_
_pdbx_poly_seq_scheme.asym_id 
_pdbx_poly_seq_scheme.entity_id 
_pdbx_poly_seq_scheme.seq_id 
_pdbx_poly_seq_scheme.mon_id 
_pdbx_poly_seq_scheme.ndb_seq_num 
_pdbx_poly_seq_scheme.pdb_seq_num 
_pdbx_poly_seq_scheme.auth_seq_num 
_pdbx_poly_seq_scheme.pdb_mon_id 
_pdbx_poly_seq_scheme.auth_mon_id 
_pdbx_poly_seq_scheme.pdb_strand_id 
_pdbx_poly_seq_scheme.pdb_ins_code 
_pdbx_poly_seq_scheme.hetero 
A 1 1   TRP 1   187 ?   ?   ?   A . n 
A 1 2   THR 2   188 ?   ?   ?   A . n 
A 1 3   ALA 3   189 ?   ?   ?   A . n 
A 1 4   SER 4   190 ?   ?   ?   A . n 
A 1 5   ASN 5   191 ?   ?   ?   A . n 
A 1 6   GLU 6   192 ?   ?   ?   A . n 
A 1 7   ALA 7   193 193 ALA ALA A . n 
A 1 8   ASP 8   194 194 ASP ASP A . n 
A 1 9   ASP 9   195 195 ASP ASP A . n 
A 1 10  GLU 10  196 196 GLU GLU A . n 
A 1 11  SER 11  197 197 SER SER A . n 
A 1 12  VAL 12  198 198 VAL VAL A . n 
A 1 13  GLU 13  199 199 GLU GLU A . n 
A 1 14  ALA 14  200 200 ALA ALA A . n 
A 1 15  GLU 15  201 201 GLU GLU A . n 
A 1 16  ILE 16  202 202 ILE ILE A . n 
A 1 17  ALA 17  203 203 ALA ALA A . n 
A 1 18  HIS 18  204 204 HIS HIS A . n 
A 1 19  GLN 19  205 205 GLN GLN A . n 
A 1 20  ILE 20  206 206 ILE ILE A . n 
A 1 21  ALA 21  207 207 ALA ALA A . n 
A 1 22  GLU 22  208 208 GLU GLU A . n 
A 1 23  SER 23  209 209 SER SER A . n 
A 1 24  PHE 24  210 210 PHE PHE A . n 
A 1 25  SER 25  211 211 SER SER A . n 
A 1 26  LYS 26  212 212 LYS LYS A . n 
A 1 27  LYS 27  213 213 LYS LYS A . n 
A 1 28  TYR 28  214 214 TYR TYR A . n 
A 1 29  LYS 29  215 215 LYS LYS A . n 
A 1 30  PHE 30  216 216 PHE PHE A . n 
A 1 31  PRO 31  217 217 PRO PRO A . n 
A 1 32  SER 32  218 218 SER SER A . n 
A 1 33  ARG 33  219 219 ARG ARG A . n 
A 1 34  SER 34  220 220 SER SER A . n 
A 1 35  SER 35  221 221 SER SER A . n 
A 1 36  GLY 36  222 222 GLY GLY A . n 
A 1 37  ILE 37  223 223 ILE ILE A . n 
A 1 38  PHE 38  224 224 PHE PHE A . n 
A 1 39  LEU 39  225 225 LEU LEU A . n 
A 1 40  TRP 40  226 226 TRP TRP A . n 
A 1 41  ASN 41  227 227 ASN ASN A . n 
A 1 42  PHE 42  228 228 PHE PHE A . n 
A 1 43  GLU 43  229 229 GLU GLU A . n 
A 1 44  GLN 44  230 230 GLN GLN A . n 
A 1 45  LEU 45  231 231 LEU LEU A . n 
A 1 46  LYS 46  232 232 LYS LYS A . n 
A 1 47  MET 47  233 233 MET MET A . n 
A 1 48  ASN 48  234 234 ASN ASN A . n 
A 1 49  LEU 49  235 235 LEU LEU A . n 
A 1 50  ASP 50  236 236 ASP ASP A . n 
A 1 51  GLU 51  237 237 GLU GLU A . n 
A 1 52  ILE 52  238 238 ILE ILE A . n 
A 1 53  VAL 53  239 239 VAL VAL A . n 
A 1 54  ARG 54  240 240 ARG ARG A . n 
A 1 55  GLU 55  241 241 GLU GLU A . n 
A 1 56  VAL 56  242 242 VAL VAL A . n 
A 1 57  LYS 57  243 243 LYS LYS A . n 
A 1 58  GLU 58  244 244 GLU GLU A . n 
A 1 59  ILE 59  245 245 ILE ILE A . n 
A 1 60  PRO 60  246 246 PRO PRO A . n 
A 1 61  GLY 61  247 247 GLY GLY A . n 
A 1 62  VAL 62  248 248 VAL VAL A . n 
A 1 63  ILE 63  249 249 ILE ILE A . n 
A 1 64  LYS 64  250 250 LYS LYS A . n 
A 1 65  MET 65  251 251 MET MET A . n 
A 1 66  ALA 66  252 252 ALA ALA A . n 
A 1 67  LYS 67  253 253 LYS LYS A . n 
A 1 68  ASP 68  254 254 ASP ASP A . n 
A 1 69  GLY 69  255 255 GLY GLY A . n 
A 1 70  MET 70  256 256 MET MET A . n 
A 1 71  LYS 71  257 257 LYS LYS A . n 
A 1 72  LEU 72  258 258 LEU LEU A . n 
A 1 73  PRO 73  259 259 PRO PRO A . n 
A 1 74  LEU 74  260 260 LEU LEU A . n 
A 1 75  ARG 75  261 261 ARG ARG A . n 
A 1 76  CYS 76  262 262 CYS CYS A . n 
A 1 77  MET 77  263 263 MET MET A . n 
A 1 78  LEU 78  264 264 LEU LEU A . n 
A 1 79  GLY 79  265 265 GLY GLY A . n 
A 1 80  GLY 80  266 266 GLY GLY A . n 
A 1 81  VAL 81  267 267 VAL VAL A . n 
A 1 82  ALA 82  268 268 ALA ALA A . n 
A 1 83  SER 83  269 269 SER SER A . n 
A 1 84  THR 84  270 270 THR THR A . n 
A 1 85  HIS 85  271 271 HIS HIS A . n 
A 1 86  SER 86  272 272 SER SER A . n 
A 1 87  ARG 87  273 273 ARG ARG A . n 
A 1 88  ARG 88  274 274 ARG ARG A . n 
A 1 89  PHE 89  275 275 PHE PHE A . n 
A 1 90  GLN 90  276 276 GLN GLN A . n 
A 1 91  ILE 91  277 277 ILE ILE A . n 
A 1 92  LEU 92  278 278 LEU LEU A . n 
A 1 93  VAL 93  279 279 VAL VAL A . n 
A 1 94  ASN 94  280 280 ASN ASN A . n 
A 1 95  PRO 95  281 281 PRO PRO A . n 
A 1 96  GLU 96  282 282 GLU GLU A . n 
A 1 97  LYS 97  283 283 LYS LYS A . n 
A 1 98  LEU 98  284 284 LEU LEU A . n 
A 1 99  GLY 99  285 285 GLY GLY A . n 
A 1 100 LYS 100 286 286 LYS LYS A . n 
A 1 101 VAL 101 287 287 VAL VAL A . n 
A 1 102 MET 102 288 288 MET MET A . n 
A 1 103 GLN 103 289 289 GLN GLN A . n 
A 1 104 GLU 104 290 290 GLU GLU A . n 
A 1 105 ASP 105 291 291 ASP ASP A . n 
A 1 106 LEU 106 292 292 LEU LEU A . n 
A 1 107 ASP 107 293 293 ASP ASP A . n 
A 1 108 LYS 108 294 294 LYS LYS A . n 
A 1 109 TYR 109 295 295 TYR TYR A . n 
A 1 110 LEU 110 296 296 LEU LEU A . n 
A 1 111 THR 111 297 297 THR THR A . n 
A 1 112 TYR 112 298 ?   ?   ?   A . n 
# 
loop_
_pdbx_nonpoly_scheme.asym_id 
_pdbx_nonpoly_scheme.entity_id 
_pdbx_nonpoly_scheme.mon_id 
_pdbx_nonpoly_scheme.ndb_seq_num 
_pdbx_nonpoly_scheme.pdb_seq_num 
_pdbx_nonpoly_scheme.auth_seq_num 
_pdbx_nonpoly_scheme.pdb_mon_id 
_pdbx_nonpoly_scheme.auth_mon_id 
_pdbx_nonpoly_scheme.pdb_strand_id 
_pdbx_nonpoly_scheme.pdb_ins_code 
B 2 HOH 1  301 9  HOH HOH A . 
B 2 HOH 2  302 58 HOH HOH A . 
B 2 HOH 3  303 49 HOH HOH A . 
B 2 HOH 4  304 52 HOH HOH A . 
B 2 HOH 5  305 55 HOH HOH A . 
B 2 HOH 6  306 1  HOH HOH A . 
B 2 HOH 7  307 29 HOH HOH A . 
B 2 HOH 8  308 17 HOH HOH A . 
B 2 HOH 9  309 11 HOH HOH A . 
B 2 HOH 10 310 3  HOH HOH A . 
B 2 HOH 11 311 25 HOH HOH A . 
B 2 HOH 12 312 62 HOH HOH A . 
B 2 HOH 13 313 21 HOH HOH A . 
B 2 HOH 14 314 19 HOH HOH A . 
B 2 HOH 15 315 16 HOH HOH A . 
B 2 HOH 16 316 28 HOH HOH A . 
B 2 HOH 17 317 2  HOH HOH A . 
B 2 HOH 18 318 26 HOH HOH A . 
B 2 HOH 19 319 7  HOH HOH A . 
B 2 HOH 20 320 27 HOH HOH A . 
B 2 HOH 21 321 39 HOH HOH A . 
B 2 HOH 22 322 8  HOH HOH A . 
B 2 HOH 23 323 5  HOH HOH A . 
B 2 HOH 24 324 22 HOH HOH A . 
B 2 HOH 25 325 47 HOH HOH A . 
B 2 HOH 26 326 4  HOH HOH A . 
B 2 HOH 27 327 20 HOH HOH A . 
B 2 HOH 28 328 23 HOH HOH A . 
B 2 HOH 29 329 10 HOH HOH A . 
B 2 HOH 30 330 38 HOH HOH A . 
B 2 HOH 31 331 40 HOH HOH A . 
B 2 HOH 32 332 37 HOH HOH A . 
B 2 HOH 33 333 30 HOH HOH A . 
B 2 HOH 34 334 33 HOH HOH A . 
B 2 HOH 35 335 13 HOH HOH A . 
B 2 HOH 36 336 15 HOH HOH A . 
B 2 HOH 37 337 60 HOH HOH A . 
B 2 HOH 38 338 54 HOH HOH A . 
B 2 HOH 39 339 43 HOH HOH A . 
B 2 HOH 40 340 46 HOH HOH A . 
B 2 HOH 41 341 18 HOH HOH A . 
B 2 HOH 42 342 48 HOH HOH A . 
B 2 HOH 43 343 32 HOH HOH A . 
B 2 HOH 44 344 31 HOH HOH A . 
B 2 HOH 45 345 14 HOH HOH A . 
B 2 HOH 46 346 56 HOH HOH A . 
B 2 HOH 47 347 50 HOH HOH A . 
B 2 HOH 48 348 24 HOH HOH A . 
B 2 HOH 49 349 36 HOH HOH A . 
B 2 HOH 50 350 45 HOH HOH A . 
B 2 HOH 51 351 42 HOH HOH A . 
B 2 HOH 52 352 34 HOH HOH A . 
# 
_pdbx_struct_assembly.id                   1 
_pdbx_struct_assembly.details              author_defined_assembly 
_pdbx_struct_assembly.method_details       ? 
_pdbx_struct_assembly.oligomeric_details   monomeric 
_pdbx_struct_assembly.oligomeric_count     1 
# 
_pdbx_struct_assembly_gen.assembly_id       1 
_pdbx_struct_assembly_gen.oper_expression   1 
_pdbx_struct_assembly_gen.asym_id_list      A,B 
# 
_pdbx_struct_oper_list.id                   1 
_pdbx_struct_oper_list.type                 'identity operation' 
_pdbx_struct_oper_list.name                 1_555 
_pdbx_struct_oper_list.symmetry_operation   x,y,z 
_pdbx_struct_oper_list.matrix[1][1]         1.0000000000 
_pdbx_struct_oper_list.matrix[1][2]         0.0000000000 
_pdbx_struct_oper_list.matrix[1][3]         0.0000000000 
_pdbx_struct_oper_list.vector[1]            0.0000000000 
_pdbx_struct_oper_list.matrix[2][1]         0.0000000000 
_pdbx_struct_oper_list.matrix[2][2]         1.0000000000 
_pdbx_struct_oper_list.matrix[2][3]         0.0000000000 
_pdbx_struct_oper_list.vector[2]            0.0000000000 
_pdbx_struct_oper_list.matrix[3][1]         0.0000000000 
_pdbx_struct_oper_list.matrix[3][2]         0.0000000000 
_pdbx_struct_oper_list.matrix[3][3]         1.0000000000 
_pdbx_struct_oper_list.vector[3]            0.0000000000 
# 
loop_
_pdbx_audit_revision_history.ordinal 
_pdbx_audit_revision_history.data_content_type 
_pdbx_audit_revision_history.major_revision 
_pdbx_audit_revision_history.minor_revision 
_pdbx_audit_revision_history.revision_date 
1 'Structure model' 1 0 2021-03-17 
2 'Structure model' 1 1 2023-11-29 
# 
_pdbx_audit_revision_details.ordinal             1 
_pdbx_audit_revision_details.revision_ordinal    1 
_pdbx_audit_revision_details.data_content_type   'Structure model' 
_pdbx_audit_revision_details.provider            repository 
_pdbx_audit_revision_details.type                'Initial release' 
_pdbx_audit_revision_details.description         ? 
_pdbx_audit_revision_details.details             ? 
# 
loop_
_pdbx_audit_revision_group.ordinal 
_pdbx_audit_revision_group.revision_ordinal 
_pdbx_audit_revision_group.data_content_type 
_pdbx_audit_revision_group.group 
1 2 'Structure model' 'Data collection'        
2 2 'Structure model' 'Database references'    
3 2 'Structure model' 'Refinement description' 
# 
loop_
_pdbx_audit_revision_category.ordinal 
_pdbx_audit_revision_category.revision_ordinal 
_pdbx_audit_revision_category.data_content_type 
_pdbx_audit_revision_category.category 
1 2 'Structure model' chem_comp_atom                
2 2 'Structure model' chem_comp_bond                
3 2 'Structure model' database_2                    
4 2 'Structure model' pdbx_initial_refinement_model 
# 
loop_
_pdbx_audit_revision_item.ordinal 
_pdbx_audit_revision_item.revision_ordinal 
_pdbx_audit_revision_item.data_content_type 
_pdbx_audit_revision_item.item 
1 2 'Structure model' '_database_2.pdbx_DOI'                
2 2 'Structure model' '_database_2.pdbx_database_accession' 
# 
loop_
_software.citation_id 
_software.classification 
_software.compiler_name 
_software.compiler_version 
_software.contact_author 
_software.contact_author_email 
_software.date 
_software.description 
_software.dependencies 
_software.hardware 
_software.language 
_software.location 
_software.mods 
_software.name 
_software.os 
_software.os_version 
_software.type 
_software.version 
_software.pdbx_ordinal 
? refinement       ? ? ? ? ? ? ? ? ? ? ? PHENIX ? ? ? '(1.16_3549: ???)' 1 
? 'data reduction' ? ? ? ? ? ? ? ? ? ? ? XDS    ? ? ? .                  2 
? 'data scaling'   ? ? ? ? ? ? ? ? ? ? ? XSCALE ? ? ? .                  3 
? phasing          ? ? ? ? ? ? ? ? ? ? ? MOLREP ? ? ? .                  4 
# 
_pdbx_validate_torsion.id              1 
_pdbx_validate_torsion.PDB_model_num   1 
_pdbx_validate_torsion.auth_comp_id    SER 
_pdbx_validate_torsion.auth_asym_id    A 
_pdbx_validate_torsion.auth_seq_id     220 
_pdbx_validate_torsion.PDB_ins_code    ? 
_pdbx_validate_torsion.label_alt_id    ? 
_pdbx_validate_torsion.phi             -64.50 
_pdbx_validate_torsion.psi             -90.88 
# 
loop_
_pdbx_unobs_or_zero_occ_residues.id 
_pdbx_unobs_or_zero_occ_residues.PDB_model_num 
_pdbx_unobs_or_zero_occ_residues.polymer_flag 
_pdbx_unobs_or_zero_occ_residues.occupancy_flag 
_pdbx_unobs_or_zero_occ_residues.auth_asym_id 
_pdbx_unobs_or_zero_occ_residues.auth_comp_id 
_pdbx_unobs_or_zero_occ_residues.auth_seq_id 
_pdbx_unobs_or_zero_occ_residues.PDB_ins_code 
_pdbx_unobs_or_zero_occ_residues.label_asym_id 
_pdbx_unobs_or_zero_occ_residues.label_comp_id 
_pdbx_unobs_or_zero_occ_residues.label_seq_id 
1 1 Y 1 A TRP 187 ? A TRP 1   
2 1 Y 1 A THR 188 ? A THR 2   
3 1 Y 1 A ALA 189 ? A ALA 3   
4 1 Y 1 A SER 190 ? A SER 4   
5 1 Y 1 A ASN 191 ? A ASN 5   
6 1 Y 1 A GLU 192 ? A GLU 6   
7 1 Y 1 A TYR 298 ? A TYR 112 
# 
loop_
_chem_comp_atom.comp_id 
_chem_comp_atom.atom_id 
_chem_comp_atom.type_symbol 
_chem_comp_atom.pdbx_aromatic_flag 
_chem_comp_atom.pdbx_stereo_config 
_chem_comp_atom.pdbx_ordinal 
ALA N    N N N 1   
ALA CA   C N S 2   
ALA C    C N N 3   
ALA O    O N N 4   
ALA CB   C N N 5   
ALA OXT  O N N 6   
ALA H    H N N 7   
ALA H2   H N N 8   
ALA HA   H N N 9   
ALA HB1  H N N 10  
ALA HB2  H N N 11  
ALA HB3  H N N 12  
ALA HXT  H N N 13  
ARG N    N N N 14  
ARG CA   C N S 15  
ARG C    C N N 16  
ARG O    O N N 17  
ARG CB   C N N 18  
ARG CG   C N N 19  
ARG CD   C N N 20  
ARG NE   N N N 21  
ARG CZ   C N N 22  
ARG NH1  N N N 23  
ARG NH2  N N N 24  
ARG OXT  O N N 25  
ARG H    H N N 26  
ARG H2   H N N 27  
ARG HA   H N N 28  
ARG HB2  H N N 29  
ARG HB3  H N N 30  
ARG HG2  H N N 31  
ARG HG3  H N N 32  
ARG HD2  H N N 33  
ARG HD3  H N N 34  
ARG HE   H N N 35  
ARG HH11 H N N 36  
ARG HH12 H N N 37  
ARG HH21 H N N 38  
ARG HH22 H N N 39  
ARG HXT  H N N 40  
ASN N    N N N 41  
ASN CA   C N S 42  
ASN C    C N N 43  
ASN O    O N N 44  
ASN CB   C N N 45  
ASN CG   C N N 46  
ASN OD1  O N N 47  
ASN ND2  N N N 48  
ASN OXT  O N N 49  
ASN H    H N N 50  
ASN H2   H N N 51  
ASN HA   H N N 52  
ASN HB2  H N N 53  
ASN HB3  H N N 54  
ASN HD21 H N N 55  
ASN HD22 H N N 56  
ASN HXT  H N N 57  
ASP N    N N N 58  
ASP CA   C N S 59  
ASP C    C N N 60  
ASP O    O N N 61  
ASP CB   C N N 62  
ASP CG   C N N 63  
ASP OD1  O N N 64  
ASP OD2  O N N 65  
ASP OXT  O N N 66  
ASP H    H N N 67  
ASP H2   H N N 68  
ASP HA   H N N 69  
ASP HB2  H N N 70  
ASP HB3  H N N 71  
ASP HD2  H N N 72  
ASP HXT  H N N 73  
CYS N    N N N 74  
CYS CA   C N R 75  
CYS C    C N N 76  
CYS O    O N N 77  
CYS CB   C N N 78  
CYS SG   S N N 79  
CYS OXT  O N N 80  
CYS H    H N N 81  
CYS H2   H N N 82  
CYS HA   H N N 83  
CYS HB2  H N N 84  
CYS HB3  H N N 85  
CYS HG   H N N 86  
CYS HXT  H N N 87  
GLN N    N N N 88  
GLN CA   C N S 89  
GLN C    C N N 90  
GLN O    O N N 91  
GLN CB   C N N 92  
GLN CG   C N N 93  
GLN CD   C N N 94  
GLN OE1  O N N 95  
GLN NE2  N N N 96  
GLN OXT  O N N 97  
GLN H    H N N 98  
GLN H2   H N N 99  
GLN HA   H N N 100 
GLN HB2  H N N 101 
GLN HB3  H N N 102 
GLN HG2  H N N 103 
GLN HG3  H N N 104 
GLN HE21 H N N 105 
GLN HE22 H N N 106 
GLN HXT  H N N 107 
GLU N    N N N 108 
GLU CA   C N S 109 
GLU C    C N N 110 
GLU O    O N N 111 
GLU CB   C N N 112 
GLU CG   C N N 113 
GLU CD   C N N 114 
GLU OE1  O N N 115 
GLU OE2  O N N 116 
GLU OXT  O N N 117 
GLU H    H N N 118 
GLU H2   H N N 119 
GLU HA   H N N 120 
GLU HB2  H N N 121 
GLU HB3  H N N 122 
GLU HG2  H N N 123 
GLU HG3  H N N 124 
GLU HE2  H N N 125 
GLU HXT  H N N 126 
GLY N    N N N 127 
GLY CA   C N N 128 
GLY C    C N N 129 
GLY O    O N N 130 
GLY OXT  O N N 131 
GLY H    H N N 132 
GLY H2   H N N 133 
GLY HA2  H N N 134 
GLY HA3  H N N 135 
GLY HXT  H N N 136 
HIS N    N N N 137 
HIS CA   C N S 138 
HIS C    C N N 139 
HIS O    O N N 140 
HIS CB   C N N 141 
HIS CG   C Y N 142 
HIS ND1  N Y N 143 
HIS CD2  C Y N 144 
HIS CE1  C Y N 145 
HIS NE2  N Y N 146 
HIS OXT  O N N 147 
HIS H    H N N 148 
HIS H2   H N N 149 
HIS HA   H N N 150 
HIS HB2  H N N 151 
HIS HB3  H N N 152 
HIS HD1  H N N 153 
HIS HD2  H N N 154 
HIS HE1  H N N 155 
HIS HE2  H N N 156 
HIS HXT  H N N 157 
HOH O    O N N 158 
HOH H1   H N N 159 
HOH H2   H N N 160 
ILE N    N N N 161 
ILE CA   C N S 162 
ILE C    C N N 163 
ILE O    O N N 164 
ILE CB   C N S 165 
ILE CG1  C N N 166 
ILE CG2  C N N 167 
ILE CD1  C N N 168 
ILE OXT  O N N 169 
ILE H    H N N 170 
ILE H2   H N N 171 
ILE HA   H N N 172 
ILE HB   H N N 173 
ILE HG12 H N N 174 
ILE HG13 H N N 175 
ILE HG21 H N N 176 
ILE HG22 H N N 177 
ILE HG23 H N N 178 
ILE HD11 H N N 179 
ILE HD12 H N N 180 
ILE HD13 H N N 181 
ILE HXT  H N N 182 
LEU N    N N N 183 
LEU CA   C N S 184 
LEU C    C N N 185 
LEU O    O N N 186 
LEU CB   C N N 187 
LEU CG   C N N 188 
LEU CD1  C N N 189 
LEU CD2  C N N 190 
LEU OXT  O N N 191 
LEU H    H N N 192 
LEU H2   H N N 193 
LEU HA   H N N 194 
LEU HB2  H N N 195 
LEU HB3  H N N 196 
LEU HG   H N N 197 
LEU HD11 H N N 198 
LEU HD12 H N N 199 
LEU HD13 H N N 200 
LEU HD21 H N N 201 
LEU HD22 H N N 202 
LEU HD23 H N N 203 
LEU HXT  H N N 204 
LYS N    N N N 205 
LYS CA   C N S 206 
LYS C    C N N 207 
LYS O    O N N 208 
LYS CB   C N N 209 
LYS CG   C N N 210 
LYS CD   C N N 211 
LYS CE   C N N 212 
LYS NZ   N N N 213 
LYS OXT  O N N 214 
LYS H    H N N 215 
LYS H2   H N N 216 
LYS HA   H N N 217 
LYS HB2  H N N 218 
LYS HB3  H N N 219 
LYS HG2  H N N 220 
LYS HG3  H N N 221 
LYS HD2  H N N 222 
LYS HD3  H N N 223 
LYS HE2  H N N 224 
LYS HE3  H N N 225 
LYS HZ1  H N N 226 
LYS HZ2  H N N 227 
LYS HZ3  H N N 228 
LYS HXT  H N N 229 
MET N    N N N 230 
MET CA   C N S 231 
MET C    C N N 232 
MET O    O N N 233 
MET CB   C N N 234 
MET CG   C N N 235 
MET SD   S N N 236 
MET CE   C N N 237 
MET OXT  O N N 238 
MET H    H N N 239 
MET H2   H N N 240 
MET HA   H N N 241 
MET HB2  H N N 242 
MET HB3  H N N 243 
MET HG2  H N N 244 
MET HG3  H N N 245 
MET HE1  H N N 246 
MET HE2  H N N 247 
MET HE3  H N N 248 
MET HXT  H N N 249 
PHE N    N N N 250 
PHE CA   C N S 251 
PHE C    C N N 252 
PHE O    O N N 253 
PHE CB   C N N 254 
PHE CG   C Y N 255 
PHE CD1  C Y N 256 
PHE CD2  C Y N 257 
PHE CE1  C Y N 258 
PHE CE2  C Y N 259 
PHE CZ   C Y N 260 
PHE OXT  O N N 261 
PHE H    H N N 262 
PHE H2   H N N 263 
PHE HA   H N N 264 
PHE HB2  H N N 265 
PHE HB3  H N N 266 
PHE HD1  H N N 267 
PHE HD2  H N N 268 
PHE HE1  H N N 269 
PHE HE2  H N N 270 
PHE HZ   H N N 271 
PHE HXT  H N N 272 
PRO N    N N N 273 
PRO CA   C N S 274 
PRO C    C N N 275 
PRO O    O N N 276 
PRO CB   C N N 277 
PRO CG   C N N 278 
PRO CD   C N N 279 
PRO OXT  O N N 280 
PRO H    H N N 281 
PRO HA   H N N 282 
PRO HB2  H N N 283 
PRO HB3  H N N 284 
PRO HG2  H N N 285 
PRO HG3  H N N 286 
PRO HD2  H N N 287 
PRO HD3  H N N 288 
PRO HXT  H N N 289 
SER N    N N N 290 
SER CA   C N S 291 
SER C    C N N 292 
SER O    O N N 293 
SER CB   C N N 294 
SER OG   O N N 295 
SER OXT  O N N 296 
SER H    H N N 297 
SER H2   H N N 298 
SER HA   H N N 299 
SER HB2  H N N 300 
SER HB3  H N N 301 
SER HG   H N N 302 
SER HXT  H N N 303 
THR N    N N N 304 
THR CA   C N S 305 
THR C    C N N 306 
THR O    O N N 307 
THR CB   C N R 308 
THR OG1  O N N 309 
THR CG2  C N N 310 
THR OXT  O N N 311 
THR H    H N N 312 
THR H2   H N N 313 
THR HA   H N N 314 
THR HB   H N N 315 
THR HG1  H N N 316 
THR HG21 H N N 317 
THR HG22 H N N 318 
THR HG23 H N N 319 
THR HXT  H N N 320 
TRP N    N N N 321 
TRP CA   C N S 322 
TRP C    C N N 323 
TRP O    O N N 324 
TRP CB   C N N 325 
TRP CG   C Y N 326 
TRP CD1  C Y N 327 
TRP CD2  C Y N 328 
TRP NE1  N Y N 329 
TRP CE2  C Y N 330 
TRP CE3  C Y N 331 
TRP CZ2  C Y N 332 
TRP CZ3  C Y N 333 
TRP CH2  C Y N 334 
TRP OXT  O N N 335 
TRP H    H N N 336 
TRP H2   H N N 337 
TRP HA   H N N 338 
TRP HB2  H N N 339 
TRP HB3  H N N 340 
TRP HD1  H N N 341 
TRP HE1  H N N 342 
TRP HE3  H N N 343 
TRP HZ2  H N N 344 
TRP HZ3  H N N 345 
TRP HH2  H N N 346 
TRP HXT  H N N 347 
TYR N    N N N 348 
TYR CA   C N S 349 
TYR C    C N N 350 
TYR O    O N N 351 
TYR CB   C N N 352 
TYR CG   C Y N 353 
TYR CD1  C Y N 354 
TYR CD2  C Y N 355 
TYR CE1  C Y N 356 
TYR CE2  C Y N 357 
TYR CZ   C Y N 358 
TYR OH   O N N 359 
TYR OXT  O N N 360 
TYR H    H N N 361 
TYR H2   H N N 362 
TYR HA   H N N 363 
TYR HB2  H N N 364 
TYR HB3  H N N 365 
TYR HD1  H N N 366 
TYR HD2  H N N 367 
TYR HE1  H N N 368 
TYR HE2  H N N 369 
TYR HH   H N N 370 
TYR HXT  H N N 371 
VAL N    N N N 372 
VAL CA   C N S 373 
VAL C    C N N 374 
VAL O    O N N 375 
VAL CB   C N N 376 
VAL CG1  C N N 377 
VAL CG2  C N N 378 
VAL OXT  O N N 379 
VAL H    H N N 380 
VAL H2   H N N 381 
VAL HA   H N N 382 
VAL HB   H N N 383 
VAL HG11 H N N 384 
VAL HG12 H N N 385 
VAL HG13 H N N 386 
VAL HG21 H N N 387 
VAL HG22 H N N 388 
VAL HG23 H N N 389 
VAL HXT  H N N 390 
# 
loop_
_chem_comp_bond.comp_id 
_chem_comp_bond.atom_id_1 
_chem_comp_bond.atom_id_2 
_chem_comp_bond.value_order 
_chem_comp_bond.pdbx_aromatic_flag 
_chem_comp_bond.pdbx_stereo_config 
_chem_comp_bond.pdbx_ordinal 
ALA N   CA   sing N N 1   
ALA N   H    sing N N 2   
ALA N   H2   sing N N 3   
ALA CA  C    sing N N 4   
ALA CA  CB   sing N N 5   
ALA CA  HA   sing N N 6   
ALA C   O    doub N N 7   
ALA C   OXT  sing N N 8   
ALA CB  HB1  sing N N 9   
ALA CB  HB2  sing N N 10  
ALA CB  HB3  sing N N 11  
ALA OXT HXT  sing N N 12  
ARG N   CA   sing N N 13  
ARG N   H    sing N N 14  
ARG N   H2   sing N N 15  
ARG CA  C    sing N N 16  
ARG CA  CB   sing N N 17  
ARG CA  HA   sing N N 18  
ARG C   O    doub N N 19  
ARG C   OXT  sing N N 20  
ARG CB  CG   sing N N 21  
ARG CB  HB2  sing N N 22  
ARG CB  HB3  sing N N 23  
ARG CG  CD   sing N N 24  
ARG CG  HG2  sing N N 25  
ARG CG  HG3  sing N N 26  
ARG CD  NE   sing N N 27  
ARG CD  HD2  sing N N 28  
ARG CD  HD3  sing N N 29  
ARG NE  CZ   sing N N 30  
ARG NE  HE   sing N N 31  
ARG CZ  NH1  sing N N 32  
ARG CZ  NH2  doub N N 33  
ARG NH1 HH11 sing N N 34  
ARG NH1 HH12 sing N N 35  
ARG NH2 HH21 sing N N 36  
ARG NH2 HH22 sing N N 37  
ARG OXT HXT  sing N N 38  
ASN N   CA   sing N N 39  
ASN N   H    sing N N 40  
ASN N   H2   sing N N 41  
ASN CA  C    sing N N 42  
ASN CA  CB   sing N N 43  
ASN CA  HA   sing N N 44  
ASN C   O    doub N N 45  
ASN C   OXT  sing N N 46  
ASN CB  CG   sing N N 47  
ASN CB  HB2  sing N N 48  
ASN CB  HB3  sing N N 49  
ASN CG  OD1  doub N N 50  
ASN CG  ND2  sing N N 51  
ASN ND2 HD21 sing N N 52  
ASN ND2 HD22 sing N N 53  
ASN OXT HXT  sing N N 54  
ASP N   CA   sing N N 55  
ASP N   H    sing N N 56  
ASP N   H2   sing N N 57  
ASP CA  C    sing N N 58  
ASP CA  CB   sing N N 59  
ASP CA  HA   sing N N 60  
ASP C   O    doub N N 61  
ASP C   OXT  sing N N 62  
ASP CB  CG   sing N N 63  
ASP CB  HB2  sing N N 64  
ASP CB  HB3  sing N N 65  
ASP CG  OD1  doub N N 66  
ASP CG  OD2  sing N N 67  
ASP OD2 HD2  sing N N 68  
ASP OXT HXT  sing N N 69  
CYS N   CA   sing N N 70  
CYS N   H    sing N N 71  
CYS N   H2   sing N N 72  
CYS CA  C    sing N N 73  
CYS CA  CB   sing N N 74  
CYS CA  HA   sing N N 75  
CYS C   O    doub N N 76  
CYS C   OXT  sing N N 77  
CYS CB  SG   sing N N 78  
CYS CB  HB2  sing N N 79  
CYS CB  HB3  sing N N 80  
CYS SG  HG   sing N N 81  
CYS OXT HXT  sing N N 82  
GLN N   CA   sing N N 83  
GLN N   H    sing N N 84  
GLN N   H2   sing N N 85  
GLN CA  C    sing N N 86  
GLN CA  CB   sing N N 87  
GLN CA  HA   sing N N 88  
GLN C   O    doub N N 89  
GLN C   OXT  sing N N 90  
GLN CB  CG   sing N N 91  
GLN CB  HB2  sing N N 92  
GLN CB  HB3  sing N N 93  
GLN CG  CD   sing N N 94  
GLN CG  HG2  sing N N 95  
GLN CG  HG3  sing N N 96  
GLN CD  OE1  doub N N 97  
GLN CD  NE2  sing N N 98  
GLN NE2 HE21 sing N N 99  
GLN NE2 HE22 sing N N 100 
GLN OXT HXT  sing N N 101 
GLU N   CA   sing N N 102 
GLU N   H    sing N N 103 
GLU N   H2   sing N N 104 
GLU CA  C    sing N N 105 
GLU CA  CB   sing N N 106 
GLU CA  HA   sing N N 107 
GLU C   O    doub N N 108 
GLU C   OXT  sing N N 109 
GLU CB  CG   sing N N 110 
GLU CB  HB2  sing N N 111 
GLU CB  HB3  sing N N 112 
GLU CG  CD   sing N N 113 
GLU CG  HG2  sing N N 114 
GLU CG  HG3  sing N N 115 
GLU CD  OE1  doub N N 116 
GLU CD  OE2  sing N N 117 
GLU OE2 HE2  sing N N 118 
GLU OXT HXT  sing N N 119 
GLY N   CA   sing N N 120 
GLY N   H    sing N N 121 
GLY N   H2   sing N N 122 
GLY CA  C    sing N N 123 
GLY CA  HA2  sing N N 124 
GLY CA  HA3  sing N N 125 
GLY C   O    doub N N 126 
GLY C   OXT  sing N N 127 
GLY OXT HXT  sing N N 128 
HIS N   CA   sing N N 129 
HIS N   H    sing N N 130 
HIS N   H2   sing N N 131 
HIS CA  C    sing N N 132 
HIS CA  CB   sing N N 133 
HIS CA  HA   sing N N 134 
HIS C   O    doub N N 135 
HIS C   OXT  sing N N 136 
HIS CB  CG   sing N N 137 
HIS CB  HB2  sing N N 138 
HIS CB  HB3  sing N N 139 
HIS CG  ND1  sing Y N 140 
HIS CG  CD2  doub Y N 141 
HIS ND1 CE1  doub Y N 142 
HIS ND1 HD1  sing N N 143 
HIS CD2 NE2  sing Y N 144 
HIS CD2 HD2  sing N N 145 
HIS CE1 NE2  sing Y N 146 
HIS CE1 HE1  sing N N 147 
HIS NE2 HE2  sing N N 148 
HIS OXT HXT  sing N N 149 
HOH O   H1   sing N N 150 
HOH O   H2   sing N N 151 
ILE N   CA   sing N N 152 
ILE N   H    sing N N 153 
ILE N   H2   sing N N 154 
ILE CA  C    sing N N 155 
ILE CA  CB   sing N N 156 
ILE CA  HA   sing N N 157 
ILE C   O    doub N N 158 
ILE C   OXT  sing N N 159 
ILE CB  CG1  sing N N 160 
ILE CB  CG2  sing N N 161 
ILE CB  HB   sing N N 162 
ILE CG1 CD1  sing N N 163 
ILE CG1 HG12 sing N N 164 
ILE CG1 HG13 sing N N 165 
ILE CG2 HG21 sing N N 166 
ILE CG2 HG22 sing N N 167 
ILE CG2 HG23 sing N N 168 
ILE CD1 HD11 sing N N 169 
ILE CD1 HD12 sing N N 170 
ILE CD1 HD13 sing N N 171 
ILE OXT HXT  sing N N 172 
LEU N   CA   sing N N 173 
LEU N   H    sing N N 174 
LEU N   H2   sing N N 175 
LEU CA  C    sing N N 176 
LEU CA  CB   sing N N 177 
LEU CA  HA   sing N N 178 
LEU C   O    doub N N 179 
LEU C   OXT  sing N N 180 
LEU CB  CG   sing N N 181 
LEU CB  HB2  sing N N 182 
LEU CB  HB3  sing N N 183 
LEU CG  CD1  sing N N 184 
LEU CG  CD2  sing N N 185 
LEU CG  HG   sing N N 186 
LEU CD1 HD11 sing N N 187 
LEU CD1 HD12 sing N N 188 
LEU CD1 HD13 sing N N 189 
LEU CD2 HD21 sing N N 190 
LEU CD2 HD22 sing N N 191 
LEU CD2 HD23 sing N N 192 
LEU OXT HXT  sing N N 193 
LYS N   CA   sing N N 194 
LYS N   H    sing N N 195 
LYS N   H2   sing N N 196 
LYS CA  C    sing N N 197 
LYS CA  CB   sing N N 198 
LYS CA  HA   sing N N 199 
LYS C   O    doub N N 200 
LYS C   OXT  sing N N 201 
LYS CB  CG   sing N N 202 
LYS CB  HB2  sing N N 203 
LYS CB  HB3  sing N N 204 
LYS CG  CD   sing N N 205 
LYS CG  HG2  sing N N 206 
LYS CG  HG3  sing N N 207 
LYS CD  CE   sing N N 208 
LYS CD  HD2  sing N N 209 
LYS CD  HD3  sing N N 210 
LYS CE  NZ   sing N N 211 
LYS CE  HE2  sing N N 212 
LYS CE  HE3  sing N N 213 
LYS NZ  HZ1  sing N N 214 
LYS NZ  HZ2  sing N N 215 
LYS NZ  HZ3  sing N N 216 
LYS OXT HXT  sing N N 217 
MET N   CA   sing N N 218 
MET N   H    sing N N 219 
MET N   H2   sing N N 220 
MET CA  C    sing N N 221 
MET CA  CB   sing N N 222 
MET CA  HA   sing N N 223 
MET C   O    doub N N 224 
MET C   OXT  sing N N 225 
MET CB  CG   sing N N 226 
MET CB  HB2  sing N N 227 
MET CB  HB3  sing N N 228 
MET CG  SD   sing N N 229 
MET CG  HG2  sing N N 230 
MET CG  HG3  sing N N 231 
MET SD  CE   sing N N 232 
MET CE  HE1  sing N N 233 
MET CE  HE2  sing N N 234 
MET CE  HE3  sing N N 235 
MET OXT HXT  sing N N 236 
PHE N   CA   sing N N 237 
PHE N   H    sing N N 238 
PHE N   H2   sing N N 239 
PHE CA  C    sing N N 240 
PHE CA  CB   sing N N 241 
PHE CA  HA   sing N N 242 
PHE C   O    doub N N 243 
PHE C   OXT  sing N N 244 
PHE CB  CG   sing N N 245 
PHE CB  HB2  sing N N 246 
PHE CB  HB3  sing N N 247 
PHE CG  CD1  doub Y N 248 
PHE CG  CD2  sing Y N 249 
PHE CD1 CE1  sing Y N 250 
PHE CD1 HD1  sing N N 251 
PHE CD2 CE2  doub Y N 252 
PHE CD2 HD2  sing N N 253 
PHE CE1 CZ   doub Y N 254 
PHE CE1 HE1  sing N N 255 
PHE CE2 CZ   sing Y N 256 
PHE CE2 HE2  sing N N 257 
PHE CZ  HZ   sing N N 258 
PHE OXT HXT  sing N N 259 
PRO N   CA   sing N N 260 
PRO N   CD   sing N N 261 
PRO N   H    sing N N 262 
PRO CA  C    sing N N 263 
PRO CA  CB   sing N N 264 
PRO CA  HA   sing N N 265 
PRO C   O    doub N N 266 
PRO C   OXT  sing N N 267 
PRO CB  CG   sing N N 268 
PRO CB  HB2  sing N N 269 
PRO CB  HB3  sing N N 270 
PRO CG  CD   sing N N 271 
PRO CG  HG2  sing N N 272 
PRO CG  HG3  sing N N 273 
PRO CD  HD2  sing N N 274 
PRO CD  HD3  sing N N 275 
PRO OXT HXT  sing N N 276 
SER N   CA   sing N N 277 
SER N   H    sing N N 278 
SER N   H2   sing N N 279 
SER CA  C    sing N N 280 
SER CA  CB   sing N N 281 
SER CA  HA   sing N N 282 
SER C   O    doub N N 283 
SER C   OXT  sing N N 284 
SER CB  OG   sing N N 285 
SER CB  HB2  sing N N 286 
SER CB  HB3  sing N N 287 
SER OG  HG   sing N N 288 
SER OXT HXT  sing N N 289 
THR N   CA   sing N N 290 
THR N   H    sing N N 291 
THR N   H2   sing N N 292 
THR CA  C    sing N N 293 
THR CA  CB   sing N N 294 
THR CA  HA   sing N N 295 
THR C   O    doub N N 296 
THR C   OXT  sing N N 297 
THR CB  OG1  sing N N 298 
THR CB  CG2  sing N N 299 
THR CB  HB   sing N N 300 
THR OG1 HG1  sing N N 301 
THR CG2 HG21 sing N N 302 
THR CG2 HG22 sing N N 303 
THR CG2 HG23 sing N N 304 
THR OXT HXT  sing N N 305 
TRP N   CA   sing N N 306 
TRP N   H    sing N N 307 
TRP N   H2   sing N N 308 
TRP CA  C    sing N N 309 
TRP CA  CB   sing N N 310 
TRP CA  HA   sing N N 311 
TRP C   O    doub N N 312 
TRP C   OXT  sing N N 313 
TRP CB  CG   sing N N 314 
TRP CB  HB2  sing N N 315 
TRP CB  HB3  sing N N 316 
TRP CG  CD1  doub Y N 317 
TRP CG  CD2  sing Y N 318 
TRP CD1 NE1  sing Y N 319 
TRP CD1 HD1  sing N N 320 
TRP CD2 CE2  doub Y N 321 
TRP CD2 CE3  sing Y N 322 
TRP NE1 CE2  sing Y N 323 
TRP NE1 HE1  sing N N 324 
TRP CE2 CZ2  sing Y N 325 
TRP CE3 CZ3  doub Y N 326 
TRP CE3 HE3  sing N N 327 
TRP CZ2 CH2  doub Y N 328 
TRP CZ2 HZ2  sing N N 329 
TRP CZ3 CH2  sing Y N 330 
TRP CZ3 HZ3  sing N N 331 
TRP CH2 HH2  sing N N 332 
TRP OXT HXT  sing N N 333 
TYR N   CA   sing N N 334 
TYR N   H    sing N N 335 
TYR N   H2   sing N N 336 
TYR CA  C    sing N N 337 
TYR CA  CB   sing N N 338 
TYR CA  HA   sing N N 339 
TYR C   O    doub N N 340 
TYR C   OXT  sing N N 341 
TYR CB  CG   sing N N 342 
TYR CB  HB2  sing N N 343 
TYR CB  HB3  sing N N 344 
TYR CG  CD1  doub Y N 345 
TYR CG  CD2  sing Y N 346 
TYR CD1 CE1  sing Y N 347 
TYR CD1 HD1  sing N N 348 
TYR CD2 CE2  doub Y N 349 
TYR CD2 HD2  sing N N 350 
TYR CE1 CZ   doub Y N 351 
TYR CE1 HE1  sing N N 352 
TYR CE2 CZ   sing Y N 353 
TYR CE2 HE2  sing N N 354 
TYR CZ  OH   sing N N 355 
TYR OH  HH   sing N N 356 
TYR OXT HXT  sing N N 357 
VAL N   CA   sing N N 358 
VAL N   H    sing N N 359 
VAL N   H2   sing N N 360 
VAL CA  C    sing N N 361 
VAL CA  CB   sing N N 362 
VAL CA  HA   sing N N 363 
VAL C   O    doub N N 364 
VAL C   OXT  sing N N 365 
VAL CB  CG1  sing N N 366 
VAL CB  CG2  sing N N 367 
VAL CB  HB   sing N N 368 
VAL CG1 HG11 sing N N 369 
VAL CG1 HG12 sing N N 370 
VAL CG1 HG13 sing N N 371 
VAL CG2 HG21 sing N N 372 
VAL CG2 HG22 sing N N 373 
VAL CG2 HG23 sing N N 374 
VAL OXT HXT  sing N N 375 
# 
_pdbx_audit_support.funding_organization   'Japan Society for the Promotion of Science (JSPS)' 
_pdbx_audit_support.country                Japan 
_pdbx_audit_support.grant_number           17K07296 
_pdbx_audit_support.ordinal                1 
# 
_pdbx_entity_nonpoly.entity_id   2 
_pdbx_entity_nonpoly.name        water 
_pdbx_entity_nonpoly.comp_id     HOH 
# 
_pdbx_initial_refinement_model.id               1 
_pdbx_initial_refinement_model.entity_id_list   ? 
_pdbx_initial_refinement_model.type             'experimental model' 
_pdbx_initial_refinement_model.source_name      PDB 
_pdbx_initial_refinement_model.accession_code   1VYI 
_pdbx_initial_refinement_model.details          ? 
# 
_pdbx_struct_assembly_auth_evidence.id                     1 
_pdbx_struct_assembly_auth_evidence.assembly_id            1 
_pdbx_struct_assembly_auth_evidence.experimental_support   'gel filtration' 
_pdbx_struct_assembly_auth_evidence.details                ? 
# 
